data_2DHY
#
_entry.id   2DHY
#
_entity_poly.entity_id   1
_entity_poly.type   'polypeptide(L)'
_entity_poly.pdbx_seq_one_letter_code
;GSSGSSGRPARQVRRLEFNQAMDDFKTMFPNMDYDIIECVLRANSGAVDATIDQLLQMNLESGPSSG
;
_entity_poly.pdbx_strand_id   A
#
# COMPACT_ATOMS: atom_id res chain seq x y z
N GLY A 1 -1.93 -21.97 -39.91
CA GLY A 1 -0.62 -22.46 -40.34
C GLY A 1 0.46 -22.07 -39.32
N SER A 2 0.65 -20.77 -39.17
CA SER A 2 1.65 -20.28 -38.24
C SER A 2 3.00 -20.94 -38.52
N SER A 3 3.82 -20.23 -39.29
CA SER A 3 5.14 -20.74 -39.63
C SER A 3 6.13 -19.58 -39.74
N GLY A 4 7.32 -19.83 -39.21
CA GLY A 4 8.37 -18.81 -39.23
C GLY A 4 8.29 -17.93 -37.99
N SER A 5 7.17 -17.23 -37.87
CA SER A 5 6.97 -16.34 -36.74
C SER A 5 6.91 -17.15 -35.43
N SER A 6 7.87 -16.87 -34.57
CA SER A 6 7.95 -17.57 -33.29
C SER A 6 8.31 -16.57 -32.18
N GLY A 7 7.29 -15.87 -31.70
CA GLY A 7 7.49 -14.89 -30.64
C GLY A 7 6.95 -15.42 -29.30
N ARG A 8 7.19 -14.63 -28.27
CA ARG A 8 6.73 -15.00 -26.93
C ARG A 8 5.33 -14.43 -26.68
N PRO A 9 4.58 -15.14 -25.78
CA PRO A 9 3.24 -14.71 -25.43
C PRO A 9 3.27 -13.49 -24.52
N ALA A 10 2.40 -12.53 -24.83
CA ALA A 10 2.31 -11.31 -24.05
C ALA A 10 0.84 -10.92 -23.87
N ARG A 11 0.30 -11.31 -22.73
CA ARG A 11 -1.10 -11.02 -22.43
C ARG A 11 -1.24 -9.57 -21.95
N GLN A 12 -2.47 -9.10 -21.96
CA GLN A 12 -2.76 -7.73 -21.53
C GLN A 12 -3.95 -7.71 -20.58
N VAL A 13 -3.64 -7.67 -19.29
CA VAL A 13 -4.67 -7.65 -18.27
C VAL A 13 -4.31 -6.62 -17.20
N ARG A 14 -3.09 -6.76 -16.69
CA ARG A 14 -2.60 -5.85 -15.66
C ARG A 14 -3.72 -5.53 -14.66
N ARG A 15 -4.42 -6.58 -14.24
CA ARG A 15 -5.50 -6.43 -13.29
C ARG A 15 -5.10 -5.45 -12.19
N LEU A 16 -4.04 -5.81 -11.48
CA LEU A 16 -3.56 -4.97 -10.40
C LEU A 16 -4.61 -4.91 -9.30
N GLU A 17 -4.18 -4.42 -8.13
CA GLU A 17 -5.08 -4.31 -7.00
C GLU A 17 -4.87 -2.95 -6.31
N PHE A 18 -5.94 -2.16 -6.30
CA PHE A 18 -5.90 -0.85 -5.67
C PHE A 18 -6.86 -0.77 -4.50
N ASN A 19 -8.10 -1.19 -4.75
CA ASN A 19 -9.12 -1.17 -3.72
C ASN A 19 -8.62 -1.94 -2.49
N GLN A 20 -8.26 -3.19 -2.74
CA GLN A 20 -7.76 -4.05 -1.66
C GLN A 20 -6.58 -3.38 -0.97
N ALA A 21 -5.63 -2.93 -1.77
CA ALA A 21 -4.44 -2.28 -1.24
C ALA A 21 -4.86 -1.25 -0.19
N MET A 22 -5.66 -0.28 -0.63
CA MET A 22 -6.12 0.76 0.26
C MET A 22 -6.51 0.19 1.62
N ASP A 23 -7.33 -0.85 1.58
CA ASP A 23 -7.78 -1.51 2.80
C ASP A 23 -6.57 -1.98 3.60
N ASP A 24 -5.70 -2.73 2.92
CA ASP A 24 -4.51 -3.25 3.55
C ASP A 24 -3.78 -2.11 4.28
N PHE A 25 -3.57 -1.02 3.55
CA PHE A 25 -2.89 0.13 4.11
C PHE A 25 -3.69 0.73 5.28
N LYS A 26 -5.01 0.72 5.11
CA LYS A 26 -5.90 1.25 6.13
C LYS A 26 -5.67 0.49 7.44
N THR A 27 -5.47 -0.81 7.31
CA THR A 27 -5.23 -1.67 8.46
C THR A 27 -3.77 -1.59 8.90
N MET A 28 -2.89 -1.50 7.90
CA MET A 28 -1.47 -1.42 8.16
C MET A 28 -1.12 -0.13 8.91
N PHE A 29 -1.63 0.98 8.39
CA PHE A 29 -1.39 2.27 8.99
C PHE A 29 -2.69 3.05 9.19
N PRO A 30 -3.19 3.03 10.45
CA PRO A 30 -4.43 3.72 10.78
C PRO A 30 -4.19 5.24 10.86
N ASN A 31 -3.03 5.60 11.37
CA ASN A 31 -2.67 7.00 11.49
C ASN A 31 -2.63 7.65 10.11
N MET A 32 -2.30 6.83 9.12
CA MET A 32 -2.22 7.30 7.75
C MET A 32 -3.56 7.86 7.28
N ASP A 33 -3.48 8.75 6.31
CA ASP A 33 -4.68 9.37 5.76
C ASP A 33 -4.95 8.81 4.36
N TYR A 34 -6.22 8.51 4.11
CA TYR A 34 -6.62 7.97 2.83
C TYR A 34 -5.97 8.74 1.68
N ASP A 35 -5.77 10.03 1.91
CA ASP A 35 -5.15 10.88 0.91
C ASP A 35 -3.66 10.55 0.81
N ILE A 36 -3.06 10.34 1.96
CA ILE A 36 -1.64 10.01 2.01
C ILE A 36 -1.41 8.65 1.36
N ILE A 37 -2.06 7.64 1.93
CA ILE A 37 -1.93 6.29 1.42
C ILE A 37 -1.93 6.32 -0.10
N GLU A 38 -3.06 6.75 -0.65
CA GLU A 38 -3.21 6.84 -2.10
C GLU A 38 -2.08 7.68 -2.70
N CYS A 39 -1.84 8.83 -2.08
CA CYS A 39 -0.79 9.73 -2.53
C CYS A 39 0.44 8.88 -2.88
N VAL A 40 0.83 8.03 -1.94
CA VAL A 40 1.98 7.18 -2.14
C VAL A 40 1.72 6.24 -3.31
N LEU A 41 0.55 5.60 -3.27
CA LEU A 41 0.17 4.67 -4.32
C LEU A 41 0.48 5.30 -5.69
N ARG A 42 0.02 6.52 -5.86
CA ARG A 42 0.25 7.24 -7.11
C ARG A 42 1.69 7.73 -7.18
N ALA A 43 2.11 8.37 -6.11
CA ALA A 43 3.46 8.91 -6.03
C ALA A 43 4.45 7.83 -6.47
N ASN A 44 4.18 6.60 -6.03
CA ASN A 44 5.04 5.48 -6.37
C ASN A 44 4.57 4.88 -7.70
N SER A 45 3.30 5.09 -8.00
CA SER A 45 2.73 4.58 -9.23
C SER A 45 2.35 3.11 -9.06
N GLY A 46 1.21 2.91 -8.40
CA GLY A 46 0.72 1.56 -8.16
C GLY A 46 1.87 0.60 -7.85
N ALA A 47 2.18 0.49 -6.56
CA ALA A 47 3.26 -0.39 -6.12
C ALA A 47 3.18 -0.55 -4.61
N VAL A 48 2.52 -1.64 -4.20
CA VAL A 48 2.37 -1.93 -2.79
C VAL A 48 3.74 -2.12 -2.16
N ASP A 49 4.51 -3.03 -2.74
CA ASP A 49 5.85 -3.32 -2.25
C ASP A 49 6.54 -2.00 -1.86
N ALA A 50 6.29 -0.99 -2.68
CA ALA A 50 6.88 0.32 -2.44
C ALA A 50 6.01 1.10 -1.45
N THR A 51 4.77 1.35 -1.87
CA THR A 51 3.84 2.07 -1.04
C THR A 51 3.97 1.64 0.42
N ILE A 52 4.39 0.39 0.61
CA ILE A 52 4.57 -0.15 1.94
C ILE A 52 5.77 0.54 2.61
N ASP A 53 6.95 0.18 2.12
CA ASP A 53 8.18 0.74 2.66
C ASP A 53 7.97 2.24 2.92
N GLN A 54 7.23 2.87 2.04
CA GLN A 54 6.94 4.29 2.16
C GLN A 54 6.30 4.58 3.53
N LEU A 55 5.06 4.16 3.66
CA LEU A 55 4.33 4.36 4.90
C LEU A 55 5.12 3.75 6.06
N LEU A 56 5.73 2.60 5.78
CA LEU A 56 6.51 1.91 6.79
C LEU A 56 7.40 2.91 7.52
N GLN A 57 8.36 3.44 6.77
CA GLN A 57 9.29 4.41 7.34
C GLN A 57 8.53 5.57 7.97
N MET A 58 7.65 6.18 7.18
CA MET A 58 6.85 7.29 7.66
C MET A 58 6.38 7.06 9.09
N ASN A 59 5.80 5.89 9.31
CA ASN A 59 5.30 5.54 10.63
C ASN A 59 6.48 5.42 11.59
N LEU A 60 7.55 4.82 11.10
CA LEU A 60 8.75 4.64 11.91
C LEU A 60 9.23 6.01 12.41
N GLU A 61 9.66 6.83 11.46
CA GLU A 61 10.15 8.16 11.79
C GLU A 61 11.49 8.07 12.52
N SER A 62 12.38 8.99 12.19
CA SER A 62 13.70 9.03 12.80
C SER A 62 13.59 8.71 14.30
N GLY A 63 14.00 7.51 14.65
CA GLY A 63 13.96 7.07 16.03
C GLY A 63 14.76 5.79 16.24
N PRO A 64 14.26 4.94 17.17
CA PRO A 64 14.93 3.67 17.47
C PRO A 64 14.68 2.66 16.36
N SER A 65 15.59 1.69 16.28
CA SER A 65 15.48 0.65 15.27
C SER A 65 14.67 -0.52 15.80
N SER A 66 15.15 -1.09 16.90
CA SER A 66 14.47 -2.22 17.52
C SER A 66 14.48 -3.42 16.58
N GLY A 67 14.57 -4.60 17.17
CA GLY A 67 14.58 -5.82 16.40
C GLY A 67 15.41 -6.90 17.10
N GLY A 1 -4.58 -29.28 -2.90
CA GLY A 1 -5.33 -30.13 -3.81
C GLY A 1 -6.79 -30.23 -3.39
N SER A 2 -7.50 -31.15 -4.04
CA SER A 2 -8.91 -31.36 -3.75
C SER A 2 -9.64 -30.01 -3.63
N SER A 3 -10.13 -29.54 -4.77
CA SER A 3 -10.84 -28.27 -4.81
C SER A 3 -9.95 -27.16 -4.23
N GLY A 4 -10.41 -25.93 -4.43
CA GLY A 4 -9.67 -24.77 -3.95
C GLY A 4 -10.52 -23.95 -2.99
N SER A 5 -10.13 -24.00 -1.72
CA SER A 5 -10.85 -23.26 -0.70
C SER A 5 -9.87 -22.36 0.08
N SER A 6 -9.88 -21.09 -0.29
CA SER A 6 -9.01 -20.12 0.35
C SER A 6 -7.55 -20.42 0.01
N GLY A 7 -6.79 -19.34 -0.16
CA GLY A 7 -5.37 -19.47 -0.49
C GLY A 7 -5.06 -18.78 -1.82
N ARG A 8 -5.30 -17.49 -1.85
CA ARG A 8 -5.05 -16.69 -3.05
C ARG A 8 -4.13 -15.51 -2.72
N PRO A 9 -3.41 -15.03 -3.76
CA PRO A 9 -2.52 -13.91 -3.60
C PRO A 9 -3.29 -12.59 -3.49
N ALA A 10 -2.56 -11.55 -3.10
CA ALA A 10 -3.17 -10.23 -2.95
C ALA A 10 -2.07 -9.18 -2.91
N ARG A 11 -1.27 -9.15 -3.96
CA ARG A 11 -0.18 -8.19 -4.05
C ARG A 11 0.12 -7.87 -5.52
N GLN A 12 0.70 -6.69 -5.72
CA GLN A 12 1.04 -6.26 -7.07
C GLN A 12 -0.06 -6.64 -8.05
N VAL A 13 -1.30 -6.42 -7.61
CA VAL A 13 -2.44 -6.74 -8.45
C VAL A 13 -2.42 -5.86 -9.71
N ARG A 14 -3.05 -6.37 -10.75
CA ARG A 14 -3.10 -5.65 -12.01
C ARG A 14 -4.53 -5.68 -12.57
N ARG A 15 -4.94 -4.54 -13.11
CA ARG A 15 -6.27 -4.42 -13.68
C ARG A 15 -7.31 -4.23 -12.57
N LEU A 16 -8.40 -3.56 -12.94
CA LEU A 16 -9.47 -3.30 -11.99
C LEU A 16 -8.99 -2.30 -10.95
N GLU A 17 -9.95 -1.77 -10.19
CA GLU A 17 -9.64 -0.79 -9.17
C GLU A 17 -8.72 -1.41 -8.11
N PHE A 18 -8.22 -0.56 -7.23
CA PHE A 18 -7.33 -1.00 -6.18
C PHE A 18 -7.91 -0.69 -4.79
N ASN A 19 -9.14 -1.15 -4.59
CA ASN A 19 -9.82 -0.94 -3.32
C ASN A 19 -9.19 -1.84 -2.25
N GLN A 20 -9.13 -3.12 -2.56
CA GLN A 20 -8.56 -4.09 -1.64
C GLN A 20 -7.25 -3.57 -1.06
N ALA A 21 -6.31 -3.28 -1.96
CA ALA A 21 -5.01 -2.78 -1.55
C ALA A 21 -5.20 -1.70 -0.48
N MET A 22 -5.96 -0.67 -0.86
CA MET A 22 -6.22 0.43 0.05
C MET A 22 -6.75 -0.08 1.39
N ASP A 23 -7.40 -1.24 1.34
CA ASP A 23 -7.96 -1.85 2.53
C ASP A 23 -6.82 -2.36 3.41
N ASP A 24 -5.78 -2.86 2.76
CA ASP A 24 -4.63 -3.39 3.46
C ASP A 24 -3.92 -2.25 4.21
N PHE A 25 -3.64 -1.20 3.46
CA PHE A 25 -2.97 -0.04 4.03
C PHE A 25 -3.74 0.50 5.24
N LYS A 26 -5.05 0.65 5.04
CA LYS A 26 -5.91 1.16 6.10
C LYS A 26 -5.62 0.38 7.40
N THR A 27 -5.66 -0.93 7.28
CA THR A 27 -5.41 -1.80 8.42
C THR A 27 -3.95 -1.68 8.87
N MET A 28 -3.08 -1.55 7.88
CA MET A 28 -1.65 -1.43 8.16
C MET A 28 -1.35 -0.14 8.93
N PHE A 29 -1.90 0.95 8.44
CA PHE A 29 -1.70 2.24 9.08
C PHE A 29 -3.02 2.96 9.28
N PRO A 30 -3.53 2.90 10.54
CA PRO A 30 -4.79 3.54 10.88
C PRO A 30 -4.62 5.07 10.99
N ASN A 31 -3.46 5.46 11.50
CA ASN A 31 -3.16 6.87 11.65
C ASN A 31 -3.02 7.52 10.28
N MET A 32 -2.56 6.73 9.33
CA MET A 32 -2.40 7.21 7.97
C MET A 32 -3.70 7.78 7.42
N ASP A 33 -3.56 8.70 6.46
CA ASP A 33 -4.72 9.32 5.85
C ASP A 33 -4.96 8.71 4.47
N TYR A 34 -6.20 8.36 4.22
CA TYR A 34 -6.58 7.76 2.95
C TYR A 34 -5.94 8.53 1.79
N ASP A 35 -5.75 9.82 2.00
CA ASP A 35 -5.15 10.66 0.98
C ASP A 35 -3.65 10.37 0.88
N ILE A 36 -3.04 10.19 2.05
CA ILE A 36 -1.62 9.91 2.10
C ILE A 36 -1.36 8.52 1.53
N ILE A 37 -2.08 7.54 2.06
CA ILE A 37 -1.93 6.17 1.61
C ILE A 37 -1.94 6.14 0.08
N GLU A 38 -2.95 6.79 -0.48
CA GLU A 38 -3.08 6.85 -1.93
C GLU A 38 -1.94 7.66 -2.54
N CYS A 39 -1.72 8.84 -1.95
CA CYS A 39 -0.68 9.73 -2.42
C CYS A 39 0.57 8.89 -2.71
N VAL A 40 0.87 8.00 -1.78
CA VAL A 40 2.03 7.14 -1.91
C VAL A 40 1.85 6.24 -3.14
N LEU A 41 0.70 5.60 -3.20
CA LEU A 41 0.38 4.71 -4.30
C LEU A 41 0.80 5.38 -5.62
N ARG A 42 0.32 6.61 -5.78
CA ARG A 42 0.62 7.36 -6.99
C ARG A 42 2.07 7.86 -6.96
N ALA A 43 2.43 8.46 -5.83
CA ALA A 43 3.77 8.98 -5.66
C ALA A 43 4.78 7.91 -6.06
N ASN A 44 4.40 6.67 -5.86
CA ASN A 44 5.27 5.55 -6.21
C ASN A 44 4.90 5.04 -7.61
N SER A 45 3.65 5.27 -7.97
CA SER A 45 3.16 4.84 -9.27
C SER A 45 2.69 3.39 -9.20
N GLY A 46 1.45 3.23 -8.74
CA GLY A 46 0.86 1.91 -8.63
C GLY A 46 1.91 0.88 -8.16
N ALA A 47 2.15 0.88 -6.86
CA ALA A 47 3.12 -0.03 -6.28
C ALA A 47 2.84 -0.17 -4.78
N VAL A 48 2.16 -1.24 -4.42
CA VAL A 48 1.84 -1.51 -3.03
C VAL A 48 3.11 -1.88 -2.28
N ASP A 49 3.73 -2.96 -2.71
CA ASP A 49 4.95 -3.44 -2.08
C ASP A 49 5.85 -2.24 -1.78
N ALA A 50 5.89 -1.32 -2.72
CA ALA A 50 6.71 -0.13 -2.56
C ALA A 50 5.99 0.88 -1.67
N THR A 51 4.78 1.24 -2.10
CA THR A 51 3.98 2.19 -1.34
C THR A 51 3.99 1.83 0.15
N ILE A 52 4.21 0.56 0.42
CA ILE A 52 4.26 0.08 1.79
C ILE A 52 5.52 0.61 2.48
N ASP A 53 6.66 0.16 1.99
CA ASP A 53 7.93 0.60 2.54
C ASP A 53 7.86 2.09 2.86
N GLN A 54 7.13 2.81 2.03
CA GLN A 54 6.98 4.24 2.22
C GLN A 54 6.34 4.53 3.57
N LEU A 55 5.05 4.22 3.66
CA LEU A 55 4.31 4.44 4.89
C LEU A 55 5.11 3.88 6.07
N LEU A 56 5.74 2.74 5.83
CA LEU A 56 6.54 2.08 6.86
C LEU A 56 7.46 3.12 7.51
N GLN A 57 8.38 3.63 6.70
CA GLN A 57 9.33 4.61 7.17
C GLN A 57 8.60 5.82 7.76
N MET A 58 7.71 6.38 6.96
CA MET A 58 6.93 7.54 7.39
C MET A 58 6.52 7.40 8.86
N ASN A 59 5.97 6.24 9.17
CA ASN A 59 5.51 5.97 10.53
C ASN A 59 6.73 5.91 11.46
N LEU A 60 7.78 5.26 10.98
CA LEU A 60 9.00 5.13 11.75
C LEU A 60 9.47 6.51 12.19
N GLU A 61 9.87 7.31 11.21
CA GLU A 61 10.34 8.66 11.49
C GLU A 61 11.63 8.61 12.31
N SER A 62 12.71 8.26 11.63
CA SER A 62 14.01 8.17 12.27
C SER A 62 15.13 8.09 11.22
N GLY A 63 15.02 7.06 10.39
CA GLY A 63 16.00 6.85 9.34
C GLY A 63 16.25 5.36 9.11
N PRO A 64 17.49 5.05 8.62
CA PRO A 64 17.86 3.67 8.35
C PRO A 64 18.15 2.91 9.65
N SER A 65 17.06 2.55 10.33
CA SER A 65 17.19 1.83 11.59
C SER A 65 16.88 0.34 11.37
N SER A 66 15.68 0.10 10.88
CA SER A 66 15.24 -1.27 10.63
C SER A 66 14.61 -1.37 9.23
N GLY A 67 14.54 -2.58 8.73
CA GLY A 67 13.96 -2.83 7.42
C GLY A 67 13.14 -4.11 7.41
N GLY A 1 -11.15 -16.01 20.66
CA GLY A 1 -11.25 -17.06 19.68
C GLY A 1 -10.31 -16.79 18.49
N SER A 2 -9.10 -17.33 18.60
CA SER A 2 -8.11 -17.16 17.55
C SER A 2 -8.45 -18.06 16.36
N SER A 3 -8.64 -17.43 15.21
CA SER A 3 -8.96 -18.15 13.99
C SER A 3 -7.75 -18.20 13.08
N GLY A 4 -7.54 -19.37 12.47
CA GLY A 4 -6.43 -19.54 11.56
C GLY A 4 -6.80 -19.13 10.13
N SER A 5 -5.99 -19.57 9.19
CA SER A 5 -6.22 -19.26 7.79
C SER A 5 -5.26 -20.06 6.90
N SER A 6 -3.97 -19.83 7.14
CA SER A 6 -2.95 -20.51 6.37
C SER A 6 -3.08 -20.16 4.90
N GLY A 7 -2.04 -19.51 4.38
CA GLY A 7 -2.03 -19.11 2.98
C GLY A 7 -0.59 -19.02 2.45
N ARG A 8 -0.43 -18.26 1.38
CA ARG A 8 0.87 -18.09 0.77
C ARG A 8 0.90 -16.80 -0.06
N PRO A 9 2.14 -16.28 -0.27
CA PRO A 9 2.33 -15.06 -1.03
C PRO A 9 2.13 -15.31 -2.52
N ALA A 10 1.41 -14.40 -3.16
CA ALA A 10 1.15 -14.51 -4.58
C ALA A 10 2.04 -13.53 -5.34
N ARG A 11 3.06 -14.07 -5.98
CA ARG A 11 3.99 -13.26 -6.74
C ARG A 11 3.39 -12.88 -8.10
N GLN A 12 3.06 -13.91 -8.86
CA GLN A 12 2.47 -13.71 -10.18
C GLN A 12 1.29 -12.76 -10.09
N VAL A 13 1.42 -11.63 -10.78
CA VAL A 13 0.38 -10.62 -10.79
C VAL A 13 0.05 -10.22 -9.36
N ARG A 14 0.66 -9.12 -8.92
CA ARG A 14 0.44 -8.62 -7.58
C ARG A 14 -0.88 -7.84 -7.51
N ARG A 15 -1.03 -6.91 -8.43
CA ARG A 15 -2.23 -6.10 -8.48
C ARG A 15 -3.47 -6.99 -8.51
N LEU A 16 -4.48 -6.57 -7.77
CA LEU A 16 -5.73 -7.32 -7.70
C LEU A 16 -6.90 -6.34 -7.67
N GLU A 17 -7.05 -5.67 -6.54
CA GLU A 17 -8.12 -4.71 -6.37
C GLU A 17 -7.61 -3.46 -5.66
N PHE A 18 -8.08 -2.31 -6.13
CA PHE A 18 -7.68 -1.05 -5.54
C PHE A 18 -8.32 -0.85 -4.16
N ASN A 19 -9.64 -0.87 -4.16
CA ASN A 19 -10.39 -0.69 -2.92
C ASN A 19 -9.77 -1.58 -1.83
N GLN A 20 -9.60 -2.85 -2.17
CA GLN A 20 -9.02 -3.79 -1.22
C GLN A 20 -7.66 -3.29 -0.74
N ALA A 21 -6.81 -2.97 -1.70
CA ALA A 21 -5.48 -2.48 -1.39
C ALA A 21 -5.57 -1.48 -0.23
N MET A 22 -6.36 -0.44 -0.44
CA MET A 22 -6.53 0.59 0.57
C MET A 22 -6.81 -0.04 1.94
N ASP A 23 -7.75 -0.98 1.94
CA ASP A 23 -8.13 -1.65 3.16
C ASP A 23 -6.88 -2.21 3.85
N ASP A 24 -5.98 -2.72 3.02
CA ASP A 24 -4.74 -3.28 3.53
C ASP A 24 -3.97 -2.19 4.27
N PHE A 25 -3.75 -1.08 3.58
CA PHE A 25 -3.02 0.04 4.18
C PHE A 25 -3.78 0.61 5.37
N LYS A 26 -5.09 0.71 5.21
CA LYS A 26 -5.94 1.24 6.27
C LYS A 26 -5.70 0.45 7.55
N THR A 27 -5.51 -0.85 7.40
CA THR A 27 -5.27 -1.73 8.52
C THR A 27 -3.79 -1.67 8.93
N MET A 28 -2.94 -1.58 7.93
CA MET A 28 -1.50 -1.52 8.18
C MET A 28 -1.13 -0.24 8.92
N PHE A 29 -1.65 0.87 8.43
CA PHE A 29 -1.38 2.16 9.03
C PHE A 29 -2.67 2.96 9.23
N PRO A 30 -3.17 2.94 10.49
CA PRO A 30 -4.39 3.66 10.82
C PRO A 30 -4.14 5.16 10.90
N ASN A 31 -2.97 5.51 11.41
CA ASN A 31 -2.60 6.91 11.54
C ASN A 31 -2.56 7.55 10.16
N MET A 32 -2.35 6.73 9.15
CA MET A 32 -2.29 7.20 7.78
C MET A 32 -3.65 7.71 7.32
N ASP A 33 -3.63 8.47 6.23
CA ASP A 33 -4.85 9.03 5.67
C ASP A 33 -5.05 8.50 4.25
N TYR A 34 -6.29 8.16 3.95
CA TYR A 34 -6.63 7.65 2.64
C TYR A 34 -5.99 8.50 1.53
N ASP A 35 -5.85 9.77 1.83
CA ASP A 35 -5.25 10.70 0.88
C ASP A 35 -3.74 10.49 0.84
N ILE A 36 -3.19 10.19 2.01
CA ILE A 36 -1.76 9.97 2.12
C ILE A 36 -1.40 8.62 1.50
N ILE A 37 -2.13 7.60 1.92
CA ILE A 37 -1.91 6.25 1.41
C ILE A 37 -1.87 6.29 -0.12
N GLU A 38 -2.95 6.80 -0.70
CA GLU A 38 -3.05 6.89 -2.14
C GLU A 38 -1.90 7.75 -2.70
N CYS A 39 -1.66 8.86 -2.03
CA CYS A 39 -0.61 9.77 -2.44
C CYS A 39 0.62 8.93 -2.80
N VAL A 40 1.02 8.08 -1.87
CA VAL A 40 2.17 7.23 -2.07
C VAL A 40 1.92 6.32 -3.28
N LEU A 41 0.75 5.69 -3.27
CA LEU A 41 0.39 4.79 -4.36
C LEU A 41 0.70 5.47 -5.69
N ARG A 42 0.19 6.69 -5.84
CA ARG A 42 0.40 7.44 -7.07
C ARG A 42 1.85 7.94 -7.14
N ALA A 43 2.34 8.41 -6.00
CA ALA A 43 3.69 8.92 -5.92
C ALA A 43 4.67 7.83 -6.35
N ASN A 44 4.25 6.58 -6.13
CA ASN A 44 5.08 5.45 -6.50
C ASN A 44 4.56 4.85 -7.82
N SER A 45 3.34 5.23 -8.16
CA SER A 45 2.73 4.74 -9.39
C SER A 45 2.38 3.26 -9.26
N GLY A 46 1.19 3.01 -8.71
CA GLY A 46 0.74 1.65 -8.52
C GLY A 46 1.89 0.73 -8.11
N ALA A 47 2.19 0.76 -6.83
CA ALA A 47 3.27 -0.07 -6.30
C ALA A 47 3.07 -0.24 -4.79
N VAL A 48 2.46 -1.36 -4.43
CA VAL A 48 2.22 -1.66 -3.03
C VAL A 48 3.54 -1.90 -2.31
N ASP A 49 4.24 -2.94 -2.77
CA ASP A 49 5.52 -3.29 -2.19
C ASP A 49 6.31 -2.02 -1.89
N ALA A 50 6.13 -1.04 -2.76
CA ALA A 50 6.82 0.24 -2.59
C ALA A 50 6.02 1.12 -1.64
N THR A 51 4.77 1.34 -1.99
CA THR A 51 3.90 2.17 -1.18
C THR A 51 3.96 1.73 0.29
N ILE A 52 4.35 0.48 0.48
CA ILE A 52 4.46 -0.07 1.83
C ILE A 52 5.69 0.54 2.51
N ASP A 53 6.86 0.16 2.01
CA ASP A 53 8.11 0.66 2.56
C ASP A 53 7.96 2.14 2.89
N GLN A 54 7.32 2.86 1.97
CA GLN A 54 7.11 4.28 2.15
C GLN A 54 6.44 4.56 3.50
N LEU A 55 5.18 4.17 3.59
CA LEU A 55 4.42 4.37 4.81
C LEU A 55 5.18 3.75 5.98
N LEU A 56 5.83 2.63 5.72
CA LEU A 56 6.60 1.94 6.73
C LEU A 56 7.48 2.94 7.47
N GLN A 57 8.38 3.57 6.72
CA GLN A 57 9.28 4.55 7.29
C GLN A 57 8.50 5.68 7.94
N MET A 58 7.61 6.28 7.15
CA MET A 58 6.79 7.38 7.64
C MET A 58 6.30 7.10 9.06
N ASN A 59 5.89 5.86 9.28
CA ASN A 59 5.39 5.46 10.58
C ASN A 59 6.53 5.52 11.60
N LEU A 60 7.67 5.00 11.18
CA LEU A 60 8.85 4.98 12.04
C LEU A 60 9.16 6.41 12.50
N GLU A 61 9.38 7.28 11.52
CA GLU A 61 9.69 8.67 11.81
C GLU A 61 11.02 8.78 12.55
N SER A 62 11.81 9.78 12.17
CA SER A 62 13.09 10.01 12.79
C SER A 62 12.91 10.48 14.23
N GLY A 63 13.02 9.55 15.15
CA GLY A 63 12.88 9.86 16.56
C GLY A 63 13.05 8.60 17.42
N PRO A 64 12.40 8.64 18.62
CA PRO A 64 12.49 7.51 19.53
C PRO A 64 11.62 6.34 19.06
N SER A 65 12.08 5.14 19.38
CA SER A 65 11.36 3.94 18.99
C SER A 65 10.99 3.11 20.23
N SER A 66 9.71 2.77 20.32
CA SER A 66 9.22 1.98 21.44
C SER A 66 9.48 0.50 21.19
N GLY A 67 8.93 0.00 20.10
CA GLY A 67 9.09 -1.40 19.74
C GLY A 67 8.73 -2.31 20.91
N GLY A 1 4.61 -28.09 8.99
CA GLY A 1 3.19 -27.82 8.85
C GLY A 1 2.86 -26.38 9.25
N SER A 2 3.30 -25.46 8.41
CA SER A 2 3.06 -24.04 8.65
C SER A 2 2.00 -23.51 7.70
N SER A 3 2.32 -23.60 6.41
CA SER A 3 1.41 -23.12 5.38
C SER A 3 1.98 -23.43 4.00
N GLY A 4 1.21 -24.19 3.23
CA GLY A 4 1.62 -24.56 1.89
C GLY A 4 0.76 -23.87 0.83
N SER A 5 1.42 -23.08 0.00
CA SER A 5 0.74 -22.36 -1.06
C SER A 5 -0.31 -21.42 -0.45
N SER A 6 0.05 -20.14 -0.39
CA SER A 6 -0.85 -19.15 0.17
C SER A 6 -1.81 -18.64 -0.91
N GLY A 7 -1.23 -18.15 -2.00
CA GLY A 7 -2.01 -17.64 -3.10
C GLY A 7 -1.16 -16.77 -4.03
N ARG A 8 -1.02 -15.51 -3.64
CA ARG A 8 -0.24 -14.57 -4.44
C ARG A 8 -0.81 -14.47 -5.85
N PRO A 9 -0.44 -13.35 -6.53
CA PRO A 9 -0.90 -13.10 -7.88
C PRO A 9 -0.17 -14.00 -8.88
N ALA A 10 -0.57 -15.27 -8.91
CA ALA A 10 0.04 -16.23 -9.81
C ALA A 10 -0.10 -15.73 -11.25
N ARG A 11 -1.35 -15.59 -11.67
CA ARG A 11 -1.63 -15.12 -13.02
C ARG A 11 -2.65 -13.99 -12.99
N GLN A 12 -2.28 -12.89 -13.63
CA GLN A 12 -3.14 -11.72 -13.68
C GLN A 12 -3.03 -11.04 -15.05
N VAL A 13 -4.02 -10.20 -15.33
CA VAL A 13 -4.05 -9.49 -16.60
C VAL A 13 -4.79 -8.17 -16.41
N ARG A 14 -5.94 -8.26 -15.76
CA ARG A 14 -6.76 -7.08 -15.51
C ARG A 14 -6.25 -6.35 -14.27
N ARG A 15 -6.25 -5.02 -14.37
CA ARG A 15 -5.80 -4.18 -13.26
C ARG A 15 -6.98 -3.80 -12.38
N LEU A 16 -7.94 -3.13 -12.99
CA LEU A 16 -9.13 -2.70 -12.26
C LEU A 16 -8.71 -1.80 -11.09
N GLU A 17 -9.70 -1.22 -10.45
CA GLU A 17 -9.45 -0.33 -9.32
C GLU A 17 -8.71 -1.09 -8.21
N PHE A 18 -8.02 -0.32 -7.38
CA PHE A 18 -7.27 -0.90 -6.28
C PHE A 18 -7.86 -0.49 -4.93
N ASN A 19 -9.13 -0.82 -4.75
CA ASN A 19 -9.82 -0.49 -3.52
C ASN A 19 -9.28 -1.36 -2.39
N GLN A 20 -9.39 -2.67 -2.57
CA GLN A 20 -8.92 -3.61 -1.58
C GLN A 20 -7.58 -3.15 -1.00
N ALA A 21 -6.66 -2.84 -1.91
CA ALA A 21 -5.34 -2.37 -1.51
C ALA A 21 -5.48 -1.40 -0.34
N MET A 22 -6.30 -0.39 -0.56
CA MET A 22 -6.53 0.63 0.46
C MET A 22 -6.82 -0.02 1.81
N ASP A 23 -7.73 -0.97 1.79
CA ASP A 23 -8.11 -1.68 3.00
C ASP A 23 -6.85 -2.15 3.74
N ASP A 24 -5.95 -2.76 2.97
CA ASP A 24 -4.72 -3.25 3.54
C ASP A 24 -4.02 -2.13 4.30
N PHE A 25 -3.76 -1.04 3.58
CA PHE A 25 -3.10 0.12 4.18
C PHE A 25 -3.91 0.65 5.36
N LYS A 26 -5.22 0.66 5.19
CA LYS A 26 -6.11 1.14 6.22
C LYS A 26 -5.83 0.39 7.52
N THR A 27 -5.54 -0.89 7.38
CA THR A 27 -5.25 -1.73 8.52
C THR A 27 -3.78 -1.59 8.94
N MET A 28 -2.92 -1.48 7.93
CA MET A 28 -1.50 -1.34 8.18
C MET A 28 -1.20 -0.02 8.89
N PHE A 29 -1.78 1.05 8.37
CA PHE A 29 -1.58 2.37 8.94
C PHE A 29 -2.92 3.09 9.13
N PRO A 30 -3.41 3.07 10.40
CA PRO A 30 -4.68 3.72 10.73
C PRO A 30 -4.52 5.23 10.78
N ASN A 31 -3.36 5.67 11.27
CA ASN A 31 -3.07 7.08 11.37
C ASN A 31 -3.05 7.70 9.97
N MET A 32 -2.74 6.86 8.99
CA MET A 32 -2.69 7.30 7.61
C MET A 32 -4.07 7.74 7.13
N ASP A 33 -4.06 8.50 6.04
CA ASP A 33 -5.30 8.99 5.45
C ASP A 33 -5.45 8.44 4.03
N TYR A 34 -6.68 8.09 3.70
CA TYR A 34 -6.97 7.55 2.38
C TYR A 34 -6.33 8.40 1.29
N ASP A 35 -6.22 9.69 1.57
CA ASP A 35 -5.64 10.62 0.61
C ASP A 35 -4.11 10.45 0.62
N ILE A 36 -3.58 10.23 1.81
CA ILE A 36 -2.15 10.04 1.98
C ILE A 36 -1.73 8.71 1.38
N ILE A 37 -2.39 7.66 1.86
CA ILE A 37 -2.10 6.32 1.37
C ILE A 37 -1.97 6.34 -0.15
N GLU A 38 -3.05 6.78 -0.79
CA GLU A 38 -3.09 6.84 -2.24
C GLU A 38 -1.94 7.73 -2.75
N CYS A 39 -1.77 8.86 -2.08
CA CYS A 39 -0.72 9.80 -2.45
C CYS A 39 0.54 9.00 -2.77
N VAL A 40 0.92 8.14 -1.84
CA VAL A 40 2.10 7.31 -2.02
C VAL A 40 1.91 6.41 -3.23
N LEU A 41 0.76 5.75 -3.27
CA LEU A 41 0.44 4.85 -4.37
C LEU A 41 0.74 5.56 -5.69
N ARG A 42 0.17 6.74 -5.84
CA ARG A 42 0.37 7.52 -7.05
C ARG A 42 1.80 8.07 -7.11
N ALA A 43 2.27 8.53 -5.96
CA ALA A 43 3.62 9.07 -5.87
C ALA A 43 4.62 8.02 -6.35
N ASN A 44 4.36 6.78 -5.97
CA ASN A 44 5.23 5.67 -6.36
C ASN A 44 4.74 5.09 -7.69
N SER A 45 3.51 5.45 -8.04
CA SER A 45 2.92 4.98 -9.27
C SER A 45 2.61 3.47 -9.16
N GLY A 46 1.42 3.20 -8.64
CA GLY A 46 0.98 1.82 -8.47
C GLY A 46 2.16 0.93 -8.04
N ALA A 47 2.32 0.82 -6.73
CA ALA A 47 3.39 0.00 -6.17
C ALA A 47 3.16 -0.18 -4.67
N VAL A 48 2.51 -1.29 -4.34
CA VAL A 48 2.22 -1.60 -2.96
C VAL A 48 3.52 -1.91 -2.22
N ASP A 49 4.21 -2.93 -2.71
CA ASP A 49 5.46 -3.34 -2.12
C ASP A 49 6.26 -2.10 -1.73
N ALA A 50 6.26 -1.11 -2.61
CA ALA A 50 6.97 0.12 -2.37
C ALA A 50 6.14 1.02 -1.44
N THR A 51 4.95 1.35 -1.92
CA THR A 51 4.06 2.19 -1.15
C THR A 51 4.05 1.77 0.32
N ILE A 52 4.33 0.49 0.53
CA ILE A 52 4.37 -0.05 1.88
C ILE A 52 5.58 0.50 2.62
N ASP A 53 6.75 0.05 2.18
CA ASP A 53 8.00 0.48 2.79
C ASP A 53 7.92 1.98 3.10
N GLN A 54 7.35 2.71 2.16
CA GLN A 54 7.20 4.15 2.32
C GLN A 54 6.53 4.47 3.65
N LEU A 55 5.25 4.15 3.73
CA LEU A 55 4.49 4.40 4.95
C LEU A 55 5.22 3.79 6.14
N LEU A 56 5.81 2.63 5.89
CA LEU A 56 6.54 1.92 6.93
C LEU A 56 7.51 2.89 7.61
N GLN A 57 8.52 3.29 6.86
CA GLN A 57 9.52 4.22 7.37
C GLN A 57 8.85 5.48 7.90
N MET A 58 8.01 6.07 7.06
CA MET A 58 7.30 7.28 7.43
C MET A 58 6.82 7.21 8.89
N ASN A 59 6.24 6.06 9.23
CA ASN A 59 5.74 5.86 10.58
C ASN A 59 6.92 5.65 11.54
N LEU A 60 7.92 4.94 11.04
CA LEU A 60 9.10 4.66 11.82
C LEU A 60 9.75 5.98 12.25
N GLU A 61 10.21 6.72 11.25
CA GLU A 61 10.85 8.00 11.51
C GLU A 61 9.85 8.99 12.11
N SER A 62 9.78 8.99 13.44
CA SER A 62 8.87 9.87 14.15
C SER A 62 9.11 11.31 13.71
N GLY A 63 8.01 12.05 13.61
CA GLY A 63 8.08 13.45 13.21
C GLY A 63 7.60 14.37 14.33
N PRO A 64 7.03 15.53 13.91
CA PRO A 64 6.53 16.50 14.87
C PRO A 64 5.20 16.04 15.48
N SER A 65 5.31 15.03 16.34
CA SER A 65 4.13 14.50 17.00
C SER A 65 4.51 13.91 18.35
N SER A 66 3.49 13.58 19.13
CA SER A 66 3.70 13.03 20.45
C SER A 66 3.70 11.49 20.38
N GLY A 67 2.59 10.96 19.91
CA GLY A 67 2.45 9.52 19.78
C GLY A 67 1.62 9.16 18.55
N GLY A 1 -9.46 -23.06 -19.74
CA GLY A 1 -10.28 -23.22 -18.55
C GLY A 1 -10.47 -21.89 -17.84
N SER A 2 -11.57 -21.23 -18.16
CA SER A 2 -11.89 -19.95 -17.56
C SER A 2 -13.29 -19.50 -17.97
N SER A 3 -13.48 -19.37 -19.28
CA SER A 3 -14.76 -18.94 -19.81
C SER A 3 -14.92 -19.45 -21.24
N GLY A 4 -13.98 -19.06 -22.09
CA GLY A 4 -14.00 -19.46 -23.48
C GLY A 4 -14.78 -18.47 -24.32
N SER A 5 -14.05 -17.65 -25.08
CA SER A 5 -14.66 -16.66 -25.93
C SER A 5 -13.72 -16.30 -27.09
N SER A 6 -14.19 -16.58 -28.29
CA SER A 6 -13.42 -16.29 -29.48
C SER A 6 -13.30 -14.79 -29.69
N GLY A 7 -12.08 -14.34 -29.96
CA GLY A 7 -11.83 -12.93 -30.18
C GLY A 7 -11.94 -12.14 -28.87
N ARG A 8 -10.95 -11.31 -28.63
CA ARG A 8 -10.93 -10.49 -27.42
C ARG A 8 -12.17 -9.59 -27.39
N PRO A 9 -12.47 -9.09 -26.15
CA PRO A 9 -13.61 -8.22 -25.96
C PRO A 9 -13.32 -6.82 -26.49
N ALA A 10 -14.38 -6.01 -26.55
CA ALA A 10 -14.25 -4.65 -27.04
C ALA A 10 -13.63 -3.78 -25.95
N ARG A 11 -14.33 -3.70 -24.83
CA ARG A 11 -13.85 -2.90 -23.71
C ARG A 11 -12.79 -3.67 -22.93
N GLN A 12 -11.68 -2.98 -22.67
CA GLN A 12 -10.58 -3.59 -21.94
C GLN A 12 -9.91 -2.56 -21.03
N VAL A 13 -10.22 -2.68 -19.75
CA VAL A 13 -9.65 -1.76 -18.76
C VAL A 13 -8.98 -2.57 -17.65
N ARG A 14 -7.73 -2.22 -17.37
CA ARG A 14 -6.98 -2.89 -16.34
C ARG A 14 -7.84 -3.10 -15.09
N ARG A 15 -8.42 -2.00 -14.63
CA ARG A 15 -9.27 -2.05 -13.44
C ARG A 15 -8.44 -2.34 -12.20
N LEU A 16 -7.77 -3.49 -12.22
CA LEU A 16 -6.94 -3.90 -11.10
C LEU A 16 -7.73 -3.77 -9.80
N GLU A 17 -7.07 -4.06 -8.70
CA GLU A 17 -7.70 -3.98 -7.39
C GLU A 17 -7.07 -2.85 -6.57
N PHE A 18 -7.89 -1.84 -6.30
CA PHE A 18 -7.43 -0.70 -5.53
C PHE A 18 -8.13 -0.64 -4.17
N ASN A 19 -9.46 -0.66 -4.22
CA ASN A 19 -10.25 -0.62 -3.00
C ASN A 19 -9.65 -1.56 -1.97
N GLN A 20 -9.38 -2.78 -2.41
CA GLN A 20 -8.80 -3.78 -1.54
C GLN A 20 -7.45 -3.32 -1.00
N ALA A 21 -6.63 -2.81 -1.91
CA ALA A 21 -5.31 -2.32 -1.55
C ALA A 21 -5.44 -1.34 -0.39
N MET A 22 -6.30 -0.35 -0.59
CA MET A 22 -6.52 0.66 0.43
C MET A 22 -6.83 0.03 1.78
N ASP A 23 -7.63 -1.04 1.73
CA ASP A 23 -8.00 -1.74 2.94
C ASP A 23 -6.74 -2.20 3.68
N ASP A 24 -5.86 -2.87 2.95
CA ASP A 24 -4.62 -3.34 3.52
C ASP A 24 -3.94 -2.21 4.29
N PHE A 25 -3.78 -1.08 3.60
CA PHE A 25 -3.15 0.07 4.21
C PHE A 25 -3.98 0.61 5.37
N LYS A 26 -5.29 0.60 5.18
CA LYS A 26 -6.20 1.08 6.20
C LYS A 26 -5.96 0.31 7.49
N THR A 27 -5.64 -0.97 7.34
CA THR A 27 -5.38 -1.82 8.48
C THR A 27 -3.92 -1.69 8.92
N MET A 28 -3.04 -1.59 7.93
CA MET A 28 -1.62 -1.45 8.20
C MET A 28 -1.32 -0.14 8.94
N PHE A 29 -1.89 0.94 8.42
CA PHE A 29 -1.69 2.24 9.02
C PHE A 29 -3.03 2.99 9.16
N PRO A 30 -3.56 2.97 10.41
CA PRO A 30 -4.82 3.63 10.69
C PRO A 30 -4.64 5.15 10.77
N ASN A 31 -3.50 5.56 11.29
CA ASN A 31 -3.19 6.96 11.43
C ASN A 31 -3.14 7.60 10.03
N MET A 32 -2.82 6.77 9.05
CA MET A 32 -2.74 7.24 7.67
C MET A 32 -4.10 7.72 7.18
N ASP A 33 -4.07 8.42 6.05
CA ASP A 33 -5.30 8.94 5.46
C ASP A 33 -5.44 8.40 4.04
N TYR A 34 -6.66 8.01 3.71
CA TYR A 34 -6.95 7.48 2.39
C TYR A 34 -6.30 8.32 1.30
N ASP A 35 -6.18 9.61 1.59
CA ASP A 35 -5.58 10.54 0.65
C ASP A 35 -4.06 10.37 0.66
N ILE A 36 -3.53 10.18 1.86
CA ILE A 36 -2.10 10.00 2.02
C ILE A 36 -1.68 8.66 1.42
N ILE A 37 -2.37 7.61 1.85
CA ILE A 37 -2.09 6.28 1.36
C ILE A 37 -1.99 6.31 -0.17
N GLU A 38 -3.05 6.79 -0.79
CA GLU A 38 -3.09 6.88 -2.24
C GLU A 38 -1.95 7.76 -2.75
N CYS A 39 -1.79 8.90 -2.11
CA CYS A 39 -0.74 9.84 -2.48
C CYS A 39 0.55 9.04 -2.72
N VAL A 40 0.86 8.18 -1.77
CA VAL A 40 2.06 7.36 -1.87
C VAL A 40 1.93 6.43 -3.09
N LEU A 41 0.79 5.76 -3.15
CA LEU A 41 0.52 4.84 -4.26
C LEU A 41 0.92 5.51 -5.57
N ARG A 42 0.42 6.71 -5.77
CA ARG A 42 0.70 7.47 -6.97
C ARG A 42 2.13 8.01 -6.94
N ALA A 43 2.51 8.51 -5.78
CA ALA A 43 3.85 9.06 -5.59
C ALA A 43 4.88 7.96 -5.82
N ASN A 44 4.39 6.73 -5.81
CA ASN A 44 5.27 5.58 -6.01
C ASN A 44 4.94 4.93 -7.36
N SER A 45 4.08 5.60 -8.11
CA SER A 45 3.69 5.11 -9.42
C SER A 45 3.06 3.72 -9.28
N GLY A 46 1.90 3.69 -8.63
CA GLY A 46 1.19 2.44 -8.42
C GLY A 46 2.15 1.32 -8.04
N ALA A 47 2.32 1.12 -6.74
CA ALA A 47 3.19 0.09 -6.24
C ALA A 47 2.96 -0.10 -4.74
N VAL A 48 2.21 -1.15 -4.42
CA VAL A 48 1.90 -1.45 -3.03
C VAL A 48 3.19 -1.82 -2.30
N ASP A 49 3.82 -2.87 -2.79
CA ASP A 49 5.06 -3.35 -2.18
C ASP A 49 5.92 -2.15 -1.80
N ALA A 50 5.90 -1.15 -2.66
CA ALA A 50 6.67 0.06 -2.43
C ALA A 50 5.91 0.97 -1.47
N THR A 51 4.72 1.36 -1.89
CA THR A 51 3.88 2.24 -1.08
C THR A 51 3.97 1.84 0.40
N ILE A 52 4.21 0.55 0.62
CA ILE A 52 4.32 0.04 1.97
C ILE A 52 5.63 0.53 2.60
N ASP A 53 6.72 0.06 2.02
CA ASP A 53 8.05 0.44 2.51
C ASP A 53 8.04 1.92 2.86
N GLN A 54 7.28 2.69 2.09
CA GLN A 54 7.19 4.12 2.30
C GLN A 54 6.50 4.40 3.64
N LEU A 55 5.20 4.14 3.67
CA LEU A 55 4.42 4.36 4.88
C LEU A 55 5.19 3.80 6.08
N LEU A 56 5.94 2.75 5.82
CA LEU A 56 6.72 2.11 6.88
C LEU A 56 7.68 3.13 7.49
N GLN A 57 8.66 3.52 6.68
CA GLN A 57 9.65 4.49 7.12
C GLN A 57 8.97 5.70 7.77
N MET A 58 8.15 6.37 6.98
CA MET A 58 7.43 7.53 7.45
C MET A 58 6.95 7.33 8.90
N ASN A 59 6.19 6.26 9.08
CA ASN A 59 5.67 5.94 10.41
C ASN A 59 6.84 5.69 11.36
N LEU A 60 7.84 5.00 10.86
CA LEU A 60 9.02 4.70 11.66
C LEU A 60 9.66 6.00 12.12
N GLU A 61 9.82 6.91 11.17
CA GLU A 61 10.43 8.20 11.46
C GLU A 61 9.96 8.71 12.83
N SER A 62 8.66 8.90 12.94
CA SER A 62 8.07 9.38 14.18
C SER A 62 8.42 8.43 15.33
N GLY A 63 8.08 7.16 15.13
CA GLY A 63 8.35 6.14 16.13
C GLY A 63 7.53 4.89 15.86
N PRO A 64 7.83 3.83 16.66
CA PRO A 64 7.13 2.56 16.52
C PRO A 64 5.72 2.64 17.10
N SER A 65 4.91 1.67 16.74
CA SER A 65 3.53 1.62 17.21
C SER A 65 2.97 0.20 17.07
N SER A 66 2.93 -0.50 18.19
CA SER A 66 2.42 -1.86 18.19
C SER A 66 2.25 -2.35 19.63
N GLY A 67 3.36 -2.34 20.36
CA GLY A 67 3.35 -2.78 21.75
C GLY A 67 4.73 -2.64 22.37
N GLY A 1 -20.75 -24.76 -6.55
CA GLY A 1 -19.41 -24.45 -6.05
C GLY A 1 -18.71 -23.42 -6.95
N SER A 2 -17.80 -23.92 -7.78
CA SER A 2 -17.07 -23.07 -8.69
C SER A 2 -16.33 -21.98 -7.90
N SER A 3 -15.18 -22.37 -7.37
CA SER A 3 -14.36 -21.46 -6.58
C SER A 3 -15.24 -20.71 -5.57
N GLY A 4 -15.25 -21.24 -4.35
CA GLY A 4 -16.03 -20.65 -3.28
C GLY A 4 -15.56 -21.15 -1.92
N SER A 5 -15.75 -22.44 -1.69
CA SER A 5 -15.35 -23.04 -0.43
C SER A 5 -14.10 -23.90 -0.64
N SER A 6 -14.22 -24.87 -1.53
CA SER A 6 -13.11 -25.75 -1.82
C SER A 6 -12.42 -25.32 -3.13
N GLY A 7 -11.19 -24.85 -2.97
CA GLY A 7 -10.42 -24.39 -4.12
C GLY A 7 -9.64 -23.11 -3.79
N ARG A 8 -8.37 -23.13 -4.14
CA ARG A 8 -7.51 -21.99 -3.89
C ARG A 8 -8.05 -20.75 -4.60
N PRO A 9 -7.67 -19.55 -4.07
CA PRO A 9 -8.10 -18.30 -4.65
C PRO A 9 -7.34 -17.99 -5.93
N ALA A 10 -7.73 -16.90 -6.57
CA ALA A 10 -7.09 -16.49 -7.81
C ALA A 10 -7.58 -15.09 -8.19
N ARG A 11 -6.83 -14.45 -9.08
CA ARG A 11 -7.18 -13.11 -9.53
C ARG A 11 -8.69 -13.00 -9.73
N GLN A 12 -9.23 -13.93 -10.50
CA GLN A 12 -10.66 -13.94 -10.78
C GLN A 12 -11.04 -12.73 -11.63
N VAL A 13 -10.93 -11.57 -11.03
CA VAL A 13 -11.27 -10.33 -11.72
C VAL A 13 -10.04 -9.83 -12.50
N ARG A 14 -10.20 -9.72 -13.80
CA ARG A 14 -9.13 -9.26 -14.66
C ARG A 14 -8.68 -7.85 -14.24
N ARG A 15 -9.64 -6.94 -14.25
CA ARG A 15 -9.36 -5.57 -13.87
C ARG A 15 -8.68 -5.51 -12.50
N LEU A 16 -7.57 -4.78 -12.46
CA LEU A 16 -6.83 -4.65 -11.22
C LEU A 16 -7.76 -4.18 -10.11
N GLU A 17 -7.24 -4.19 -8.90
CA GLU A 17 -8.02 -3.77 -7.74
C GLU A 17 -7.34 -2.60 -7.03
N PHE A 18 -8.08 -1.99 -6.12
CA PHE A 18 -7.56 -0.86 -5.37
C PHE A 18 -8.31 -0.68 -4.04
N ASN A 19 -9.63 -0.61 -4.16
CA ASN A 19 -10.47 -0.44 -2.99
C ASN A 19 -9.99 -1.37 -1.88
N GLN A 20 -9.67 -2.60 -2.27
CA GLN A 20 -9.19 -3.59 -1.32
C GLN A 20 -7.81 -3.18 -0.77
N ALA A 21 -6.93 -2.82 -1.70
CA ALA A 21 -5.59 -2.42 -1.34
C ALA A 21 -5.66 -1.42 -0.18
N MET A 22 -6.46 -0.38 -0.38
CA MET A 22 -6.62 0.65 0.63
C MET A 22 -6.91 0.04 2.00
N ASP A 23 -7.83 -0.92 2.00
CA ASP A 23 -8.20 -1.60 3.23
C ASP A 23 -6.93 -2.10 3.94
N ASP A 24 -6.09 -2.76 3.17
CA ASP A 24 -4.84 -3.29 3.70
C ASP A 24 -4.10 -2.18 4.43
N PHE A 25 -3.85 -1.09 3.71
CA PHE A 25 -3.14 0.04 4.28
C PHE A 25 -3.92 0.63 5.47
N LYS A 26 -5.23 0.67 5.31
CA LYS A 26 -6.09 1.21 6.36
C LYS A 26 -5.83 0.44 7.66
N THR A 27 -5.60 -0.85 7.51
CA THR A 27 -5.33 -1.71 8.67
C THR A 27 -3.86 -1.63 9.06
N MET A 28 -3.01 -1.54 8.04
CA MET A 28 -1.58 -1.45 8.27
C MET A 28 -1.21 -0.17 9.00
N PHE A 29 -1.75 0.94 8.50
CA PHE A 29 -1.48 2.24 9.09
C PHE A 29 -2.77 3.02 9.29
N PRO A 30 -3.27 3.02 10.55
CA PRO A 30 -4.50 3.73 10.87
C PRO A 30 -4.26 5.24 10.93
N ASN A 31 -3.08 5.60 11.43
CA ASN A 31 -2.72 7.00 11.55
C ASN A 31 -2.65 7.63 10.16
N MET A 32 -2.45 6.76 9.16
CA MET A 32 -2.37 7.21 7.79
C MET A 32 -3.72 7.74 7.29
N ASP A 33 -3.68 8.47 6.19
CA ASP A 33 -4.89 9.02 5.61
C ASP A 33 -5.08 8.44 4.21
N TYR A 34 -6.35 8.21 3.87
CA TYR A 34 -6.68 7.66 2.57
C TYR A 34 -6.03 8.46 1.45
N ASP A 35 -5.84 9.75 1.72
CA ASP A 35 -5.24 10.63 0.74
C ASP A 35 -3.72 10.41 0.73
N ILE A 36 -3.19 10.13 1.91
CA ILE A 36 -1.76 9.89 2.04
C ILE A 36 -1.40 8.54 1.43
N ILE A 37 -2.15 7.53 1.85
CA ILE A 37 -1.93 6.18 1.36
C ILE A 37 -1.90 6.20 -0.17
N GLU A 38 -2.97 6.73 -0.75
CA GLU A 38 -3.08 6.81 -2.20
C GLU A 38 -1.94 7.66 -2.76
N CYS A 39 -1.70 8.79 -2.09
CA CYS A 39 -0.64 9.70 -2.51
C CYS A 39 0.60 8.87 -2.85
N VAL A 40 0.98 8.03 -1.89
CA VAL A 40 2.15 7.18 -2.07
C VAL A 40 1.91 6.24 -3.27
N LEU A 41 0.75 5.60 -3.25
CA LEU A 41 0.40 4.69 -4.32
C LEU A 41 0.72 5.33 -5.68
N ARG A 42 0.22 6.54 -5.86
CA ARG A 42 0.44 7.27 -7.09
C ARG A 42 1.88 7.79 -7.15
N ALA A 43 2.31 8.37 -6.05
CA ALA A 43 3.66 8.90 -5.95
C ALA A 43 4.66 7.84 -6.42
N ASN A 44 4.38 6.60 -6.01
CA ASN A 44 5.24 5.49 -6.38
C ASN A 44 4.82 4.95 -7.74
N SER A 45 3.56 5.20 -8.08
CA SER A 45 3.02 4.75 -9.34
C SER A 45 2.56 3.28 -9.22
N GLY A 46 1.36 3.13 -8.71
CA GLY A 46 0.79 1.79 -8.54
C GLY A 46 1.87 0.80 -8.10
N ALA A 47 2.34 0.98 -6.87
CA ALA A 47 3.36 0.11 -6.32
C ALA A 47 3.12 -0.07 -4.82
N VAL A 48 2.51 -1.19 -4.48
CA VAL A 48 2.23 -1.49 -3.09
C VAL A 48 3.53 -1.78 -2.36
N ASP A 49 4.23 -2.82 -2.82
CA ASP A 49 5.49 -3.21 -2.22
C ASP A 49 6.29 -1.95 -1.87
N ALA A 50 6.26 -1.00 -2.78
CA ALA A 50 6.98 0.25 -2.58
C ALA A 50 6.17 1.15 -1.64
N THR A 51 4.95 1.46 -2.07
CA THR A 51 4.08 2.31 -1.28
C THR A 51 4.14 1.92 0.20
N ILE A 52 4.46 0.66 0.42
CA ILE A 52 4.56 0.14 1.79
C ILE A 52 5.79 0.74 2.47
N ASP A 53 6.95 0.39 1.93
CA ASP A 53 8.21 0.88 2.48
C ASP A 53 8.05 2.34 2.87
N GLN A 54 7.34 3.07 2.01
CA GLN A 54 7.11 4.49 2.26
C GLN A 54 6.37 4.69 3.58
N LEU A 55 5.13 4.25 3.61
CA LEU A 55 4.31 4.37 4.80
C LEU A 55 5.10 3.85 6.00
N LEU A 56 5.81 2.76 5.78
CA LEU A 56 6.61 2.15 6.84
C LEU A 56 7.45 3.24 7.52
N GLN A 57 8.35 3.82 6.76
CA GLN A 57 9.21 4.87 7.27
C GLN A 57 8.37 5.99 7.89
N MET A 58 7.41 6.47 7.12
CA MET A 58 6.53 7.53 7.57
C MET A 58 6.13 7.32 9.03
N ASN A 59 6.07 6.05 9.41
CA ASN A 59 5.69 5.70 10.77
C ASN A 59 6.95 5.31 11.56
N LEU A 60 7.92 4.78 10.84
CA LEU A 60 9.17 4.37 11.44
C LEU A 60 8.87 3.69 12.79
N GLU A 61 7.74 3.01 12.84
CA GLU A 61 7.33 2.32 14.05
C GLU A 61 8.42 1.35 14.50
N SER A 62 8.86 0.52 13.56
CA SER A 62 9.91 -0.45 13.85
C SER A 62 10.38 -1.12 12.56
N GLY A 63 9.43 -1.77 11.88
CA GLY A 63 9.74 -2.45 10.64
C GLY A 63 8.65 -3.46 10.30
N PRO A 64 9.09 -4.54 9.58
CA PRO A 64 8.16 -5.60 9.19
C PRO A 64 7.80 -6.48 10.38
N SER A 65 6.92 -7.44 10.12
CA SER A 65 6.49 -8.36 11.16
C SER A 65 6.09 -9.71 10.53
N SER A 66 7.04 -10.63 10.56
CA SER A 66 6.81 -11.95 10.02
C SER A 66 6.79 -12.99 11.13
N GLY A 67 5.74 -13.80 11.12
CA GLY A 67 5.59 -14.84 12.12
C GLY A 67 4.26 -15.59 11.94
N GLY A 1 19.20 -6.90 -5.80
CA GLY A 1 20.43 -6.36 -6.34
C GLY A 1 20.44 -6.42 -7.88
N SER A 2 19.47 -5.76 -8.47
CA SER A 2 19.34 -5.73 -9.91
C SER A 2 18.59 -4.48 -10.36
N SER A 3 19.08 -3.87 -11.42
CA SER A 3 18.47 -2.66 -11.95
C SER A 3 17.15 -3.02 -12.64
N GLY A 4 16.15 -2.17 -12.40
CA GLY A 4 14.84 -2.38 -12.99
C GLY A 4 14.70 -1.61 -14.31
N SER A 5 14.01 -2.23 -15.25
CA SER A 5 13.80 -1.63 -16.55
C SER A 5 12.53 -2.18 -17.19
N SER A 6 12.10 -1.52 -18.25
CA SER A 6 10.90 -1.93 -18.96
C SER A 6 11.00 -3.42 -19.32
N GLY A 7 9.88 -4.11 -19.13
CA GLY A 7 9.83 -5.54 -19.42
C GLY A 7 9.61 -6.35 -18.15
N ARG A 8 10.24 -7.51 -18.11
CA ARG A 8 10.12 -8.39 -16.97
C ARG A 8 8.66 -8.80 -16.76
N PRO A 9 8.47 -9.86 -15.91
CA PRO A 9 7.13 -10.35 -15.62
C PRO A 9 6.39 -9.41 -14.68
N ALA A 10 5.98 -8.27 -15.22
CA ALA A 10 5.26 -7.28 -14.44
C ALA A 10 4.57 -6.29 -15.39
N ARG A 11 3.50 -6.77 -16.02
CA ARG A 11 2.75 -5.95 -16.94
C ARG A 11 1.99 -4.85 -16.19
N GLN A 12 2.44 -3.62 -16.36
CA GLN A 12 1.82 -2.49 -15.71
C GLN A 12 0.47 -2.17 -16.36
N VAL A 13 -0.53 -2.97 -16.03
CA VAL A 13 -1.86 -2.78 -16.57
C VAL A 13 -2.81 -2.38 -15.45
N ARG A 14 -3.75 -1.51 -15.80
CA ARG A 14 -4.74 -1.04 -14.84
C ARG A 14 -6.08 -1.75 -15.06
N ARG A 15 -6.46 -2.54 -14.08
CA ARG A 15 -7.72 -3.28 -14.16
C ARG A 15 -8.25 -3.56 -12.75
N LEU A 16 -9.57 -3.71 -12.68
CA LEU A 16 -10.22 -4.00 -11.41
C LEU A 16 -9.96 -2.83 -10.45
N GLU A 17 -10.72 -2.82 -9.36
CA GLU A 17 -10.58 -1.78 -8.36
C GLU A 17 -9.48 -2.13 -7.36
N PHE A 18 -9.00 -1.11 -6.67
CA PHE A 18 -7.95 -1.31 -5.69
C PHE A 18 -8.46 -1.01 -4.27
N ASN A 19 -9.63 -1.53 -3.98
CA ASN A 19 -10.23 -1.33 -2.67
C ASN A 19 -9.43 -2.10 -1.61
N GLN A 20 -9.24 -3.38 -1.87
CA GLN A 20 -8.49 -4.22 -0.96
C GLN A 20 -7.19 -3.54 -0.54
N ALA A 21 -6.39 -3.20 -1.53
CA ALA A 21 -5.12 -2.53 -1.28
C ALA A 21 -5.32 -1.44 -0.24
N MET A 22 -6.14 -0.45 -0.62
CA MET A 22 -6.42 0.66 0.27
C MET A 22 -6.83 0.16 1.66
N ASP A 23 -7.59 -0.92 1.67
CA ASP A 23 -8.05 -1.51 2.91
C ASP A 23 -6.86 -2.06 3.69
N ASP A 24 -6.00 -2.76 2.97
CA ASP A 24 -4.81 -3.34 3.58
C ASP A 24 -4.03 -2.24 4.32
N PHE A 25 -3.81 -1.14 3.62
CA PHE A 25 -3.09 -0.02 4.19
C PHE A 25 -3.84 0.56 5.38
N LYS A 26 -5.15 0.66 5.24
CA LYS A 26 -5.99 1.19 6.29
C LYS A 26 -5.71 0.44 7.59
N THR A 27 -5.51 -0.87 7.45
CA THR A 27 -5.23 -1.70 8.60
C THR A 27 -3.76 -1.60 9.00
N MET A 28 -2.92 -1.48 7.98
CA MET A 28 -1.48 -1.37 8.20
C MET A 28 -1.14 -0.08 8.94
N PHE A 29 -1.71 1.01 8.44
CA PHE A 29 -1.47 2.32 9.03
C PHE A 29 -2.78 3.06 9.28
N PRO A 30 -3.23 3.01 10.57
CA PRO A 30 -4.46 3.68 10.95
C PRO A 30 -4.27 5.19 11.03
N ASN A 31 -3.12 5.58 11.53
CA ASN A 31 -2.80 7.00 11.67
C ASN A 31 -2.76 7.64 10.28
N MET A 32 -2.30 6.86 9.31
CA MET A 32 -2.20 7.33 7.94
C MET A 32 -3.53 7.92 7.47
N ASP A 33 -3.47 8.62 6.34
CA ASP A 33 -4.67 9.23 5.78
C ASP A 33 -4.95 8.61 4.41
N TYR A 34 -6.22 8.32 4.18
CA TYR A 34 -6.64 7.73 2.92
C TYR A 34 -6.01 8.47 1.74
N ASP A 35 -5.78 9.77 1.93
CA ASP A 35 -5.19 10.59 0.90
C ASP A 35 -3.71 10.27 0.79
N ILE A 36 -3.06 10.19 1.94
CA ILE A 36 -1.63 9.89 1.97
C ILE A 36 -1.39 8.51 1.36
N ILE A 37 -2.03 7.52 1.94
CA ILE A 37 -1.88 6.15 1.46
C ILE A 37 -1.88 6.16 -0.07
N GLU A 38 -2.92 6.77 -0.63
CA GLU A 38 -3.05 6.84 -2.08
C GLU A 38 -1.93 7.70 -2.66
N CYS A 39 -1.72 8.85 -2.04
CA CYS A 39 -0.69 9.77 -2.49
C CYS A 39 0.56 8.96 -2.85
N VAL A 40 0.96 8.11 -1.90
CA VAL A 40 2.13 7.27 -2.11
C VAL A 40 1.90 6.35 -3.31
N LEU A 41 0.74 5.70 -3.30
CA LEU A 41 0.39 4.80 -4.37
C LEU A 41 0.66 5.47 -5.72
N ARG A 42 0.10 6.65 -5.88
CA ARG A 42 0.27 7.41 -7.11
C ARG A 42 1.70 7.94 -7.20
N ALA A 43 2.19 8.45 -6.08
CA ALA A 43 3.53 8.99 -6.03
C ALA A 43 4.52 7.93 -6.54
N ASN A 44 4.34 6.71 -6.05
CA ASN A 44 5.21 5.61 -6.45
C ASN A 44 4.70 5.04 -7.78
N SER A 45 3.46 5.36 -8.10
CA SER A 45 2.86 4.88 -9.33
C SER A 45 2.51 3.40 -9.20
N GLY A 46 1.33 3.14 -8.67
CA GLY A 46 0.87 1.77 -8.49
C GLY A 46 2.02 0.86 -8.08
N ALA A 47 2.31 0.87 -6.79
CA ALA A 47 3.38 0.05 -6.26
C ALA A 47 3.16 -0.15 -4.75
N VAL A 48 2.55 -1.29 -4.43
CA VAL A 48 2.28 -1.61 -3.03
C VAL A 48 3.61 -1.88 -2.31
N ASP A 49 4.32 -2.88 -2.81
CA ASP A 49 5.60 -3.25 -2.23
C ASP A 49 6.37 -1.98 -1.84
N ALA A 50 6.28 -0.99 -2.72
CA ALA A 50 6.96 0.27 -2.48
C ALA A 50 6.12 1.13 -1.54
N THR A 51 4.90 1.41 -1.98
CA THR A 51 3.99 2.22 -1.19
C THR A 51 4.01 1.77 0.27
N ILE A 52 4.35 0.51 0.46
CA ILE A 52 4.41 -0.06 1.80
C ILE A 52 5.64 0.50 2.54
N ASP A 53 6.81 0.05 2.09
CA ASP A 53 8.05 0.49 2.69
C ASP A 53 7.96 1.99 2.99
N GLN A 54 7.34 2.71 2.08
CA GLN A 54 7.17 4.15 2.22
C GLN A 54 6.48 4.46 3.55
N LEU A 55 5.21 4.13 3.61
CA LEU A 55 4.42 4.38 4.81
C LEU A 55 5.13 3.76 6.01
N LEU A 56 5.77 2.63 5.77
CA LEU A 56 6.49 1.93 6.82
C LEU A 56 7.40 2.92 7.55
N GLN A 57 8.35 3.47 6.80
CA GLN A 57 9.27 4.43 7.36
C GLN A 57 8.52 5.64 7.93
N MET A 58 7.69 6.23 7.08
CA MET A 58 6.91 7.38 7.48
C MET A 58 6.38 7.23 8.91
N ASN A 59 5.86 6.04 9.19
CA ASN A 59 5.32 5.75 10.50
C ASN A 59 6.47 5.65 11.50
N LEU A 60 7.54 5.00 11.07
CA LEU A 60 8.70 4.83 11.92
C LEU A 60 9.16 6.20 12.45
N GLU A 61 9.55 7.05 11.51
CA GLU A 61 10.01 8.39 11.87
C GLU A 61 9.10 8.98 12.95
N SER A 62 9.73 9.41 14.03
CA SER A 62 9.01 10.00 15.14
C SER A 62 8.28 11.26 14.68
N GLY A 63 9.05 12.18 14.12
CA GLY A 63 8.48 13.44 13.64
C GLY A 63 8.80 14.59 14.59
N PRO A 64 7.96 15.64 14.52
CA PRO A 64 8.14 16.81 15.36
C PRO A 64 7.70 16.53 16.79
N SER A 65 8.41 15.58 17.41
CA SER A 65 8.11 15.20 18.79
C SER A 65 8.82 16.14 19.75
N SER A 66 8.21 16.30 20.92
CA SER A 66 8.77 17.17 21.95
C SER A 66 10.27 16.91 22.09
N GLY A 67 11.05 17.93 21.77
CA GLY A 67 12.49 17.83 21.85
C GLY A 67 12.99 18.22 23.25
N GLY A 1 -12.99 12.87 -0.70
CA GLY A 1 -12.61 14.03 -1.48
C GLY A 1 -13.25 15.30 -0.92
N SER A 2 -14.57 15.36 -1.04
CA SER A 2 -15.32 16.50 -0.54
C SER A 2 -16.80 16.13 -0.39
N SER A 3 -17.13 15.63 0.79
CA SER A 3 -18.50 15.24 1.08
C SER A 3 -19.01 14.30 -0.01
N GLY A 4 -18.83 13.01 0.23
CA GLY A 4 -19.27 12.01 -0.72
C GLY A 4 -18.07 11.26 -1.32
N SER A 5 -18.21 10.91 -2.60
CA SER A 5 -17.15 10.21 -3.30
C SER A 5 -16.94 8.84 -2.66
N SER A 6 -17.77 7.89 -3.08
CA SER A 6 -17.67 6.53 -2.56
C SER A 6 -17.41 5.55 -3.71
N GLY A 7 -18.34 5.54 -4.66
CA GLY A 7 -18.22 4.66 -5.80
C GLY A 7 -19.53 4.59 -6.59
N ARG A 8 -19.82 3.40 -7.10
CA ARG A 8 -21.05 3.19 -7.86
C ARG A 8 -21.74 1.91 -7.40
N PRO A 9 -23.05 1.83 -7.73
CA PRO A 9 -23.85 0.67 -7.36
C PRO A 9 -23.51 -0.53 -8.25
N ALA A 10 -23.87 -1.71 -7.76
CA ALA A 10 -23.62 -2.93 -8.51
C ALA A 10 -24.38 -4.09 -7.85
N ARG A 11 -24.49 -5.18 -8.59
CA ARG A 11 -25.18 -6.36 -8.09
C ARG A 11 -24.20 -7.53 -7.94
N GLN A 12 -23.55 -7.86 -9.04
CA GLN A 12 -22.59 -8.95 -9.05
C GLN A 12 -21.53 -8.73 -10.13
N VAL A 13 -20.48 -8.03 -9.74
CA VAL A 13 -19.39 -7.74 -10.65
C VAL A 13 -18.07 -7.68 -9.88
N ARG A 14 -18.11 -6.96 -8.77
CA ARG A 14 -16.92 -6.83 -7.93
C ARG A 14 -15.80 -6.12 -8.71
N ARG A 15 -15.27 -5.07 -8.10
CA ARG A 15 -14.21 -4.31 -8.71
C ARG A 15 -12.86 -5.00 -8.49
N LEU A 16 -12.55 -5.21 -7.21
CA LEU A 16 -11.29 -5.86 -6.85
C LEU A 16 -10.15 -4.88 -7.07
N GLU A 17 -8.99 -5.24 -6.51
CA GLU A 17 -7.81 -4.40 -6.63
C GLU A 17 -8.09 -3.00 -6.11
N PHE A 18 -7.02 -2.24 -5.92
CA PHE A 18 -7.13 -0.89 -5.42
C PHE A 18 -7.89 -0.85 -4.10
N ASN A 19 -9.21 -0.79 -4.21
CA ASN A 19 -10.06 -0.74 -3.03
C ASN A 19 -9.52 -1.71 -1.98
N GLN A 20 -9.26 -2.94 -2.43
CA GLN A 20 -8.74 -3.97 -1.54
C GLN A 20 -7.38 -3.55 -0.98
N ALA A 21 -6.53 -3.05 -1.86
CA ALA A 21 -5.21 -2.61 -1.48
C ALA A 21 -5.33 -1.54 -0.40
N MET A 22 -6.10 -0.51 -0.72
CA MET A 22 -6.31 0.58 0.22
C MET A 22 -6.66 0.05 1.62
N ASP A 23 -7.53 -0.94 1.63
CA ASP A 23 -7.96 -1.53 2.90
C ASP A 23 -6.72 -2.00 3.67
N ASP A 24 -5.88 -2.76 2.98
CA ASP A 24 -4.67 -3.28 3.60
C ASP A 24 -3.92 -2.12 4.27
N PHE A 25 -3.70 -1.07 3.50
CA PHE A 25 -3.00 0.10 4.01
C PHE A 25 -3.76 0.72 5.19
N LYS A 26 -5.08 0.74 5.06
CA LYS A 26 -5.93 1.30 6.10
C LYS A 26 -5.68 0.56 7.41
N THR A 27 -5.58 -0.76 7.30
CA THR A 27 -5.35 -1.60 8.46
C THR A 27 -3.87 -1.54 8.87
N MET A 28 -3.02 -1.41 7.87
CA MET A 28 -1.58 -1.35 8.12
C MET A 28 -1.22 -0.08 8.90
N PHE A 29 -1.73 1.05 8.41
CA PHE A 29 -1.47 2.32 9.05
C PHE A 29 -2.77 3.11 9.22
N PRO A 30 -3.29 3.09 10.48
CA PRO A 30 -4.52 3.80 10.79
C PRO A 30 -4.27 5.32 10.90
N ASN A 31 -3.09 5.65 11.42
CA ASN A 31 -2.72 7.05 11.58
C ASN A 31 -2.68 7.71 10.21
N MET A 32 -2.43 6.89 9.19
CA MET A 32 -2.36 7.40 7.83
C MET A 32 -3.71 7.94 7.37
N ASP A 33 -3.69 8.64 6.25
CA ASP A 33 -4.89 9.22 5.70
C ASP A 33 -5.16 8.63 4.31
N TYR A 34 -6.42 8.28 4.08
CA TYR A 34 -6.80 7.70 2.80
C TYR A 34 -6.19 8.47 1.63
N ASP A 35 -5.97 9.76 1.87
CA ASP A 35 -5.38 10.62 0.85
C ASP A 35 -3.88 10.36 0.78
N ILE A 36 -3.28 10.21 1.95
CA ILE A 36 -1.85 9.97 2.05
C ILE A 36 -1.53 8.61 1.44
N ILE A 37 -2.24 7.59 1.92
CA ILE A 37 -2.05 6.25 1.44
C ILE A 37 -1.98 6.25 -0.09
N GLU A 38 -3.06 6.73 -0.69
CA GLU A 38 -3.14 6.80 -2.13
C GLU A 38 -1.99 7.64 -2.68
N CYS A 39 -1.79 8.79 -2.06
CA CYS A 39 -0.74 9.70 -2.49
C CYS A 39 0.52 8.88 -2.76
N VAL A 40 0.87 8.03 -1.80
CA VAL A 40 2.03 7.18 -1.93
C VAL A 40 1.85 6.26 -3.14
N LEU A 41 0.70 5.61 -3.18
CA LEU A 41 0.40 4.70 -4.27
C LEU A 41 0.77 5.35 -5.60
N ARG A 42 0.26 6.56 -5.79
CA ARG A 42 0.52 7.30 -7.01
C ARG A 42 1.96 7.81 -7.01
N ALA A 43 2.37 8.33 -5.87
CA ALA A 43 3.72 8.86 -5.73
C ALA A 43 4.73 7.78 -6.08
N ASN A 44 4.30 6.53 -5.89
CA ASN A 44 5.16 5.39 -6.18
C ASN A 44 4.78 4.83 -7.56
N SER A 45 3.58 5.15 -7.99
CA SER A 45 3.09 4.68 -9.27
C SER A 45 2.64 3.23 -9.16
N GLY A 46 1.45 3.05 -8.63
CA GLY A 46 0.90 1.71 -8.45
C GLY A 46 1.99 0.71 -8.06
N ALA A 47 2.31 0.72 -6.77
CA ALA A 47 3.34 -0.17 -6.26
C ALA A 47 3.16 -0.33 -4.75
N VAL A 48 2.48 -1.40 -4.37
CA VAL A 48 2.23 -1.67 -2.95
C VAL A 48 3.56 -1.94 -2.25
N ASP A 49 4.23 -2.99 -2.70
CA ASP A 49 5.52 -3.36 -2.12
C ASP A 49 6.33 -2.09 -1.85
N ALA A 50 6.09 -1.07 -2.67
CA ALA A 50 6.79 0.18 -2.53
C ALA A 50 6.01 1.09 -1.56
N THR A 51 4.74 1.29 -1.88
CA THR A 51 3.89 2.12 -1.06
C THR A 51 4.03 1.74 0.42
N ILE A 52 4.36 0.48 0.63
CA ILE A 52 4.54 -0.03 1.99
C ILE A 52 5.79 0.58 2.60
N ASP A 53 6.93 0.20 2.02
CA ASP A 53 8.22 0.71 2.50
C ASP A 53 8.08 2.19 2.84
N GLN A 54 7.30 2.89 2.03
CA GLN A 54 7.08 4.31 2.22
C GLN A 54 6.37 4.55 3.56
N LEU A 55 5.11 4.19 3.60
CA LEU A 55 4.31 4.36 4.80
C LEU A 55 5.11 3.86 6.01
N LEU A 56 5.86 2.79 5.78
CA LEU A 56 6.67 2.21 6.84
C LEU A 56 7.51 3.31 7.50
N GLN A 57 8.42 3.86 6.70
CA GLN A 57 9.29 4.92 7.19
C GLN A 57 8.46 6.06 7.77
N MET A 58 7.52 6.53 6.98
CA MET A 58 6.66 7.62 7.42
C MET A 58 6.25 7.44 8.88
N ASN A 59 6.14 6.19 9.28
CA ASN A 59 5.75 5.86 10.64
C ASN A 59 7.00 5.45 11.44
N LEU A 60 7.96 4.90 10.72
CA LEU A 60 9.20 4.46 11.33
C LEU A 60 8.88 3.79 12.67
N GLU A 61 7.73 3.15 12.71
CA GLU A 61 7.29 2.47 13.92
C GLU A 61 7.21 0.95 13.68
N SER A 62 8.15 0.24 14.29
CA SER A 62 8.19 -1.21 14.15
C SER A 62 7.04 -1.84 14.93
N GLY A 63 5.87 -1.83 14.32
CA GLY A 63 4.69 -2.41 14.95
C GLY A 63 4.08 -3.50 14.07
N PRO A 64 3.38 -4.45 14.75
CA PRO A 64 2.75 -5.56 14.05
C PRO A 64 1.48 -5.09 13.31
N SER A 65 1.01 -5.94 12.42
CA SER A 65 -0.18 -5.64 11.64
C SER A 65 -0.96 -6.92 11.35
N SER A 66 -0.32 -7.83 10.64
CA SER A 66 -0.94 -9.09 10.30
C SER A 66 0.03 -9.96 9.50
N GLY A 67 -0.20 -11.26 9.54
CA GLY A 67 0.65 -12.20 8.83
C GLY A 67 0.13 -13.64 8.98
N GLY A 1 -4.99 -23.77 -24.39
CA GLY A 1 -6.44 -23.86 -24.25
C GLY A 1 -6.84 -23.90 -22.77
N SER A 2 -7.86 -24.70 -22.49
CA SER A 2 -8.35 -24.84 -21.13
C SER A 2 -8.90 -23.50 -20.64
N SER A 3 -7.99 -22.64 -20.22
CA SER A 3 -8.37 -21.33 -19.71
C SER A 3 -9.17 -21.48 -18.42
N GLY A 4 -8.81 -20.65 -17.45
CA GLY A 4 -9.49 -20.67 -16.17
C GLY A 4 -9.21 -19.40 -15.38
N SER A 5 -8.01 -19.33 -14.81
CA SER A 5 -7.61 -18.18 -14.03
C SER A 5 -8.77 -17.71 -13.15
N SER A 6 -8.80 -18.25 -11.94
CA SER A 6 -9.86 -17.90 -10.99
C SER A 6 -9.26 -17.14 -9.81
N GLY A 7 -10.08 -16.30 -9.22
CA GLY A 7 -9.65 -15.51 -8.07
C GLY A 7 -10.60 -14.34 -7.82
N ARG A 8 -11.32 -14.43 -6.71
CA ARG A 8 -12.26 -13.39 -6.34
C ARG A 8 -13.37 -13.27 -7.40
N PRO A 9 -14.53 -12.72 -6.97
CA PRO A 9 -15.65 -12.54 -7.86
C PRO A 9 -15.41 -11.38 -8.82
N ALA A 10 -16.34 -11.22 -9.77
CA ALA A 10 -16.24 -10.16 -10.75
C ALA A 10 -14.91 -10.28 -11.49
N ARG A 11 -14.95 -11.01 -12.61
CA ARG A 11 -13.76 -11.21 -13.42
C ARG A 11 -13.08 -9.88 -13.70
N GLN A 12 -11.75 -9.93 -13.75
CA GLN A 12 -10.96 -8.73 -14.00
C GLN A 12 -9.53 -9.11 -14.39
N VAL A 13 -9.25 -9.00 -15.68
CA VAL A 13 -7.94 -9.33 -16.19
C VAL A 13 -7.00 -8.14 -15.98
N ARG A 14 -7.32 -7.05 -16.66
CA ARG A 14 -6.53 -5.84 -16.56
C ARG A 14 -6.81 -5.12 -15.24
N ARG A 15 -5.86 -4.29 -14.84
CA ARG A 15 -6.00 -3.55 -13.59
C ARG A 15 -6.51 -2.12 -13.88
N LEU A 16 -7.37 -1.65 -13.00
CA LEU A 16 -7.93 -0.32 -13.14
C LEU A 16 -8.07 0.32 -11.76
N GLU A 17 -9.03 -0.19 -11.00
CA GLU A 17 -9.27 0.32 -9.67
C GLU A 17 -8.38 -0.39 -8.65
N PHE A 18 -8.33 0.17 -7.45
CA PHE A 18 -7.52 -0.39 -6.38
C PHE A 18 -8.10 -0.06 -5.01
N ASN A 19 -9.32 -0.56 -4.78
CA ASN A 19 -9.99 -0.32 -3.53
C ASN A 19 -9.41 -1.24 -2.45
N GLN A 20 -9.48 -2.53 -2.73
CA GLN A 20 -8.96 -3.53 -1.80
C GLN A 20 -7.62 -3.07 -1.22
N ALA A 21 -6.72 -2.68 -2.13
CA ALA A 21 -5.41 -2.22 -1.74
C ALA A 21 -5.54 -1.28 -0.53
N MET A 22 -6.31 -0.22 -0.74
CA MET A 22 -6.54 0.75 0.31
C MET A 22 -6.83 0.08 1.64
N ASP A 23 -7.73 -0.89 1.60
CA ASP A 23 -8.10 -1.63 2.80
C ASP A 23 -6.84 -2.11 3.50
N ASP A 24 -5.98 -2.77 2.74
CA ASP A 24 -4.74 -3.30 3.28
C ASP A 24 -4.04 -2.19 4.08
N PHE A 25 -3.73 -1.11 3.38
CA PHE A 25 -3.06 0.02 4.00
C PHE A 25 -3.86 0.54 5.20
N LYS A 26 -5.17 0.59 5.01
CA LYS A 26 -6.05 1.07 6.06
C LYS A 26 -5.82 0.25 7.33
N THR A 27 -5.70 -1.06 7.14
CA THR A 27 -5.48 -1.96 8.26
C THR A 27 -4.02 -1.89 8.71
N MET A 28 -3.13 -1.77 7.74
CA MET A 28 -1.70 -1.69 8.03
C MET A 28 -1.38 -0.43 8.83
N PHE A 29 -1.91 0.69 8.36
CA PHE A 29 -1.69 1.97 9.02
C PHE A 29 -2.99 2.74 9.17
N PRO A 30 -3.56 2.69 10.40
CA PRO A 30 -4.80 3.38 10.69
C PRO A 30 -4.57 4.88 10.83
N ASN A 31 -3.43 5.24 11.41
CA ASN A 31 -3.08 6.63 11.60
C ASN A 31 -3.01 7.33 10.24
N MET A 32 -2.71 6.54 9.22
CA MET A 32 -2.61 7.07 7.86
C MET A 32 -3.97 7.60 7.39
N ASP A 33 -3.91 8.37 6.31
CA ASP A 33 -5.12 8.95 5.75
C ASP A 33 -5.30 8.44 4.32
N TYR A 34 -6.53 8.09 4.00
CA TYR A 34 -6.85 7.58 2.67
C TYR A 34 -6.19 8.44 1.59
N ASP A 35 -6.03 9.71 1.91
CA ASP A 35 -5.41 10.65 0.97
C ASP A 35 -3.89 10.43 0.97
N ILE A 36 -3.35 10.21 2.16
CA ILE A 36 -1.92 9.99 2.30
C ILE A 36 -1.55 8.65 1.67
N ILE A 37 -2.30 7.63 2.04
CA ILE A 37 -2.07 6.30 1.50
C ILE A 37 -1.96 6.37 -0.01
N GLU A 38 -3.01 6.88 -0.63
CA GLU A 38 -3.04 7.01 -2.08
C GLU A 38 -1.84 7.83 -2.56
N CYS A 39 -1.61 8.94 -1.89
CA CYS A 39 -0.50 9.82 -2.24
C CYS A 39 0.72 8.95 -2.53
N VAL A 40 0.99 8.03 -1.61
CA VAL A 40 2.13 7.14 -1.76
C VAL A 40 1.92 6.27 -3.00
N LEU A 41 0.74 5.68 -3.09
CA LEU A 41 0.41 4.83 -4.21
C LEU A 41 0.82 5.53 -5.51
N ARG A 42 0.40 6.77 -5.64
CA ARG A 42 0.72 7.55 -6.83
C ARG A 42 2.18 8.00 -6.79
N ALA A 43 2.62 8.40 -5.60
CA ALA A 43 3.98 8.85 -5.41
C ALA A 43 4.94 7.68 -5.70
N ASN A 44 4.37 6.49 -5.77
CA ASN A 44 5.14 5.30 -6.03
C ASN A 44 4.74 4.71 -7.38
N SER A 45 3.68 5.26 -7.93
CA SER A 45 3.18 4.81 -9.22
C SER A 45 2.72 3.35 -9.12
N GLY A 46 1.51 3.19 -8.57
CA GLY A 46 0.93 1.87 -8.40
C GLY A 46 2.02 0.85 -8.02
N ALA A 47 2.19 0.67 -6.72
CA ALA A 47 3.18 -0.26 -6.22
C ALA A 47 2.99 -0.43 -4.71
N VAL A 48 2.30 -1.50 -4.35
CA VAL A 48 2.03 -1.79 -2.94
C VAL A 48 3.36 -2.10 -2.24
N ASP A 49 4.02 -3.15 -2.73
CA ASP A 49 5.29 -3.56 -2.16
C ASP A 49 6.12 -2.33 -1.83
N ALA A 50 5.93 -1.30 -2.63
CA ALA A 50 6.66 -0.05 -2.44
C ALA A 50 5.88 0.85 -1.48
N THR A 51 4.66 1.18 -1.88
CA THR A 51 3.81 2.03 -1.08
C THR A 51 3.94 1.66 0.41
N ILE A 52 4.23 0.39 0.64
CA ILE A 52 4.39 -0.10 1.99
C ILE A 52 5.66 0.49 2.61
N ASP A 53 6.79 0.11 2.02
CA ASP A 53 8.08 0.59 2.50
C ASP A 53 7.96 2.08 2.83
N GLN A 54 7.19 2.78 2.01
CA GLN A 54 7.01 4.21 2.22
C GLN A 54 6.33 4.47 3.56
N LEU A 55 5.05 4.12 3.63
CA LEU A 55 4.27 4.31 4.84
C LEU A 55 5.09 3.80 6.03
N LEU A 56 5.84 2.75 5.80
CA LEU A 56 6.68 2.17 6.84
C LEU A 56 7.60 3.25 7.42
N GLN A 57 8.57 3.65 6.60
CA GLN A 57 9.51 4.67 7.01
C GLN A 57 8.78 5.89 7.57
N MET A 58 7.90 6.43 6.74
CA MET A 58 7.12 7.60 7.14
C MET A 58 6.70 7.50 8.61
N ASN A 59 6.10 6.37 8.95
CA ASN A 59 5.66 6.14 10.31
C ASN A 59 6.86 6.07 11.25
N LEU A 60 7.91 5.41 10.76
CA LEU A 60 9.12 5.26 11.54
C LEU A 60 9.65 6.65 11.92
N GLU A 61 10.06 7.39 10.91
CA GLU A 61 10.59 8.73 11.13
C GLU A 61 11.86 8.67 11.98
N SER A 62 12.97 8.38 11.31
CA SER A 62 14.24 8.29 12.00
C SER A 62 14.08 7.51 13.31
N GLY A 63 14.18 6.19 13.19
CA GLY A 63 14.05 5.32 14.34
C GLY A 63 15.00 4.12 14.24
N PRO A 64 14.60 3.02 14.92
CA PRO A 64 15.40 1.80 14.92
C PRO A 64 15.26 1.07 13.59
N SER A 65 14.02 0.97 13.13
CA SER A 65 13.74 0.30 11.87
C SER A 65 14.14 -1.18 11.97
N SER A 66 13.13 -2.03 12.02
CA SER A 66 13.37 -3.46 12.11
C SER A 66 12.93 -4.15 10.83
N GLY A 67 11.65 -3.98 10.50
CA GLY A 67 11.10 -4.57 9.30
C GLY A 67 11.00 -3.55 8.17
N GLY A 1 16.19 -19.39 8.07
CA GLY A 1 15.18 -19.21 7.04
C GLY A 1 15.66 -19.72 5.69
N SER A 2 15.59 -21.03 5.52
CA SER A 2 16.02 -21.65 4.28
C SER A 2 14.83 -22.32 3.58
N SER A 3 14.59 -21.89 2.35
CA SER A 3 13.50 -22.44 1.57
C SER A 3 13.96 -22.73 0.14
N GLY A 4 14.42 -23.96 -0.06
CA GLY A 4 14.90 -24.37 -1.36
C GLY A 4 13.74 -24.73 -2.28
N SER A 5 13.08 -23.69 -2.79
CA SER A 5 11.96 -23.87 -3.69
C SER A 5 11.87 -22.69 -4.66
N SER A 6 11.73 -21.50 -4.09
CA SER A 6 11.62 -20.30 -4.90
C SER A 6 10.50 -20.45 -5.93
N GLY A 7 10.17 -19.33 -6.55
CA GLY A 7 9.12 -19.32 -7.56
C GLY A 7 8.05 -18.27 -7.23
N ARG A 8 8.09 -17.17 -7.98
CA ARG A 8 7.15 -16.10 -7.77
C ARG A 8 7.37 -14.98 -8.80
N PRO A 9 6.26 -14.30 -9.17
CA PRO A 9 6.33 -13.22 -10.13
C PRO A 9 6.94 -11.97 -9.51
N ALA A 10 7.47 -11.11 -10.38
CA ALA A 10 8.08 -9.87 -9.92
C ALA A 10 7.05 -8.75 -9.98
N ARG A 11 6.53 -8.51 -11.18
CA ARG A 11 5.54 -7.47 -11.38
C ARG A 11 4.25 -7.81 -10.62
N GLN A 12 3.53 -6.76 -10.26
CA GLN A 12 2.29 -6.93 -9.53
C GLN A 12 1.09 -6.58 -10.43
N VAL A 13 0.02 -7.33 -10.23
CA VAL A 13 -1.19 -7.12 -11.02
C VAL A 13 -1.71 -5.70 -10.77
N ARG A 14 -1.88 -4.96 -11.87
CA ARG A 14 -2.37 -3.60 -11.78
C ARG A 14 -3.55 -3.39 -12.73
N ARG A 15 -4.74 -3.60 -12.17
CA ARG A 15 -5.96 -3.44 -12.94
C ARG A 15 -7.18 -3.38 -12.01
N LEU A 16 -8.30 -3.02 -12.60
CA LEU A 16 -9.54 -2.92 -11.84
C LEU A 16 -9.33 -1.98 -10.65
N GLU A 17 -10.43 -1.68 -9.97
CA GLU A 17 -10.38 -0.80 -8.82
C GLU A 17 -9.32 -1.29 -7.82
N PHE A 18 -8.72 -0.34 -7.12
CA PHE A 18 -7.71 -0.67 -6.14
C PHE A 18 -8.15 -0.25 -4.73
N ASN A 19 -9.35 -0.71 -4.37
CA ASN A 19 -9.90 -0.40 -3.07
C ASN A 19 -9.36 -1.40 -2.04
N GLN A 20 -9.26 -2.64 -2.48
CA GLN A 20 -8.77 -3.69 -1.61
C GLN A 20 -7.41 -3.32 -1.03
N ALA A 21 -6.61 -2.67 -1.86
CA ALA A 21 -5.28 -2.23 -1.45
C ALA A 21 -5.41 -1.27 -0.27
N MET A 22 -6.29 -0.29 -0.44
CA MET A 22 -6.51 0.70 0.60
C MET A 22 -6.78 0.02 1.95
N ASP A 23 -7.63 -0.99 1.92
CA ASP A 23 -7.98 -1.71 3.12
C ASP A 23 -6.69 -2.20 3.81
N ASP A 24 -5.82 -2.80 3.00
CA ASP A 24 -4.56 -3.30 3.51
C ASP A 24 -3.82 -2.18 4.24
N PHE A 25 -3.66 -1.07 3.54
CA PHE A 25 -2.98 0.08 4.11
C PHE A 25 -3.73 0.64 5.32
N LYS A 26 -5.05 0.71 5.16
CA LYS A 26 -5.90 1.22 6.24
C LYS A 26 -5.59 0.46 7.53
N THR A 27 -5.46 -0.85 7.38
CA THR A 27 -5.17 -1.71 8.52
C THR A 27 -3.70 -1.58 8.93
N MET A 28 -2.85 -1.46 7.91
CA MET A 28 -1.42 -1.33 8.14
C MET A 28 -1.10 -0.03 8.87
N PHE A 29 -1.68 1.06 8.36
CA PHE A 29 -1.46 2.37 8.96
C PHE A 29 -2.78 3.08 9.21
N PRO A 30 -3.24 3.03 10.49
CA PRO A 30 -4.49 3.67 10.86
C PRO A 30 -4.32 5.20 10.95
N ASN A 31 -3.18 5.60 11.47
CA ASN A 31 -2.88 7.03 11.61
C ASN A 31 -2.83 7.66 10.22
N MET A 32 -2.39 6.87 9.25
CA MET A 32 -2.28 7.35 7.89
C MET A 32 -3.64 7.88 7.39
N ASP A 33 -3.57 8.60 6.27
CA ASP A 33 -4.78 9.16 5.68
C ASP A 33 -4.98 8.56 4.29
N TYR A 34 -6.24 8.29 3.97
CA TYR A 34 -6.58 7.73 2.69
C TYR A 34 -5.94 8.51 1.55
N ASP A 35 -5.80 9.82 1.77
CA ASP A 35 -5.20 10.69 0.78
C ASP A 35 -3.71 10.42 0.70
N ILE A 36 -3.10 10.27 1.88
CA ILE A 36 -1.68 10.00 1.96
C ILE A 36 -1.38 8.63 1.34
N ILE A 37 -2.11 7.63 1.82
CA ILE A 37 -1.94 6.28 1.33
C ILE A 37 -1.96 6.28 -0.20
N GLU A 38 -3.01 6.87 -0.74
CA GLU A 38 -3.16 6.96 -2.19
C GLU A 38 -2.03 7.80 -2.79
N CYS A 39 -1.78 8.93 -2.15
CA CYS A 39 -0.74 9.83 -2.60
C CYS A 39 0.49 9.01 -2.98
N VAL A 40 0.94 8.19 -2.04
CA VAL A 40 2.09 7.34 -2.26
C VAL A 40 1.80 6.40 -3.42
N LEU A 41 0.64 5.76 -3.35
CA LEU A 41 0.23 4.83 -4.39
C LEU A 41 0.46 5.47 -5.77
N ARG A 42 -0.12 6.64 -5.94
CA ARG A 42 0.02 7.36 -7.19
C ARG A 42 1.44 7.88 -7.36
N ALA A 43 2.00 8.37 -6.27
CA ALA A 43 3.35 8.89 -6.27
C ALA A 43 4.30 7.82 -6.80
N ASN A 44 4.30 6.69 -6.12
CA ASN A 44 5.15 5.58 -6.51
C ASN A 44 4.62 4.95 -7.79
N SER A 45 3.44 5.41 -8.19
CA SER A 45 2.81 4.91 -9.40
C SER A 45 2.42 3.44 -9.22
N GLY A 46 1.33 3.24 -8.51
CA GLY A 46 0.84 1.90 -8.25
C GLY A 46 1.98 0.95 -7.90
N ALA A 47 2.21 0.80 -6.60
CA ALA A 47 3.27 -0.07 -6.13
C ALA A 47 3.15 -0.22 -4.60
N VAL A 48 2.44 -1.27 -4.20
CA VAL A 48 2.24 -1.54 -2.79
C VAL A 48 3.60 -1.79 -2.13
N ASP A 49 4.30 -2.78 -2.65
CA ASP A 49 5.61 -3.13 -2.13
C ASP A 49 6.37 -1.85 -1.78
N ALA A 50 6.16 -0.84 -2.60
CA ALA A 50 6.83 0.44 -2.40
C ALA A 50 6.01 1.29 -1.43
N THR A 51 4.72 1.43 -1.74
CA THR A 51 3.82 2.19 -0.91
C THR A 51 3.89 1.71 0.54
N ILE A 52 4.38 0.50 0.70
CA ILE A 52 4.51 -0.09 2.03
C ILE A 52 5.75 0.49 2.73
N ASP A 53 6.91 0.10 2.22
CA ASP A 53 8.16 0.57 2.77
C ASP A 53 8.03 2.06 3.13
N GLN A 54 7.55 2.83 2.17
CA GLN A 54 7.37 4.26 2.36
C GLN A 54 6.64 4.52 3.68
N LEU A 55 5.36 4.19 3.69
CA LEU A 55 4.54 4.39 4.87
C LEU A 55 5.21 3.71 6.07
N LEU A 56 5.80 2.56 5.80
CA LEU A 56 6.48 1.81 6.84
C LEU A 56 7.42 2.74 7.62
N GLN A 57 8.36 3.31 6.89
CA GLN A 57 9.32 4.22 7.48
C GLN A 57 8.61 5.44 8.06
N MET A 58 7.87 6.12 7.19
CA MET A 58 7.12 7.30 7.60
C MET A 58 6.53 7.13 9.00
N ASN A 59 5.92 5.97 9.21
CA ASN A 59 5.31 5.67 10.49
C ASN A 59 6.41 5.47 11.53
N LEU A 60 7.44 4.74 11.13
CA LEU A 60 8.55 4.47 12.02
C LEU A 60 9.04 5.78 12.63
N GLU A 61 9.48 6.68 11.76
CA GLU A 61 9.97 7.97 12.20
C GLU A 61 11.31 7.81 12.94
N SER A 62 11.23 7.10 14.06
CA SER A 62 12.41 6.86 14.88
C SER A 62 12.71 5.36 14.94
N GLY A 63 11.66 4.59 15.19
CA GLY A 63 11.79 3.15 15.28
C GLY A 63 12.17 2.72 16.70
N PRO A 64 11.87 1.43 17.01
CA PRO A 64 12.16 0.89 18.32
C PRO A 64 13.66 0.60 18.48
N SER A 65 14.22 -0.04 17.47
CA SER A 65 15.63 -0.36 17.48
C SER A 65 16.06 -0.92 16.12
N SER A 66 17.30 -0.66 15.76
CA SER A 66 17.84 -1.13 14.50
C SER A 66 17.69 -2.65 14.39
N GLY A 67 18.30 -3.33 15.34
CA GLY A 67 18.24 -4.79 15.36
C GLY A 67 18.23 -5.32 16.80
N GLY A 1 4.39 -35.57 13.89
CA GLY A 1 4.78 -34.18 13.97
C GLY A 1 6.25 -34.00 13.59
N SER A 2 6.50 -33.99 12.29
CA SER A 2 7.85 -33.82 11.78
C SER A 2 8.22 -32.33 11.76
N SER A 3 9.51 -32.08 11.95
CA SER A 3 10.01 -30.72 11.96
C SER A 3 10.63 -30.39 10.60
N GLY A 4 10.85 -29.09 10.38
CA GLY A 4 11.44 -28.63 9.14
C GLY A 4 11.66 -27.11 9.17
N SER A 5 12.51 -26.66 8.27
CA SER A 5 12.82 -25.24 8.18
C SER A 5 13.30 -24.89 6.77
N SER A 6 12.33 -24.75 5.87
CA SER A 6 12.63 -24.43 4.49
C SER A 6 11.54 -23.51 3.92
N GLY A 7 12.00 -22.40 3.35
CA GLY A 7 11.08 -21.44 2.77
C GLY A 7 10.40 -22.01 1.53
N ARG A 8 9.51 -21.21 0.95
CA ARG A 8 8.78 -21.62 -0.23
C ARG A 8 8.64 -20.46 -1.21
N PRO A 9 8.30 -20.80 -2.47
CA PRO A 9 8.13 -19.79 -3.50
C PRO A 9 6.80 -19.04 -3.32
N ALA A 10 6.92 -17.82 -2.79
CA ALA A 10 5.75 -17.00 -2.57
C ALA A 10 5.91 -15.66 -3.31
N ARG A 11 5.60 -15.70 -4.59
CA ARG A 11 5.72 -14.51 -5.42
C ARG A 11 4.85 -14.65 -6.67
N GLN A 12 3.91 -13.73 -6.81
CA GLN A 12 3.02 -13.73 -7.95
C GLN A 12 2.17 -12.46 -7.97
N VAL A 13 1.53 -12.23 -9.11
CA VAL A 13 0.69 -11.06 -9.27
C VAL A 13 -0.76 -11.42 -8.97
N ARG A 14 -1.03 -11.61 -7.68
CA ARG A 14 -2.37 -11.97 -7.24
C ARG A 14 -3.18 -10.70 -6.93
N ARG A 15 -4.37 -10.65 -7.50
CA ARG A 15 -5.26 -9.51 -7.29
C ARG A 15 -4.60 -8.24 -7.82
N LEU A 16 -5.42 -7.40 -8.44
CA LEU A 16 -4.93 -6.15 -8.99
C LEU A 16 -5.93 -5.04 -8.67
N GLU A 17 -6.77 -5.31 -7.69
CA GLU A 17 -7.78 -4.33 -7.27
C GLU A 17 -7.14 -3.26 -6.40
N PHE A 18 -7.77 -2.09 -6.41
CA PHE A 18 -7.28 -0.97 -5.63
C PHE A 18 -8.12 -0.77 -4.37
N ASN A 19 -9.42 -0.67 -4.57
CA ASN A 19 -10.34 -0.49 -3.45
C ASN A 19 -9.90 -1.38 -2.29
N GLN A 20 -9.65 -2.64 -2.61
CA GLN A 20 -9.23 -3.59 -1.60
C GLN A 20 -7.86 -3.20 -1.04
N ALA A 21 -6.99 -2.77 -1.94
CA ALA A 21 -5.64 -2.36 -1.55
C ALA A 21 -5.73 -1.41 -0.36
N MET A 22 -6.58 -0.39 -0.51
CA MET A 22 -6.76 0.60 0.54
C MET A 22 -7.10 -0.08 1.87
N ASP A 23 -8.02 -1.02 1.80
CA ASP A 23 -8.45 -1.74 2.99
C ASP A 23 -7.23 -2.35 3.67
N ASP A 24 -6.23 -2.70 2.85
CA ASP A 24 -5.01 -3.29 3.36
C ASP A 24 -4.22 -2.22 4.12
N PHE A 25 -4.02 -1.08 3.46
CA PHE A 25 -3.28 0.01 4.06
C PHE A 25 -4.01 0.55 5.29
N LYS A 26 -5.33 0.64 5.18
CA LYS A 26 -6.15 1.14 6.27
C LYS A 26 -5.88 0.31 7.52
N THR A 27 -5.77 -1.01 7.31
CA THR A 27 -5.51 -1.92 8.41
C THR A 27 -4.04 -1.89 8.80
N MET A 28 -3.19 -1.75 7.78
CA MET A 28 -1.75 -1.69 8.01
C MET A 28 -1.36 -0.45 8.80
N PHE A 29 -1.89 0.68 8.36
CA PHE A 29 -1.61 1.95 9.02
C PHE A 29 -2.90 2.71 9.32
N PRO A 30 -3.34 2.62 10.61
CA PRO A 30 -4.55 3.29 11.04
C PRO A 30 -4.31 4.79 11.19
N ASN A 31 -3.04 5.16 11.21
CA ASN A 31 -2.67 6.56 11.35
C ASN A 31 -2.65 7.22 9.97
N MET A 32 -2.38 6.41 8.96
CA MET A 32 -2.33 6.90 7.60
C MET A 32 -3.71 7.41 7.14
N ASP A 33 -3.67 8.31 6.17
CA ASP A 33 -4.90 8.89 5.65
C ASP A 33 -5.11 8.39 4.21
N TYR A 34 -6.36 8.08 3.91
CA TYR A 34 -6.71 7.60 2.58
C TYR A 34 -6.06 8.47 1.50
N ASP A 35 -5.93 9.75 1.81
CA ASP A 35 -5.34 10.70 0.89
C ASP A 35 -3.84 10.45 0.81
N ILE A 36 -3.25 10.19 1.96
CA ILE A 36 -1.83 9.93 2.04
C ILE A 36 -1.51 8.59 1.37
N ILE A 37 -2.16 7.55 1.88
CA ILE A 37 -1.95 6.21 1.35
C ILE A 37 -1.90 6.28 -0.18
N GLU A 38 -3.02 6.68 -0.76
CA GLU A 38 -3.12 6.80 -2.20
C GLU A 38 -1.98 7.66 -2.75
N CYS A 39 -1.78 8.79 -2.08
CA CYS A 39 -0.72 9.71 -2.48
C CYS A 39 0.53 8.90 -2.80
N VAL A 40 0.92 8.07 -1.86
CA VAL A 40 2.10 7.23 -2.02
C VAL A 40 1.89 6.31 -3.23
N LEU A 41 0.74 5.65 -3.24
CA LEU A 41 0.41 4.74 -4.33
C LEU A 41 0.75 5.40 -5.67
N ARG A 42 0.24 6.61 -5.84
CA ARG A 42 0.48 7.36 -7.05
C ARG A 42 1.91 7.89 -7.09
N ALA A 43 2.34 8.41 -5.95
CA ALA A 43 3.68 8.95 -5.83
C ALA A 43 4.69 7.88 -6.21
N ASN A 44 4.28 6.63 -6.04
CA ASN A 44 5.13 5.50 -6.36
C ASN A 44 4.72 4.92 -7.71
N SER A 45 3.48 5.23 -8.10
CA SER A 45 2.96 4.74 -9.36
C SER A 45 2.57 3.27 -9.23
N GLY A 46 1.39 3.05 -8.66
CA GLY A 46 0.89 1.70 -8.48
C GLY A 46 2.00 0.76 -8.01
N ALA A 47 2.23 0.76 -6.71
CA ALA A 47 3.26 -0.08 -6.13
C ALA A 47 3.01 -0.23 -4.63
N VAL A 48 2.41 -1.35 -4.26
CA VAL A 48 2.11 -1.62 -2.87
C VAL A 48 3.41 -1.87 -2.11
N ASP A 49 4.13 -2.89 -2.54
CA ASP A 49 5.39 -3.25 -1.91
C ASP A 49 6.18 -1.97 -1.61
N ALA A 50 6.19 -1.07 -2.58
CA ALA A 50 6.89 0.18 -2.44
C ALA A 50 6.08 1.12 -1.54
N THR A 51 4.84 1.34 -1.96
CA THR A 51 3.95 2.22 -1.21
C THR A 51 3.98 1.85 0.28
N ILE A 52 4.34 0.61 0.54
CA ILE A 52 4.39 0.11 1.91
C ILE A 52 5.63 0.68 2.59
N ASP A 53 6.79 0.25 2.12
CA ASP A 53 8.05 0.71 2.68
C ASP A 53 7.95 2.21 2.98
N GLN A 54 7.35 2.93 2.04
CA GLN A 54 7.18 4.36 2.20
C GLN A 54 6.58 4.68 3.57
N LEU A 55 5.31 4.35 3.71
CA LEU A 55 4.59 4.60 4.95
C LEU A 55 5.39 3.99 6.11
N LEU A 56 5.93 2.80 5.86
CA LEU A 56 6.70 2.11 6.86
C LEU A 56 7.66 3.09 7.54
N GLN A 57 8.57 3.62 6.74
CA GLN A 57 9.55 4.58 7.25
C GLN A 57 8.83 5.77 7.89
N MET A 58 7.92 6.35 7.13
CA MET A 58 7.17 7.49 7.60
C MET A 58 6.65 7.26 9.01
N ASN A 59 6.36 6.01 9.30
CA ASN A 59 5.85 5.64 10.61
C ASN A 59 7.02 5.50 11.59
N LEU A 60 8.14 5.03 11.05
CA LEU A 60 9.33 4.85 11.87
C LEU A 60 9.79 6.21 12.40
N GLU A 61 10.04 7.12 11.47
CA GLU A 61 10.48 8.46 11.83
C GLU A 61 11.82 8.40 12.56
N SER A 62 12.86 8.07 11.79
CA SER A 62 14.20 7.98 12.35
C SER A 62 14.53 9.25 13.14
N GLY A 63 14.36 10.37 12.48
CA GLY A 63 14.63 11.66 13.11
C GLY A 63 15.70 12.43 12.33
N PRO A 64 15.77 13.76 12.62
CA PRO A 64 16.72 14.62 11.95
C PRO A 64 18.14 14.39 12.51
N SER A 65 18.67 13.23 12.20
CA SER A 65 20.00 12.88 12.66
C SER A 65 20.02 12.77 14.19
N SER A 66 19.74 11.56 14.66
CA SER A 66 19.72 11.30 16.10
C SER A 66 20.40 9.96 16.40
N GLY A 67 20.80 9.81 17.65
CA GLY A 67 21.45 8.58 18.08
C GLY A 67 22.95 8.64 17.81
N GLY A 1 10.98 5.20 -26.47
CA GLY A 1 10.48 3.85 -26.64
C GLY A 1 11.32 3.09 -27.67
N SER A 2 12.53 2.73 -27.26
CA SER A 2 13.43 2.00 -28.14
C SER A 2 13.19 0.50 -28.01
N SER A 3 13.34 0.01 -26.79
CA SER A 3 13.15 -1.40 -26.52
C SER A 3 12.37 -1.58 -25.22
N GLY A 4 11.25 -2.30 -25.32
CA GLY A 4 10.41 -2.55 -24.17
C GLY A 4 8.93 -2.42 -24.54
N SER A 5 8.09 -2.43 -23.51
CA SER A 5 6.66 -2.32 -23.71
C SER A 5 6.04 -1.44 -22.62
N SER A 6 5.73 -0.21 -22.99
CA SER A 6 5.14 0.72 -22.05
C SER A 6 4.21 1.69 -22.79
N GLY A 7 2.93 1.35 -22.77
CA GLY A 7 1.92 2.18 -23.43
C GLY A 7 0.53 1.86 -22.90
N ARG A 8 -0.26 1.22 -23.75
CA ARG A 8 -1.62 0.85 -23.39
C ARG A 8 -1.62 0.13 -22.04
N PRO A 9 -2.75 0.32 -21.29
CA PRO A 9 -2.90 -0.30 -19.99
C PRO A 9 -3.20 -1.80 -20.13
N ALA A 10 -2.32 -2.60 -19.56
CA ALA A 10 -2.48 -4.05 -19.61
C ALA A 10 -2.06 -4.65 -18.27
N ARG A 11 -0.78 -4.53 -17.98
CA ARG A 11 -0.24 -5.06 -16.73
C ARG A 11 -1.07 -4.56 -15.54
N GLN A 12 -0.97 -5.28 -14.44
CA GLN A 12 -1.70 -4.92 -13.23
C GLN A 12 -0.95 -3.83 -12.48
N VAL A 13 -1.24 -2.58 -12.84
CA VAL A 13 -0.61 -1.44 -12.20
C VAL A 13 -1.60 -0.80 -11.23
N ARG A 14 -2.70 -0.30 -11.81
CA ARG A 14 -3.72 0.35 -11.02
C ARG A 14 -5.09 0.22 -11.71
N ARG A 15 -5.49 -1.01 -11.91
CA ARG A 15 -6.77 -1.29 -12.57
C ARG A 15 -7.50 -2.42 -11.84
N LEU A 16 -8.75 -2.15 -11.51
CA LEU A 16 -9.58 -3.13 -10.82
C LEU A 16 -9.18 -3.16 -9.34
N GLU A 17 -8.00 -3.72 -9.09
CA GLU A 17 -7.50 -3.82 -7.72
C GLU A 17 -7.12 -2.44 -7.19
N PHE A 18 -7.85 -2.01 -6.18
CA PHE A 18 -7.59 -0.70 -5.58
C PHE A 18 -8.28 -0.58 -4.22
N ASN A 19 -9.60 -0.80 -4.24
CA ASN A 19 -10.39 -0.72 -3.02
C ASN A 19 -9.72 -1.56 -1.93
N GLN A 20 -9.55 -2.84 -2.24
CA GLN A 20 -8.93 -3.75 -1.29
C GLN A 20 -7.58 -3.21 -0.83
N ALA A 21 -6.75 -2.84 -1.80
CA ALA A 21 -5.44 -2.30 -1.51
C ALA A 21 -5.55 -1.32 -0.33
N MET A 22 -6.28 -0.24 -0.57
CA MET A 22 -6.47 0.77 0.45
C MET A 22 -6.76 0.13 1.81
N ASP A 23 -7.71 -0.78 1.81
CA ASP A 23 -8.10 -1.46 3.02
C ASP A 23 -6.85 -2.03 3.70
N ASP A 24 -6.03 -2.69 2.91
CA ASP A 24 -4.81 -3.29 3.41
C ASP A 24 -4.01 -2.22 4.18
N PHE A 25 -3.79 -1.10 3.50
CA PHE A 25 -3.05 -0.01 4.10
C PHE A 25 -3.79 0.56 5.32
N LYS A 26 -5.10 0.66 5.17
CA LYS A 26 -5.93 1.18 6.26
C LYS A 26 -5.65 0.38 7.53
N THR A 27 -5.51 -0.93 7.36
CA THR A 27 -5.25 -1.81 8.48
C THR A 27 -3.78 -1.75 8.87
N MET A 28 -2.94 -1.60 7.86
CA MET A 28 -1.50 -1.52 8.08
C MET A 28 -1.13 -0.27 8.87
N PHE A 29 -1.67 0.86 8.42
CA PHE A 29 -1.40 2.13 9.07
C PHE A 29 -2.70 2.90 9.31
N PRO A 30 -3.19 2.84 10.57
CA PRO A 30 -4.41 3.53 10.94
C PRO A 30 -4.18 5.03 11.07
N ASN A 31 -2.94 5.37 11.36
CA ASN A 31 -2.58 6.78 11.52
C ASN A 31 -2.56 7.45 10.14
N MET A 32 -2.42 6.62 9.11
CA MET A 32 -2.40 7.13 7.75
C MET A 32 -3.77 7.65 7.33
N ASP A 33 -3.80 8.29 6.17
CA ASP A 33 -5.04 8.84 5.64
C ASP A 33 -5.24 8.34 4.22
N TYR A 34 -6.50 8.03 3.90
CA TYR A 34 -6.84 7.56 2.57
C TYR A 34 -6.19 8.42 1.49
N ASP A 35 -6.01 9.69 1.82
CA ASP A 35 -5.40 10.62 0.88
C ASP A 35 -3.89 10.40 0.86
N ILE A 36 -3.33 10.22 2.05
CA ILE A 36 -1.90 10.00 2.19
C ILE A 36 -1.53 8.67 1.54
N ILE A 37 -2.23 7.62 1.99
CA ILE A 37 -1.99 6.29 1.46
C ILE A 37 -1.89 6.34 -0.06
N GLU A 38 -2.97 6.84 -0.66
CA GLU A 38 -3.03 6.96 -2.11
C GLU A 38 -1.84 7.78 -2.62
N CYS A 39 -1.63 8.92 -1.98
CA CYS A 39 -0.54 9.80 -2.37
C CYS A 39 0.70 8.94 -2.65
N VAL A 40 1.00 8.05 -1.70
CA VAL A 40 2.14 7.17 -1.85
C VAL A 40 1.95 6.28 -3.07
N LEU A 41 0.76 5.68 -3.15
CA LEU A 41 0.44 4.80 -4.26
C LEU A 41 0.82 5.50 -5.58
N ARG A 42 0.33 6.71 -5.73
CA ARG A 42 0.62 7.48 -6.93
C ARG A 42 2.08 7.95 -6.93
N ALA A 43 2.52 8.38 -5.77
CA ALA A 43 3.89 8.86 -5.62
C ALA A 43 4.86 7.75 -6.03
N ASN A 44 4.45 6.52 -5.77
CA ASN A 44 5.26 5.36 -6.11
C ASN A 44 4.84 4.84 -7.49
N SER A 45 3.66 5.27 -7.92
CA SER A 45 3.14 4.85 -9.21
C SER A 45 2.67 3.39 -9.13
N GLY A 46 1.48 3.22 -8.58
CA GLY A 46 0.91 1.88 -8.45
C GLY A 46 1.99 0.86 -8.08
N ALA A 47 2.15 0.66 -6.79
CA ALA A 47 3.15 -0.29 -6.29
C ALA A 47 3.01 -0.43 -4.77
N VAL A 48 2.22 -1.42 -4.38
CA VAL A 48 2.00 -1.67 -2.96
C VAL A 48 3.33 -2.02 -2.29
N ASP A 49 3.96 -3.05 -2.81
CA ASP A 49 5.24 -3.50 -2.28
C ASP A 49 6.09 -2.28 -1.92
N ALA A 50 5.97 -1.26 -2.75
CA ALA A 50 6.72 -0.03 -2.53
C ALA A 50 5.96 0.86 -1.56
N THR A 51 4.74 1.20 -1.94
CA THR A 51 3.91 2.05 -1.11
C THR A 51 4.07 1.68 0.37
N ILE A 52 4.32 0.40 0.60
CA ILE A 52 4.50 -0.09 1.95
C ILE A 52 5.77 0.53 2.55
N ASP A 53 6.90 0.16 1.95
CA ASP A 53 8.18 0.67 2.41
C ASP A 53 8.05 2.16 2.75
N GLN A 54 7.23 2.84 1.98
CA GLN A 54 7.01 4.25 2.18
C GLN A 54 6.33 4.50 3.53
N LEU A 55 5.06 4.12 3.59
CA LEU A 55 4.29 4.28 4.81
C LEU A 55 5.13 3.82 6.01
N LEU A 56 5.89 2.76 5.78
CA LEU A 56 6.74 2.21 6.81
C LEU A 56 7.58 3.33 7.44
N GLN A 57 8.46 3.88 6.61
CA GLN A 57 9.33 4.97 7.06
C GLN A 57 8.50 6.08 7.71
N MET A 58 7.53 6.57 6.95
CA MET A 58 6.66 7.62 7.44
C MET A 58 6.29 7.40 8.89
N ASN A 59 5.85 6.18 9.19
CA ASN A 59 5.47 5.82 10.54
C ASN A 59 6.72 5.60 11.38
N LEU A 60 7.65 4.85 10.82
CA LEU A 60 8.89 4.55 11.50
C LEU A 60 9.49 5.85 12.05
N GLU A 61 9.71 6.78 11.15
CA GLU A 61 10.28 8.07 11.53
C GLU A 61 9.19 8.98 12.10
N SER A 62 9.18 9.06 13.42
CA SER A 62 8.19 9.89 14.11
C SER A 62 8.38 9.76 15.63
N GLY A 63 8.28 8.53 16.11
CA GLY A 63 8.44 8.26 17.52
C GLY A 63 8.88 6.82 17.77
N PRO A 64 8.38 6.25 18.90
CA PRO A 64 8.72 4.89 19.26
C PRO A 64 7.96 3.89 18.37
N SER A 65 8.64 2.78 18.08
CA SER A 65 8.04 1.75 17.26
C SER A 65 9.03 0.59 17.08
N SER A 66 10.19 0.92 16.55
CA SER A 66 11.23 -0.08 16.33
C SER A 66 12.55 0.61 15.97
N GLY A 67 13.61 -0.18 16.00
CA GLY A 67 14.94 0.33 15.68
C GLY A 67 15.15 0.39 14.16
N GLY A 1 24.71 -4.19 21.69
CA GLY A 1 24.95 -5.13 20.62
C GLY A 1 23.72 -6.01 20.38
N SER A 2 23.68 -7.12 21.12
CA SER A 2 22.57 -8.05 21.00
C SER A 2 22.53 -8.64 19.59
N SER A 3 22.31 -9.94 19.52
CA SER A 3 22.24 -10.62 18.24
C SER A 3 20.86 -11.27 18.07
N GLY A 4 20.48 -11.42 16.81
CA GLY A 4 19.19 -12.02 16.49
C GLY A 4 18.05 -11.22 17.12
N SER A 5 16.90 -11.88 17.25
CA SER A 5 15.73 -11.25 17.83
C SER A 5 15.28 -10.06 16.97
N SER A 6 14.05 -10.13 16.51
CA SER A 6 13.50 -9.08 15.68
C SER A 6 14.54 -8.62 14.65
N GLY A 7 14.57 -9.32 13.53
CA GLY A 7 15.50 -8.99 12.46
C GLY A 7 14.98 -9.46 11.11
N ARG A 8 15.81 -10.21 10.41
CA ARG A 8 15.45 -10.72 9.09
C ARG A 8 15.05 -9.57 8.17
N PRO A 9 15.03 -9.89 6.85
CA PRO A 9 14.66 -8.89 5.85
C PRO A 9 13.16 -8.64 5.85
N ALA A 10 12.76 -7.64 5.07
CA ALA A 10 11.35 -7.29 4.97
C ALA A 10 10.67 -8.19 3.94
N ARG A 11 9.51 -8.69 4.30
CA ARG A 11 8.75 -9.56 3.41
C ARG A 11 7.94 -8.72 2.42
N GLN A 12 7.80 -9.27 1.22
CA GLN A 12 7.05 -8.59 0.18
C GLN A 12 5.93 -9.49 -0.36
N VAL A 13 4.72 -8.95 -0.34
CA VAL A 13 3.57 -9.70 -0.81
C VAL A 13 3.10 -9.12 -2.15
N ARG A 14 3.03 -7.79 -2.20
CA ARG A 14 2.60 -7.10 -3.39
C ARG A 14 1.15 -7.44 -3.72
N ARG A 15 0.35 -6.39 -3.85
CA ARG A 15 -1.06 -6.55 -4.16
C ARG A 15 -1.38 -5.96 -5.53
N LEU A 16 -2.43 -6.50 -6.14
CA LEU A 16 -2.85 -6.03 -7.45
C LEU A 16 -4.03 -5.07 -7.29
N GLU A 17 -5.18 -5.64 -6.95
CA GLU A 17 -6.38 -4.84 -6.77
C GLU A 17 -6.05 -3.53 -6.03
N PHE A 18 -6.83 -2.52 -6.34
CA PHE A 18 -6.64 -1.21 -5.73
C PHE A 18 -7.48 -1.06 -4.47
N ASN A 19 -8.76 -1.35 -4.62
CA ASN A 19 -9.70 -1.26 -3.50
C ASN A 19 -9.14 -2.03 -2.32
N GLN A 20 -8.86 -3.31 -2.56
CA GLN A 20 -8.32 -4.18 -1.51
C GLN A 20 -7.06 -3.55 -0.92
N ALA A 21 -6.13 -3.22 -1.80
CA ALA A 21 -4.88 -2.62 -1.38
C ALA A 21 -5.15 -1.54 -0.31
N MET A 22 -5.87 -0.52 -0.73
CA MET A 22 -6.22 0.57 0.17
C MET A 22 -6.62 0.03 1.55
N ASP A 23 -7.42 -1.03 1.52
CA ASP A 23 -7.88 -1.64 2.76
C ASP A 23 -6.67 -2.09 3.58
N ASP A 24 -5.76 -2.80 2.91
CA ASP A 24 -4.56 -3.28 3.56
C ASP A 24 -3.86 -2.13 4.27
N PHE A 25 -3.66 -1.06 3.52
CA PHE A 25 -3.00 0.11 4.07
C PHE A 25 -3.80 0.71 5.23
N LYS A 26 -5.11 0.68 5.07
CA LYS A 26 -6.00 1.21 6.09
C LYS A 26 -5.77 0.45 7.40
N THR A 27 -5.62 -0.86 7.27
CA THR A 27 -5.39 -1.71 8.44
C THR A 27 -3.93 -1.63 8.87
N MET A 28 -3.05 -1.52 7.88
CA MET A 28 -1.62 -1.44 8.15
C MET A 28 -1.28 -0.16 8.91
N PHE A 29 -1.81 0.95 8.41
CA PHE A 29 -1.56 2.24 9.03
C PHE A 29 -2.87 3.02 9.19
N PRO A 30 -3.41 3.00 10.43
CA PRO A 30 -4.65 3.70 10.72
C PRO A 30 -4.41 5.22 10.81
N ASN A 31 -3.27 5.57 11.38
CA ASN A 31 -2.92 6.98 11.53
C ASN A 31 -2.87 7.64 10.16
N MET A 32 -2.54 6.83 9.15
CA MET A 32 -2.46 7.32 7.80
C MET A 32 -3.82 7.85 7.32
N ASP A 33 -3.77 8.60 6.22
CA ASP A 33 -4.98 9.18 5.67
C ASP A 33 -5.20 8.61 4.26
N TYR A 34 -6.46 8.28 3.98
CA TYR A 34 -6.82 7.73 2.68
C TYR A 34 -6.16 8.53 1.55
N ASP A 35 -5.96 9.82 1.82
CA ASP A 35 -5.35 10.69 0.83
C ASP A 35 -3.84 10.44 0.79
N ILE A 36 -3.28 10.26 1.99
CA ILE A 36 -1.85 10.00 2.11
C ILE A 36 -1.53 8.64 1.51
N ILE A 37 -2.24 7.63 1.98
CA ILE A 37 -2.04 6.27 1.50
C ILE A 37 -1.95 6.29 -0.03
N GLU A 38 -3.04 6.74 -0.66
CA GLU A 38 -3.09 6.80 -2.10
C GLU A 38 -1.95 7.65 -2.64
N CYS A 39 -1.76 8.80 -2.00
CA CYS A 39 -0.69 9.72 -2.39
C CYS A 39 0.55 8.90 -2.72
N VAL A 40 0.90 8.01 -1.79
CA VAL A 40 2.06 7.17 -1.95
C VAL A 40 1.87 6.27 -3.17
N LEU A 41 0.71 5.63 -3.22
CA LEU A 41 0.39 4.74 -4.33
C LEU A 41 0.74 5.44 -5.65
N ARG A 42 0.25 6.65 -5.80
CA ARG A 42 0.52 7.43 -7.00
C ARG A 42 1.96 7.94 -7.00
N ALA A 43 2.38 8.43 -5.85
CA ALA A 43 3.74 8.95 -5.71
C ALA A 43 4.73 7.86 -6.10
N ASN A 44 4.30 6.62 -5.93
CA ASN A 44 5.14 5.49 -6.26
C ASN A 44 4.74 4.92 -7.63
N SER A 45 3.53 5.27 -8.03
CA SER A 45 3.00 4.82 -9.31
C SER A 45 2.61 3.35 -9.22
N GLY A 46 1.39 3.12 -8.71
CA GLY A 46 0.89 1.77 -8.56
C GLY A 46 2.00 0.80 -8.15
N ALA A 47 2.23 0.75 -6.84
CA ALA A 47 3.26 -0.12 -6.30
C ALA A 47 3.06 -0.28 -4.80
N VAL A 48 2.33 -1.33 -4.44
CA VAL A 48 2.06 -1.60 -3.03
C VAL A 48 3.37 -1.91 -2.32
N ASP A 49 4.04 -2.94 -2.79
CA ASP A 49 5.31 -3.35 -2.21
C ASP A 49 6.12 -2.11 -1.85
N ALA A 50 6.06 -1.12 -2.73
CA ALA A 50 6.78 0.12 -2.51
C ALA A 50 5.98 1.01 -1.56
N THR A 51 4.75 1.30 -1.96
CA THR A 51 3.87 2.13 -1.16
C THR A 51 3.95 1.73 0.32
N ILE A 52 4.30 0.46 0.54
CA ILE A 52 4.42 -0.06 1.88
C ILE A 52 5.67 0.52 2.54
N ASP A 53 6.82 0.12 2.00
CA ASP A 53 8.09 0.59 2.52
C ASP A 53 7.97 2.07 2.89
N GLN A 54 7.25 2.80 2.06
CA GLN A 54 7.06 4.22 2.28
C GLN A 54 6.38 4.46 3.63
N LEU A 55 5.11 4.07 3.68
CA LEU A 55 4.33 4.23 4.90
C LEU A 55 5.13 3.70 6.09
N LEU A 56 5.81 2.60 5.84
CA LEU A 56 6.62 1.97 6.89
C LEU A 56 7.52 3.03 7.53
N GLN A 57 8.45 3.54 6.75
CA GLN A 57 9.37 4.55 7.23
C GLN A 57 8.59 5.74 7.82
N MET A 58 7.66 6.25 7.02
CA MET A 58 6.85 7.38 7.45
C MET A 58 6.41 7.21 8.91
N ASN A 59 6.06 5.99 9.25
CA ASN A 59 5.63 5.69 10.60
C ASN A 59 6.84 5.68 11.54
N LEU A 60 7.93 5.11 11.04
CA LEU A 60 9.16 5.04 11.81
C LEU A 60 9.61 6.47 12.17
N GLU A 61 10.00 7.20 11.13
CA GLU A 61 10.46 8.57 11.32
C GLU A 61 11.62 8.60 12.33
N SER A 62 12.76 8.10 11.87
CA SER A 62 13.95 8.08 12.72
C SER A 62 13.74 7.11 13.88
N GLY A 63 14.85 6.64 14.43
CA GLY A 63 14.81 5.72 15.54
C GLY A 63 15.72 4.51 15.28
N PRO A 64 15.66 3.53 16.22
CA PRO A 64 16.47 2.33 16.10
C PRO A 64 15.91 1.39 15.02
N SER A 65 16.15 1.77 13.78
CA SER A 65 15.68 0.97 12.65
C SER A 65 16.65 -0.18 12.39
N SER A 66 16.14 -1.39 12.52
CA SER A 66 16.93 -2.58 12.29
C SER A 66 16.35 -3.40 11.15
N GLY A 67 17.22 -4.14 10.48
CA GLY A 67 16.81 -4.97 9.37
C GLY A 67 16.52 -4.12 8.12
N GLY A 1 25.45 -20.77 17.68
CA GLY A 1 25.69 -20.53 16.27
C GLY A 1 24.77 -21.37 15.39
N SER A 2 23.81 -20.69 14.78
CA SER A 2 22.85 -21.37 13.91
C SER A 2 22.44 -20.43 12.76
N SER A 3 21.86 -21.04 11.74
CA SER A 3 21.41 -20.28 10.58
C SER A 3 19.88 -20.25 10.53
N GLY A 4 19.35 -19.07 10.23
CA GLY A 4 17.92 -18.89 10.15
C GLY A 4 17.57 -17.60 9.40
N SER A 5 16.38 -17.61 8.81
CA SER A 5 15.92 -16.45 8.05
C SER A 5 14.41 -16.29 8.24
N SER A 6 14.02 -15.07 8.62
CA SER A 6 12.62 -14.77 8.82
C SER A 6 12.06 -13.99 7.63
N GLY A 7 10.81 -14.24 7.33
CA GLY A 7 10.15 -13.57 6.22
C GLY A 7 10.47 -14.27 4.89
N ARG A 8 9.42 -14.71 4.22
CA ARG A 8 9.59 -15.39 2.95
C ARG A 8 9.17 -14.47 1.80
N PRO A 9 9.75 -14.74 0.60
CA PRO A 9 9.45 -13.94 -0.58
C PRO A 9 8.06 -14.29 -1.13
N ALA A 10 7.48 -13.33 -1.84
CA ALA A 10 6.18 -13.53 -2.43
C ALA A 10 6.31 -14.29 -3.75
N ARG A 11 5.66 -15.44 -3.80
CA ARG A 11 5.70 -16.26 -5.00
C ARG A 11 4.29 -16.50 -5.53
N GLN A 12 3.44 -17.04 -4.65
CA GLN A 12 2.07 -17.32 -5.02
C GLN A 12 1.49 -16.17 -5.84
N VAL A 13 1.50 -14.98 -5.24
CA VAL A 13 0.99 -13.80 -5.90
C VAL A 13 -0.51 -13.99 -6.18
N ARG A 14 -1.30 -13.12 -5.56
CA ARG A 14 -2.74 -13.18 -5.73
C ARG A 14 -3.23 -11.97 -6.52
N ARG A 15 -4.48 -12.05 -6.96
CA ARG A 15 -5.08 -10.97 -7.72
C ARG A 15 -4.81 -9.62 -7.04
N LEU A 16 -4.94 -8.56 -7.83
CA LEU A 16 -4.71 -7.22 -7.32
C LEU A 16 -6.01 -6.41 -7.42
N GLU A 17 -6.02 -5.29 -6.72
CA GLU A 17 -7.18 -4.42 -6.72
C GLU A 17 -6.86 -3.10 -6.01
N PHE A 18 -7.71 -2.12 -6.27
CA PHE A 18 -7.52 -0.80 -5.67
C PHE A 18 -8.30 -0.69 -4.35
N ASN A 19 -9.62 -0.79 -4.45
CA ASN A 19 -10.47 -0.71 -3.28
C ASN A 19 -9.88 -1.58 -2.16
N GLN A 20 -9.46 -2.78 -2.56
CA GLN A 20 -8.89 -3.71 -1.59
C GLN A 20 -7.55 -3.18 -1.08
N ALA A 21 -6.71 -2.78 -2.01
CA ALA A 21 -5.40 -2.24 -1.67
C ALA A 21 -5.53 -1.30 -0.48
N MET A 22 -6.34 -0.26 -0.68
CA MET A 22 -6.56 0.72 0.37
C MET A 22 -6.94 0.05 1.69
N ASP A 23 -7.79 -0.96 1.58
CA ASP A 23 -8.24 -1.69 2.75
C ASP A 23 -7.02 -2.29 3.47
N ASP A 24 -6.13 -2.87 2.67
CA ASP A 24 -4.93 -3.48 3.21
C ASP A 24 -4.15 -2.43 4.02
N PHE A 25 -3.92 -1.30 3.39
CA PHE A 25 -3.19 -0.22 4.04
C PHE A 25 -3.97 0.31 5.25
N LYS A 26 -5.26 0.50 5.04
CA LYS A 26 -6.13 1.00 6.10
C LYS A 26 -5.91 0.17 7.36
N THR A 27 -5.87 -1.14 7.18
CA THR A 27 -5.67 -2.04 8.29
C THR A 27 -4.22 -1.99 8.77
N MET A 28 -3.30 -1.86 7.81
CA MET A 28 -1.89 -1.79 8.12
C MET A 28 -1.57 -0.54 8.92
N PHE A 29 -2.07 0.58 8.44
CA PHE A 29 -1.85 1.86 9.11
C PHE A 29 -3.15 2.64 9.27
N PRO A 30 -3.72 2.57 10.51
CA PRO A 30 -4.96 3.25 10.81
C PRO A 30 -4.73 4.76 10.94
N ASN A 31 -3.60 5.11 11.53
CA ASN A 31 -3.25 6.50 11.74
C ASN A 31 -3.16 7.20 10.38
N MET A 32 -2.69 6.45 9.39
CA MET A 32 -2.55 6.99 8.06
C MET A 32 -3.87 7.57 7.55
N ASP A 33 -3.79 8.24 6.41
CA ASP A 33 -4.96 8.85 5.82
C ASP A 33 -5.10 8.38 4.37
N TYR A 34 -6.34 8.09 4.00
CA TYR A 34 -6.63 7.63 2.65
C TYR A 34 -5.91 8.49 1.61
N ASP A 35 -5.79 9.77 1.93
CA ASP A 35 -5.13 10.71 1.04
C ASP A 35 -3.63 10.43 1.03
N ILE A 36 -3.12 10.09 2.20
CA ILE A 36 -1.69 9.80 2.33
C ILE A 36 -1.39 8.46 1.65
N ILE A 37 -2.11 7.43 2.10
CA ILE A 37 -1.92 6.10 1.54
C ILE A 37 -1.88 6.19 0.01
N GLU A 38 -2.89 6.85 -0.54
CA GLU A 38 -2.98 7.01 -1.98
C GLU A 38 -1.79 7.82 -2.50
N CYS A 39 -1.55 8.94 -1.83
CA CYS A 39 -0.44 9.80 -2.21
C CYS A 39 0.77 8.93 -2.53
N VAL A 40 1.09 8.04 -1.61
CA VAL A 40 2.22 7.14 -1.80
C VAL A 40 1.96 6.25 -3.01
N LEU A 41 0.78 5.66 -3.02
CA LEU A 41 0.39 4.78 -4.12
C LEU A 41 0.79 5.43 -5.45
N ARG A 42 0.36 6.67 -5.61
CA ARG A 42 0.65 7.41 -6.84
C ARG A 42 2.12 7.86 -6.84
N ALA A 43 2.52 8.48 -5.74
CA ALA A 43 3.88 8.95 -5.60
C ALA A 43 4.85 7.88 -6.10
N ASN A 44 4.44 6.63 -5.92
CA ASN A 44 5.26 5.51 -6.36
C ASN A 44 4.75 5.00 -7.71
N SER A 45 3.46 5.22 -7.93
CA SER A 45 2.84 4.78 -9.18
C SER A 45 2.41 3.32 -9.08
N GLY A 46 1.21 3.13 -8.55
CA GLY A 46 0.67 1.78 -8.39
C GLY A 46 1.78 0.80 -7.99
N ALA A 47 2.17 0.88 -6.73
CA ALA A 47 3.20 0.00 -6.21
C ALA A 47 2.99 -0.20 -4.71
N VAL A 48 2.31 -1.29 -4.39
CA VAL A 48 2.02 -1.61 -3.00
C VAL A 48 3.34 -1.93 -2.28
N ASP A 49 4.01 -2.96 -2.78
CA ASP A 49 5.27 -3.38 -2.20
C ASP A 49 6.10 -2.15 -1.83
N ALA A 50 5.91 -1.10 -2.63
CA ALA A 50 6.64 0.14 -2.40
C ALA A 50 5.85 1.01 -1.42
N THR A 51 4.61 1.30 -1.79
CA THR A 51 3.74 2.12 -0.96
C THR A 51 3.87 1.71 0.50
N ILE A 52 4.19 0.44 0.71
CA ILE A 52 4.35 -0.08 2.06
C ILE A 52 5.60 0.51 2.68
N ASP A 53 6.75 0.09 2.16
CA ASP A 53 8.02 0.57 2.66
C ASP A 53 7.92 2.07 2.96
N GLN A 54 7.20 2.76 2.08
CA GLN A 54 7.02 4.19 2.24
C GLN A 54 6.31 4.49 3.57
N LEU A 55 5.04 4.14 3.62
CA LEU A 55 4.25 4.36 4.82
C LEU A 55 5.03 3.89 6.04
N LEU A 56 5.79 2.83 5.85
CA LEU A 56 6.59 2.27 6.92
C LEU A 56 7.54 3.35 7.45
N GLN A 57 8.54 3.65 6.64
CA GLN A 57 9.52 4.65 7.00
C GLN A 57 8.82 5.92 7.52
N MET A 58 7.99 6.49 6.67
CA MET A 58 7.25 7.69 7.02
C MET A 58 6.82 7.65 8.49
N ASN A 59 6.19 6.55 8.85
CA ASN A 59 5.71 6.37 10.21
C ASN A 59 6.92 6.25 11.15
N LEU A 60 7.90 5.48 10.71
CA LEU A 60 9.10 5.28 11.50
C LEU A 60 9.69 6.64 11.89
N GLU A 61 10.15 7.37 10.88
CA GLU A 61 10.74 8.67 11.09
C GLU A 61 11.96 8.56 12.00
N SER A 62 13.04 8.04 11.42
CA SER A 62 14.27 7.87 12.16
C SER A 62 15.26 8.96 11.76
N GLY A 63 15.57 9.02 10.47
CA GLY A 63 16.50 10.00 9.95
C GLY A 63 16.26 11.37 10.60
N PRO A 64 17.33 12.21 10.57
CA PRO A 64 17.25 13.54 11.15
C PRO A 64 16.44 14.47 10.25
N SER A 65 15.22 14.75 10.68
CA SER A 65 14.34 15.62 9.93
C SER A 65 13.79 16.72 10.84
N SER A 66 13.01 16.29 11.82
CA SER A 66 12.42 17.22 12.77
C SER A 66 13.39 17.46 13.95
N GLY A 67 13.91 18.67 13.99
CA GLY A 67 14.83 19.05 15.06
C GLY A 67 15.68 20.25 14.65
N GLY A 1 -11.84 -10.79 -33.40
CA GLY A 1 -11.89 -9.74 -32.40
C GLY A 1 -13.11 -8.83 -32.60
N SER A 2 -13.18 -7.80 -31.78
CA SER A 2 -14.28 -6.86 -31.87
C SER A 2 -13.92 -5.56 -31.14
N SER A 3 -13.91 -4.47 -31.90
CA SER A 3 -13.58 -3.17 -31.34
C SER A 3 -12.15 -3.18 -30.80
N GLY A 4 -12.03 -3.49 -29.52
CA GLY A 4 -10.73 -3.54 -28.88
C GLY A 4 -9.96 -4.80 -29.28
N SER A 5 -8.92 -4.58 -30.07
CA SER A 5 -8.09 -5.68 -30.54
C SER A 5 -6.68 -5.56 -29.96
N SER A 6 -6.27 -6.61 -29.28
CA SER A 6 -4.95 -6.64 -28.66
C SER A 6 -4.08 -7.69 -29.36
N GLY A 7 -4.52 -8.94 -29.27
CA GLY A 7 -3.78 -10.03 -29.88
C GLY A 7 -3.85 -11.29 -29.01
N ARG A 8 -2.73 -12.00 -28.99
CA ARG A 8 -2.65 -13.22 -28.20
C ARG A 8 -2.60 -12.89 -26.71
N PRO A 9 -3.08 -13.87 -25.89
CA PRO A 9 -3.10 -13.69 -24.44
C PRO A 9 -1.69 -13.84 -23.85
N ALA A 10 -1.27 -12.80 -23.14
CA ALA A 10 0.05 -12.80 -22.53
C ALA A 10 -0.04 -12.10 -21.17
N ARG A 11 -0.32 -10.82 -21.21
CA ARG A 11 -0.42 -10.03 -19.99
C ARG A 11 -1.63 -9.08 -20.08
N GLN A 12 -2.50 -9.19 -19.09
CA GLN A 12 -3.69 -8.35 -19.04
C GLN A 12 -4.01 -7.99 -17.60
N VAL A 13 -3.59 -6.80 -17.21
CA VAL A 13 -3.83 -6.32 -15.86
C VAL A 13 -5.26 -5.79 -15.76
N ARG A 14 -5.54 -4.76 -16.55
CA ARG A 14 -6.86 -4.16 -16.56
C ARG A 14 -7.08 -3.34 -15.29
N ARG A 15 -6.95 -4.01 -14.15
CA ARG A 15 -7.13 -3.35 -12.87
C ARG A 15 -8.50 -2.68 -12.81
N LEU A 16 -9.46 -3.39 -12.26
CA LEU A 16 -10.81 -2.87 -12.13
C LEU A 16 -10.84 -1.81 -11.02
N GLU A 17 -10.61 -2.28 -9.80
CA GLU A 17 -10.60 -1.39 -8.65
C GLU A 17 -9.55 -1.84 -7.63
N PHE A 18 -9.03 -0.87 -6.91
CA PHE A 18 -8.02 -1.15 -5.91
C PHE A 18 -8.54 -0.84 -4.50
N ASN A 19 -9.61 -1.53 -4.14
CA ASN A 19 -10.22 -1.35 -2.83
C ASN A 19 -9.45 -2.16 -1.80
N GLN A 20 -9.34 -3.46 -2.07
CA GLN A 20 -8.64 -4.36 -1.17
C GLN A 20 -7.33 -3.73 -0.71
N ALA A 21 -6.58 -3.21 -1.66
CA ALA A 21 -5.31 -2.59 -1.37
C ALA A 21 -5.52 -1.49 -0.32
N MET A 22 -6.33 -0.52 -0.70
CA MET A 22 -6.63 0.60 0.20
C MET A 22 -6.99 0.09 1.59
N ASP A 23 -7.85 -0.91 1.63
CA ASP A 23 -8.28 -1.48 2.89
C ASP A 23 -7.07 -2.04 3.63
N ASP A 24 -6.18 -2.67 2.87
CA ASP A 24 -4.97 -3.24 3.44
C ASP A 24 -4.17 -2.14 4.16
N PHE A 25 -3.95 -1.06 3.43
CA PHE A 25 -3.21 0.07 3.98
C PHE A 25 -3.92 0.65 5.21
N LYS A 26 -5.23 0.69 5.12
CA LYS A 26 -6.04 1.22 6.21
C LYS A 26 -5.74 0.43 7.48
N THR A 27 -5.79 -0.89 7.35
CA THR A 27 -5.53 -1.77 8.48
C THR A 27 -4.05 -1.74 8.84
N MET A 28 -3.22 -1.67 7.81
CA MET A 28 -1.79 -1.64 8.01
C MET A 28 -1.36 -0.37 8.76
N PHE A 29 -1.86 0.76 8.28
CA PHE A 29 -1.55 2.03 8.88
C PHE A 29 -2.83 2.85 9.13
N PRO A 30 -3.27 2.83 10.42
CA PRO A 30 -4.47 3.56 10.80
C PRO A 30 -4.19 5.07 10.87
N ASN A 31 -2.98 5.39 11.31
CA ASN A 31 -2.57 6.78 11.43
C ASN A 31 -2.51 7.42 10.04
N MET A 32 -2.30 6.57 9.05
CA MET A 32 -2.22 7.03 7.67
C MET A 32 -3.54 7.66 7.22
N ASP A 33 -3.44 8.53 6.23
CA ASP A 33 -4.62 9.19 5.70
C ASP A 33 -4.98 8.59 4.34
N TYR A 34 -6.26 8.32 4.17
CA TYR A 34 -6.75 7.74 2.92
C TYR A 34 -6.15 8.46 1.72
N ASP A 35 -5.84 9.74 1.92
CA ASP A 35 -5.26 10.55 0.86
C ASP A 35 -3.78 10.20 0.70
N ILE A 36 -3.07 10.26 1.82
CA ILE A 36 -1.65 9.95 1.82
C ILE A 36 -1.44 8.57 1.19
N ILE A 37 -2.09 7.58 1.77
CA ILE A 37 -1.99 6.22 1.28
C ILE A 37 -2.00 6.23 -0.24
N GLU A 38 -3.11 6.68 -0.80
CA GLU A 38 -3.26 6.75 -2.24
C GLU A 38 -2.17 7.62 -2.85
N CYS A 39 -1.94 8.76 -2.21
CA CYS A 39 -0.92 9.70 -2.66
C CYS A 39 0.33 8.90 -3.02
N VAL A 40 0.81 8.14 -2.05
CA VAL A 40 2.00 7.32 -2.24
C VAL A 40 1.75 6.34 -3.39
N LEU A 41 0.62 5.65 -3.31
CA LEU A 41 0.26 4.68 -4.32
C LEU A 41 0.55 5.26 -5.71
N ARG A 42 -0.02 6.44 -5.95
CA ARG A 42 0.16 7.11 -7.23
C ARG A 42 1.58 7.67 -7.33
N ALA A 43 1.99 8.36 -6.27
CA ALA A 43 3.32 8.96 -6.23
C ALA A 43 4.35 7.91 -6.67
N ASN A 44 4.21 6.72 -6.11
CA ASN A 44 5.12 5.63 -6.43
C ASN A 44 4.71 5.01 -7.77
N SER A 45 3.44 5.17 -8.09
CA SER A 45 2.91 4.63 -9.33
C SER A 45 2.50 3.17 -9.14
N GLY A 46 1.33 2.99 -8.52
CA GLY A 46 0.82 1.66 -8.27
C GLY A 46 1.94 0.71 -7.88
N ALA A 47 2.30 0.75 -6.60
CA ALA A 47 3.36 -0.10 -6.08
C ALA A 47 3.19 -0.25 -4.57
N VAL A 48 2.49 -1.30 -4.18
CA VAL A 48 2.26 -1.57 -2.77
C VAL A 48 3.61 -1.75 -2.06
N ASP A 49 4.33 -2.76 -2.52
CA ASP A 49 5.63 -3.06 -1.93
C ASP A 49 6.36 -1.75 -1.62
N ALA A 50 6.24 -0.81 -2.55
CA ALA A 50 6.88 0.48 -2.38
C ALA A 50 6.05 1.33 -1.42
N THR A 51 4.77 1.45 -1.74
CA THR A 51 3.86 2.23 -0.91
C THR A 51 3.96 1.79 0.55
N ILE A 52 4.47 0.58 0.74
CA ILE A 52 4.61 0.04 2.08
C ILE A 52 5.85 0.66 2.74
N ASP A 53 7.01 0.33 2.19
CA ASP A 53 8.26 0.84 2.72
C ASP A 53 8.08 2.31 3.10
N GLN A 54 7.65 3.09 2.13
CA GLN A 54 7.43 4.52 2.35
C GLN A 54 6.74 4.74 3.70
N LEU A 55 5.47 4.37 3.76
CA LEU A 55 4.69 4.53 4.97
C LEU A 55 5.43 3.84 6.13
N LEU A 56 5.96 2.67 5.84
CA LEU A 56 6.69 1.90 6.84
C LEU A 56 7.64 2.84 7.59
N GLN A 57 8.67 3.27 6.90
CA GLN A 57 9.66 4.17 7.49
C GLN A 57 8.97 5.40 8.08
N MET A 58 8.24 6.10 7.21
CA MET A 58 7.53 7.29 7.63
C MET A 58 6.94 7.12 9.03
N ASN A 59 6.29 5.99 9.23
CA ASN A 59 5.68 5.68 10.52
C ASN A 59 6.77 5.55 11.57
N LEU A 60 7.78 4.75 11.26
CA LEU A 60 8.88 4.53 12.17
C LEU A 60 9.32 5.87 12.76
N GLU A 61 9.75 6.76 11.88
CA GLU A 61 10.19 8.08 12.29
C GLU A 61 11.43 7.96 13.19
N SER A 62 12.48 8.68 12.80
CA SER A 62 13.72 8.66 13.54
C SER A 62 14.21 7.22 13.71
N GLY A 63 15.43 7.10 14.23
CA GLY A 63 16.02 5.79 14.45
C GLY A 63 16.03 5.44 15.94
N PRO A 64 17.11 4.70 16.34
CA PRO A 64 17.25 4.30 17.74
C PRO A 64 17.68 5.48 18.61
N SER A 65 16.69 6.20 19.11
CA SER A 65 16.95 7.35 19.97
C SER A 65 15.86 7.47 21.04
N SER A 66 14.64 7.68 20.56
CA SER A 66 13.50 7.81 21.46
C SER A 66 13.68 9.05 22.33
N GLY A 67 12.68 9.92 22.27
CA GLY A 67 12.70 11.15 23.04
C GLY A 67 11.36 11.39 23.75
N GLY A 1 -8.95 -23.76 -11.76
CA GLY A 1 -9.97 -22.73 -11.77
C GLY A 1 -10.29 -22.27 -13.19
N SER A 2 -11.20 -21.31 -13.28
CA SER A 2 -11.59 -20.77 -14.58
C SER A 2 -11.04 -19.36 -14.75
N SER A 3 -11.11 -18.87 -15.98
CA SER A 3 -10.62 -17.53 -16.28
C SER A 3 -11.66 -16.49 -15.85
N GLY A 4 -12.85 -16.61 -16.42
CA GLY A 4 -13.93 -15.70 -16.10
C GLY A 4 -15.24 -16.13 -16.76
N SER A 5 -16.29 -15.39 -16.47
CA SER A 5 -17.60 -15.68 -17.03
C SER A 5 -18.55 -14.52 -16.77
N SER A 6 -18.75 -14.23 -15.49
CA SER A 6 -19.63 -13.15 -15.09
C SER A 6 -18.84 -11.85 -14.98
N GLY A 7 -19.53 -10.75 -15.30
CA GLY A 7 -18.91 -9.44 -15.24
C GLY A 7 -18.77 -8.97 -13.79
N ARG A 8 -18.45 -7.69 -13.65
CA ARG A 8 -18.29 -7.09 -12.34
C ARG A 8 -18.57 -5.59 -12.38
N PRO A 9 -18.86 -5.02 -11.18
CA PRO A 9 -19.14 -3.60 -11.09
C PRO A 9 -17.86 -2.77 -11.20
N ALA A 10 -18.04 -1.46 -11.14
CA ALA A 10 -16.90 -0.55 -11.24
C ALA A 10 -16.27 -0.69 -12.63
N ARG A 11 -16.00 0.44 -13.24
CA ARG A 11 -15.39 0.46 -14.57
C ARG A 11 -14.14 -0.41 -14.58
N GLN A 12 -13.79 -0.87 -15.78
CA GLN A 12 -12.62 -1.72 -15.95
C GLN A 12 -12.32 -1.93 -17.44
N VAL A 13 -11.03 -2.04 -17.73
CA VAL A 13 -10.61 -2.24 -19.11
C VAL A 13 -10.23 -3.72 -19.31
N ARG A 14 -9.89 -4.36 -18.20
CA ARG A 14 -9.51 -5.76 -18.24
C ARG A 14 -9.54 -6.36 -16.83
N ARG A 15 -8.74 -5.76 -15.96
CA ARG A 15 -8.67 -6.23 -14.58
C ARG A 15 -7.73 -5.34 -13.77
N LEU A 16 -8.30 -4.59 -12.85
CA LEU A 16 -7.53 -3.70 -12.01
C LEU A 16 -8.07 -3.74 -10.58
N GLU A 17 -7.18 -3.57 -9.62
CA GLU A 17 -7.56 -3.59 -8.23
C GLU A 17 -6.90 -2.43 -7.47
N PHE A 18 -7.71 -1.71 -6.73
CA PHE A 18 -7.21 -0.57 -5.97
C PHE A 18 -8.01 -0.39 -4.67
N ASN A 19 -9.33 -0.46 -4.80
CA ASN A 19 -10.21 -0.31 -3.66
C ASN A 19 -9.74 -1.25 -2.54
N GLN A 20 -9.47 -2.49 -2.92
CA GLN A 20 -9.02 -3.48 -1.96
C GLN A 20 -7.70 -3.04 -1.32
N ALA A 21 -6.78 -2.60 -2.16
CA ALA A 21 -5.49 -2.14 -1.70
C ALA A 21 -5.68 -1.21 -0.49
N MET A 22 -6.52 -0.20 -0.71
CA MET A 22 -6.80 0.77 0.34
C MET A 22 -7.20 0.06 1.64
N ASP A 23 -8.11 -0.89 1.50
CA ASP A 23 -8.58 -1.65 2.66
C ASP A 23 -7.38 -2.18 3.44
N ASP A 24 -6.42 -2.71 2.71
CA ASP A 24 -5.22 -3.25 3.32
C ASP A 24 -4.49 -2.14 4.07
N PHE A 25 -3.96 -1.20 3.31
CA PHE A 25 -3.24 -0.09 3.89
C PHE A 25 -3.97 0.48 5.11
N LYS A 26 -5.29 0.54 4.99
CA LYS A 26 -6.12 1.05 6.07
C LYS A 26 -5.83 0.25 7.34
N THR A 27 -5.84 -1.07 7.18
CA THR A 27 -5.59 -1.95 8.31
C THR A 27 -4.11 -1.92 8.69
N MET A 28 -3.27 -1.82 7.67
CA MET A 28 -1.83 -1.78 7.88
C MET A 28 -1.44 -0.58 8.74
N PHE A 29 -1.90 0.59 8.30
CA PHE A 29 -1.61 1.82 9.01
C PHE A 29 -2.88 2.66 9.21
N PRO A 30 -3.43 2.58 10.45
CA PRO A 30 -4.63 3.31 10.78
C PRO A 30 -4.33 4.80 10.98
N ASN A 31 -3.10 5.08 11.38
CA ASN A 31 -2.68 6.45 11.61
C ASN A 31 -2.60 7.18 10.26
N MET A 32 -2.52 6.39 9.20
CA MET A 32 -2.43 6.94 7.86
C MET A 32 -3.78 7.50 7.41
N ASP A 33 -3.76 8.21 6.29
CA ASP A 33 -4.98 8.80 5.75
C ASP A 33 -5.18 8.29 4.32
N TYR A 34 -6.45 8.05 4.00
CA TYR A 34 -6.79 7.56 2.68
C TYR A 34 -6.13 8.42 1.58
N ASP A 35 -5.94 9.69 1.91
CA ASP A 35 -5.32 10.61 0.97
C ASP A 35 -3.81 10.35 0.95
N ILE A 36 -3.27 10.04 2.11
CA ILE A 36 -1.85 9.79 2.23
C ILE A 36 -1.52 8.44 1.58
N ILE A 37 -2.30 7.43 1.95
CA ILE A 37 -2.10 6.10 1.40
C ILE A 37 -2.03 6.18 -0.13
N GLU A 38 -3.05 6.80 -0.70
CA GLU A 38 -3.12 6.95 -2.14
C GLU A 38 -1.94 7.79 -2.64
N CYS A 39 -1.70 8.88 -1.95
CA CYS A 39 -0.60 9.78 -2.31
C CYS A 39 0.63 8.92 -2.60
N VAL A 40 0.94 8.04 -1.66
CA VAL A 40 2.09 7.17 -1.80
C VAL A 40 1.88 6.26 -3.02
N LEU A 41 0.71 5.65 -3.08
CA LEU A 41 0.38 4.77 -4.18
C LEU A 41 0.82 5.41 -5.50
N ARG A 42 0.39 6.66 -5.68
CA ARG A 42 0.72 7.39 -6.89
C ARG A 42 2.18 7.86 -6.83
N ALA A 43 2.53 8.47 -5.71
CA ALA A 43 3.88 8.97 -5.52
C ALA A 43 4.88 7.88 -5.93
N ASN A 44 4.48 6.63 -5.69
CA ASN A 44 5.34 5.51 -6.02
C ASN A 44 4.96 4.99 -7.42
N SER A 45 3.72 5.24 -7.80
CA SER A 45 3.23 4.81 -9.10
C SER A 45 2.75 3.36 -9.03
N GLY A 46 1.55 3.20 -8.50
CA GLY A 46 0.97 1.87 -8.36
C GLY A 46 2.02 0.84 -7.99
N ALA A 47 2.25 0.72 -6.69
CA ALA A 47 3.23 -0.23 -6.18
C ALA A 47 3.07 -0.38 -4.66
N VAL A 48 2.32 -1.40 -4.29
CA VAL A 48 2.08 -1.66 -2.88
C VAL A 48 3.40 -1.98 -2.19
N ASP A 49 4.06 -3.02 -2.68
CA ASP A 49 5.33 -3.42 -2.11
C ASP A 49 6.17 -2.19 -1.78
N ALA A 50 5.96 -1.15 -2.58
CA ALA A 50 6.68 0.10 -2.38
C ALA A 50 5.89 0.99 -1.42
N THR A 51 4.64 1.24 -1.78
CA THR A 51 3.78 2.07 -0.97
C THR A 51 3.92 1.70 0.52
N ILE A 52 4.28 0.46 0.75
CA ILE A 52 4.45 -0.04 2.10
C ILE A 52 5.75 0.54 2.69
N ASP A 53 6.86 0.11 2.10
CA ASP A 53 8.17 0.56 2.54
C ASP A 53 8.09 2.06 2.86
N GLN A 54 7.31 2.76 2.06
CA GLN A 54 7.15 4.19 2.24
C GLN A 54 6.45 4.49 3.57
N LEU A 55 5.17 4.16 3.62
CA LEU A 55 4.38 4.39 4.82
C LEU A 55 5.16 3.88 6.03
N LEU A 56 5.95 2.85 5.80
CA LEU A 56 6.76 2.27 6.86
C LEU A 56 7.68 3.35 7.45
N GLN A 57 8.63 3.78 6.64
CA GLN A 57 9.57 4.80 7.06
C GLN A 57 8.83 6.02 7.61
N MET A 58 7.75 6.38 6.91
CA MET A 58 6.95 7.52 7.31
C MET A 58 6.55 7.41 8.78
N ASN A 59 6.38 6.18 9.22
CA ASN A 59 5.99 5.93 10.60
C ASN A 59 7.25 5.87 11.48
N LEU A 60 8.36 5.60 10.83
CA LEU A 60 9.64 5.51 11.54
C LEU A 60 10.31 6.89 11.54
N GLU A 61 11.63 6.87 11.57
CA GLU A 61 12.40 8.10 11.58
C GLU A 61 13.88 7.80 11.81
N SER A 62 14.53 7.36 10.74
CA SER A 62 15.95 7.03 10.83
C SER A 62 16.48 6.69 9.43
N GLY A 63 17.67 7.20 9.14
CA GLY A 63 18.30 6.95 7.86
C GLY A 63 18.24 5.47 7.49
N PRO A 64 18.35 5.19 6.16
CA PRO A 64 18.32 3.82 5.68
C PRO A 64 19.63 3.10 5.96
N SER A 65 19.51 1.89 6.48
CA SER A 65 20.68 1.10 6.81
C SER A 65 20.87 -0.01 5.76
N SER A 66 21.33 0.40 4.59
CA SER A 66 21.55 -0.53 3.51
C SER A 66 22.72 -0.08 2.65
N GLY A 67 23.25 -1.01 1.86
CA GLY A 67 24.37 -0.70 0.99
C GLY A 67 24.38 -1.63 -0.23
N GLY A 1 10.21 -6.20 -24.68
CA GLY A 1 9.53 -4.98 -24.26
C GLY A 1 10.34 -4.24 -23.20
N SER A 2 9.73 -4.08 -22.03
CA SER A 2 10.38 -3.40 -20.93
C SER A 2 9.72 -3.79 -19.61
N SER A 3 10.35 -3.39 -18.52
CA SER A 3 9.83 -3.68 -17.20
C SER A 3 8.39 -3.20 -17.08
N GLY A 4 7.59 -3.99 -16.38
CA GLY A 4 6.19 -3.66 -16.18
C GLY A 4 5.97 -2.97 -14.83
N SER A 5 5.47 -1.75 -14.90
CA SER A 5 5.20 -0.98 -13.69
C SER A 5 3.89 -0.22 -13.83
N SER A 6 3.84 0.62 -14.86
CA SER A 6 2.65 1.41 -15.12
C SER A 6 1.74 0.68 -16.11
N GLY A 7 0.47 0.57 -15.74
CA GLY A 7 -0.50 -0.10 -16.59
C GLY A 7 -0.49 0.48 -18.00
N ARG A 8 -0.99 1.71 -18.10
CA ARG A 8 -1.04 2.39 -19.38
C ARG A 8 -0.21 3.68 -19.34
N PRO A 9 0.06 4.23 -20.55
CA PRO A 9 0.84 5.46 -20.65
C PRO A 9 0.00 6.68 -20.26
N ALA A 10 0.22 7.13 -19.03
CA ALA A 10 -0.49 8.28 -18.52
C ALA A 10 -1.98 8.14 -18.88
N ARG A 11 -2.65 7.26 -18.16
CA ARG A 11 -4.06 7.03 -18.40
C ARG A 11 -4.65 6.17 -17.27
N GLN A 12 -5.89 6.47 -16.92
CA GLN A 12 -6.57 5.74 -15.87
C GLN A 12 -8.08 5.76 -16.10
N VAL A 13 -8.60 4.61 -16.53
CA VAL A 13 -10.02 4.48 -16.80
C VAL A 13 -10.73 3.95 -15.55
N ARG A 14 -11.97 4.35 -15.39
CA ARG A 14 -12.76 3.93 -14.25
C ARG A 14 -13.35 2.53 -14.50
N ARG A 15 -12.88 1.58 -13.72
CA ARG A 15 -13.34 0.20 -13.84
C ARG A 15 -12.63 -0.70 -12.85
N LEU A 16 -11.30 -0.69 -12.95
CA LEU A 16 -10.48 -1.51 -12.07
C LEU A 16 -10.74 -1.10 -10.62
N GLU A 17 -9.99 -0.09 -10.18
CA GLU A 17 -10.13 0.41 -8.82
C GLU A 17 -9.32 -0.45 -7.86
N PHE A 18 -8.72 0.21 -6.88
CA PHE A 18 -7.91 -0.48 -5.89
C PHE A 18 -8.37 -0.15 -4.48
N ASN A 19 -9.65 -0.43 -4.21
CA ASN A 19 -10.22 -0.17 -2.91
C ASN A 19 -9.60 -1.12 -1.88
N GLN A 20 -9.67 -2.41 -2.19
CA GLN A 20 -9.13 -3.43 -1.31
C GLN A 20 -7.75 -3.01 -0.80
N ALA A 21 -6.92 -2.56 -1.74
CA ALA A 21 -5.57 -2.13 -1.40
C ALA A 21 -5.64 -1.16 -0.22
N MET A 22 -6.52 -0.18 -0.35
CA MET A 22 -6.69 0.81 0.70
C MET A 22 -6.99 0.16 2.04
N ASP A 23 -7.89 -0.82 2.00
CA ASP A 23 -8.27 -1.53 3.20
C ASP A 23 -7.01 -2.08 3.89
N ASP A 24 -6.18 -2.74 3.10
CA ASP A 24 -4.95 -3.31 3.62
C ASP A 24 -4.16 -2.23 4.35
N PHE A 25 -3.91 -1.14 3.64
CA PHE A 25 -3.17 -0.03 4.21
C PHE A 25 -3.90 0.57 5.41
N LYS A 26 -5.20 0.72 5.25
CA LYS A 26 -6.03 1.27 6.30
C LYS A 26 -5.80 0.48 7.60
N THR A 27 -5.75 -0.83 7.45
CA THR A 27 -5.52 -1.70 8.59
C THR A 27 -4.04 -1.68 8.99
N MET A 28 -3.18 -1.61 7.99
CA MET A 28 -1.75 -1.58 8.23
C MET A 28 -1.35 -0.31 8.98
N PHE A 29 -1.85 0.81 8.48
CA PHE A 29 -1.55 2.10 9.10
C PHE A 29 -2.82 2.92 9.30
N PRO A 30 -3.32 2.91 10.56
CA PRO A 30 -4.52 3.66 10.90
C PRO A 30 -4.25 5.15 10.98
N ASN A 31 -3.05 5.48 11.48
CA ASN A 31 -2.66 6.86 11.61
C ASN A 31 -2.60 7.51 10.23
N MET A 32 -2.36 6.69 9.23
CA MET A 32 -2.28 7.16 7.86
C MET A 32 -3.61 7.77 7.42
N ASP A 33 -3.57 8.39 6.24
CA ASP A 33 -4.76 9.02 5.69
C ASP A 33 -5.01 8.48 4.29
N TYR A 34 -6.27 8.17 4.03
CA TYR A 34 -6.66 7.64 2.73
C TYR A 34 -6.03 8.45 1.60
N ASP A 35 -5.79 9.72 1.88
CA ASP A 35 -5.20 10.61 0.90
C ASP A 35 -3.69 10.32 0.81
N ILE A 36 -3.09 10.15 1.98
CA ILE A 36 -1.67 9.87 2.06
C ILE A 36 -1.38 8.51 1.42
N ILE A 37 -2.05 7.50 1.94
CA ILE A 37 -1.88 6.14 1.43
C ILE A 37 -1.86 6.18 -0.11
N GLU A 38 -2.90 6.77 -0.67
CA GLU A 38 -3.01 6.88 -2.10
C GLU A 38 -1.86 7.72 -2.67
N CYS A 39 -1.65 8.86 -2.03
CA CYS A 39 -0.58 9.76 -2.46
C CYS A 39 0.65 8.92 -2.79
N VAL A 40 1.04 8.09 -1.83
CA VAL A 40 2.20 7.23 -2.00
C VAL A 40 1.95 6.28 -3.18
N LEU A 41 0.78 5.67 -3.17
CA LEU A 41 0.41 4.74 -4.22
C LEU A 41 0.67 5.38 -5.58
N ARG A 42 0.12 6.57 -5.75
CA ARG A 42 0.29 7.30 -6.99
C ARG A 42 1.72 7.81 -7.12
N ALA A 43 2.26 8.27 -6.01
CA ALA A 43 3.62 8.78 -5.98
C ALA A 43 4.59 7.69 -6.47
N ASN A 44 4.46 6.52 -5.86
CA ASN A 44 5.30 5.40 -6.21
C ASN A 44 4.81 4.80 -7.53
N SER A 45 3.74 5.37 -8.04
CA SER A 45 3.16 4.91 -9.29
C SER A 45 2.59 3.50 -9.11
N GLY A 46 1.40 3.44 -8.55
CA GLY A 46 0.73 2.17 -8.32
C GLY A 46 1.74 1.09 -7.92
N ALA A 47 2.49 1.39 -6.86
CA ALA A 47 3.48 0.46 -6.37
C ALA A 47 3.23 0.19 -4.88
N VAL A 48 2.61 -0.95 -4.61
CA VAL A 48 2.31 -1.33 -3.25
C VAL A 48 3.61 -1.71 -2.54
N ASP A 49 4.26 -2.74 -3.07
CA ASP A 49 5.51 -3.22 -2.51
C ASP A 49 6.36 -2.01 -2.08
N ALA A 50 6.33 -0.98 -2.91
CA ALA A 50 7.09 0.22 -2.65
C ALA A 50 6.31 1.10 -1.67
N THR A 51 5.13 1.51 -2.11
CA THR A 51 4.27 2.35 -1.30
C THR A 51 4.31 1.89 0.16
N ILE A 52 4.55 0.60 0.34
CA ILE A 52 4.61 0.03 1.67
C ILE A 52 5.84 0.58 2.40
N ASP A 53 7.00 0.23 1.88
CA ASP A 53 8.25 0.69 2.48
C ASP A 53 8.13 2.17 2.83
N GLN A 54 7.40 2.89 2.00
CA GLN A 54 7.20 4.31 2.22
C GLN A 54 6.39 4.54 3.49
N LEU A 55 5.11 4.20 3.41
CA LEU A 55 4.22 4.38 4.55
C LEU A 55 4.90 3.84 5.81
N LEU A 56 5.73 2.81 5.62
CA LEU A 56 6.44 2.20 6.72
C LEU A 56 7.27 3.27 7.43
N GLN A 57 8.30 3.75 6.73
CA GLN A 57 9.18 4.76 7.27
C GLN A 57 8.36 5.90 7.89
N MET A 58 7.36 6.33 7.15
CA MET A 58 6.49 7.40 7.61
C MET A 58 6.01 7.14 9.04
N ASN A 59 6.04 5.87 9.42
CA ASN A 59 5.60 5.47 10.74
C ASN A 59 6.82 5.34 11.66
N LEU A 60 7.94 4.97 11.05
CA LEU A 60 9.18 4.82 11.80
C LEU A 60 9.40 6.05 12.68
N GLU A 61 9.37 7.20 12.03
CA GLU A 61 9.56 8.46 12.74
C GLU A 61 8.39 8.73 13.68
N SER A 62 7.19 8.59 13.13
CA SER A 62 5.98 8.82 13.91
C SER A 62 5.14 7.54 13.95
N GLY A 63 5.29 6.80 15.03
CA GLY A 63 4.55 5.56 15.20
C GLY A 63 5.47 4.44 15.68
N PRO A 64 5.11 3.86 16.85
CA PRO A 64 5.89 2.77 17.43
C PRO A 64 5.65 1.46 16.67
N SER A 65 6.41 1.29 15.60
CA SER A 65 6.30 0.09 14.78
C SER A 65 7.07 -1.05 15.43
N SER A 66 6.79 -2.26 14.95
CA SER A 66 7.44 -3.44 15.48
C SER A 66 7.46 -4.54 14.41
N GLY A 67 8.54 -4.58 13.66
CA GLY A 67 8.70 -5.57 12.60
C GLY A 67 9.66 -6.68 13.04
N GLY A 1 -7.90 21.46 -25.04
CA GLY A 1 -9.10 20.63 -25.09
C GLY A 1 -8.86 19.29 -24.40
N SER A 2 -9.84 18.91 -23.58
CA SER A 2 -9.75 17.64 -22.86
C SER A 2 -10.06 16.48 -23.79
N SER A 3 -9.01 15.74 -24.12
CA SER A 3 -9.16 14.60 -25.01
C SER A 3 -8.58 13.34 -24.34
N GLY A 4 -8.97 12.19 -24.88
CA GLY A 4 -8.50 10.92 -24.35
C GLY A 4 -9.36 10.48 -23.16
N SER A 5 -8.81 9.56 -22.39
CA SER A 5 -9.51 9.04 -21.23
C SER A 5 -10.82 8.36 -21.66
N SER A 6 -11.33 7.54 -20.76
CA SER A 6 -12.57 6.83 -21.03
C SER A 6 -13.30 6.53 -19.72
N GLY A 7 -12.58 5.88 -18.82
CA GLY A 7 -13.14 5.53 -17.52
C GLY A 7 -12.76 4.10 -17.13
N ARG A 8 -13.66 3.48 -16.37
CA ARG A 8 -13.43 2.11 -15.92
C ARG A 8 -14.38 1.15 -16.64
N PRO A 9 -13.83 -0.03 -17.02
CA PRO A 9 -14.62 -1.04 -17.71
C PRO A 9 -15.58 -1.74 -16.74
N ALA A 10 -16.27 -2.74 -17.27
CA ALA A 10 -17.23 -3.50 -16.48
C ALA A 10 -16.71 -4.92 -16.30
N ARG A 11 -16.15 -5.17 -15.12
CA ARG A 11 -15.61 -6.48 -14.81
C ARG A 11 -14.40 -6.78 -15.68
N GLN A 12 -13.23 -6.60 -15.09
CA GLN A 12 -11.98 -6.85 -15.79
C GLN A 12 -10.81 -6.93 -14.81
N VAL A 13 -10.61 -8.12 -14.27
CA VAL A 13 -9.54 -8.34 -13.31
C VAL A 13 -8.44 -9.18 -13.98
N ARG A 14 -7.21 -8.84 -13.65
CA ARG A 14 -6.06 -9.55 -14.20
C ARG A 14 -5.08 -9.91 -13.09
N ARG A 15 -4.67 -8.90 -12.35
CA ARG A 15 -3.73 -9.09 -11.26
C ARG A 15 -3.62 -7.81 -10.42
N LEU A 16 -3.31 -8.01 -9.14
CA LEU A 16 -3.17 -6.89 -8.22
C LEU A 16 -4.51 -6.14 -8.15
N GLU A 17 -4.70 -5.44 -7.04
CA GLU A 17 -5.91 -4.67 -6.84
C GLU A 17 -5.60 -3.34 -6.16
N PHE A 18 -6.56 -2.44 -6.21
CA PHE A 18 -6.40 -1.12 -5.63
C PHE A 18 -7.26 -0.98 -4.36
N ASN A 19 -8.53 -1.29 -4.52
CA ASN A 19 -9.46 -1.21 -3.40
C ASN A 19 -8.90 -1.99 -2.22
N GLN A 20 -8.56 -3.24 -2.47
CA GLN A 20 -8.02 -4.09 -1.43
C GLN A 20 -6.79 -3.43 -0.80
N ALA A 21 -5.86 -3.03 -1.65
CA ALA A 21 -4.64 -2.39 -1.19
C ALA A 21 -4.99 -1.35 -0.11
N MET A 22 -5.77 -0.36 -0.52
CA MET A 22 -6.18 0.69 0.39
C MET A 22 -6.58 0.11 1.75
N ASP A 23 -7.38 -0.95 1.69
CA ASP A 23 -7.84 -1.59 2.91
C ASP A 23 -6.64 -2.06 3.72
N ASP A 24 -5.71 -2.70 3.03
CA ASP A 24 -4.50 -3.20 3.67
C ASP A 24 -3.79 -2.04 4.38
N PHE A 25 -3.57 -0.98 3.62
CA PHE A 25 -2.90 0.20 4.16
C PHE A 25 -3.68 0.78 5.34
N LYS A 26 -5.00 0.79 5.19
CA LYS A 26 -5.87 1.31 6.24
C LYS A 26 -5.58 0.57 7.54
N THR A 27 -5.37 -0.72 7.42
CA THR A 27 -5.10 -1.56 8.58
C THR A 27 -3.63 -1.44 8.98
N MET A 28 -2.78 -1.33 7.97
CA MET A 28 -1.34 -1.21 8.20
C MET A 28 -1.01 0.10 8.92
N PHE A 29 -1.58 1.18 8.41
CA PHE A 29 -1.35 2.48 8.99
C PHE A 29 -2.68 3.22 9.21
N PRO A 30 -3.14 3.20 10.49
CA PRO A 30 -4.39 3.87 10.84
C PRO A 30 -4.21 5.38 10.90
N ASN A 31 -3.04 5.79 11.36
CA ASN A 31 -2.72 7.20 11.48
C ASN A 31 -2.73 7.83 10.08
N MET A 32 -2.40 7.01 9.10
CA MET A 32 -2.36 7.47 7.72
C MET A 32 -3.72 8.01 7.28
N ASP A 33 -3.71 8.70 6.16
CA ASP A 33 -4.93 9.26 5.61
C ASP A 33 -5.19 8.70 4.22
N TYR A 34 -6.45 8.39 3.96
CA TYR A 34 -6.83 7.83 2.67
C TYR A 34 -6.23 8.64 1.52
N ASP A 35 -6.03 9.93 1.78
CA ASP A 35 -5.46 10.81 0.78
C ASP A 35 -3.95 10.58 0.71
N ILE A 36 -3.36 10.37 1.87
CA ILE A 36 -1.92 10.13 1.95
C ILE A 36 -1.61 8.76 1.36
N ILE A 37 -2.23 7.74 1.96
CA ILE A 37 -2.03 6.38 1.51
C ILE A 37 -1.97 6.34 -0.02
N GLU A 38 -3.06 6.77 -0.64
CA GLU A 38 -3.15 6.79 -2.08
C GLU A 38 -2.01 7.64 -2.66
N CYS A 39 -1.79 8.78 -2.05
CA CYS A 39 -0.74 9.69 -2.48
C CYS A 39 0.50 8.86 -2.81
N VAL A 40 0.87 8.01 -1.85
CA VAL A 40 2.04 7.16 -2.02
C VAL A 40 1.81 6.22 -3.20
N LEU A 41 0.65 5.57 -3.19
CA LEU A 41 0.30 4.64 -4.25
C LEU A 41 0.65 5.26 -5.60
N ARG A 42 0.17 6.48 -5.79
CA ARG A 42 0.42 7.20 -7.04
C ARG A 42 1.87 7.71 -7.07
N ALA A 43 2.25 8.37 -5.99
CA ALA A 43 3.60 8.91 -5.89
C ALA A 43 4.61 7.85 -6.32
N ASN A 44 4.26 6.61 -6.05
CA ASN A 44 5.12 5.49 -6.41
C ASN A 44 4.68 4.92 -7.76
N SER A 45 3.40 5.10 -8.05
CA SER A 45 2.84 4.61 -9.30
C SER A 45 2.43 3.14 -9.15
N GLY A 46 1.25 2.94 -8.58
CA GLY A 46 0.74 1.60 -8.38
C GLY A 46 1.86 0.64 -7.98
N ALA A 47 2.20 0.68 -6.70
CA ALA A 47 3.25 -0.17 -6.18
C ALA A 47 3.07 -0.34 -4.67
N VAL A 48 2.46 -1.45 -4.30
CA VAL A 48 2.22 -1.73 -2.89
C VAL A 48 3.56 -1.98 -2.19
N ASP A 49 4.28 -2.97 -2.69
CA ASP A 49 5.57 -3.32 -2.12
C ASP A 49 6.33 -2.03 -1.77
N ALA A 50 6.29 -1.10 -2.71
CA ALA A 50 6.97 0.18 -2.53
C ALA A 50 6.14 1.05 -1.58
N THR A 51 4.91 1.31 -2.00
CA THR A 51 4.01 2.14 -1.22
C THR A 51 4.07 1.75 0.26
N ILE A 52 4.40 0.48 0.48
CA ILE A 52 4.51 -0.04 1.84
C ILE A 52 5.71 0.59 2.53
N ASP A 53 6.89 0.21 2.07
CA ASP A 53 8.13 0.72 2.64
C ASP A 53 7.97 2.22 2.92
N GLN A 54 7.27 2.88 2.01
CA GLN A 54 7.03 4.31 2.15
C GLN A 54 6.38 4.62 3.51
N LEU A 55 5.12 4.23 3.62
CA LEU A 55 4.38 4.45 4.84
C LEU A 55 5.16 3.87 6.02
N LEU A 56 5.87 2.79 5.75
CA LEU A 56 6.66 2.13 6.77
C LEU A 56 7.59 3.16 7.42
N GLN A 57 8.57 3.59 6.65
CA GLN A 57 9.54 4.56 7.13
C GLN A 57 8.82 5.74 7.78
N MET A 58 7.69 6.11 7.19
CA MET A 58 6.90 7.21 7.70
C MET A 58 6.39 6.91 9.12
N ASN A 59 5.66 5.82 9.23
CA ASN A 59 5.11 5.41 10.51
C ASN A 59 6.25 5.04 11.46
N LEU A 60 7.34 4.56 10.85
CA LEU A 60 8.50 4.16 11.62
C LEU A 60 8.77 5.20 12.71
N GLU A 61 9.05 6.42 12.25
CA GLU A 61 9.33 7.51 13.18
C GLU A 61 10.46 7.13 14.13
N SER A 62 11.66 7.59 13.81
CA SER A 62 12.82 7.30 14.63
C SER A 62 12.77 8.12 15.91
N GLY A 63 13.52 7.65 16.90
CA GLY A 63 13.57 8.33 18.19
C GLY A 63 12.62 7.66 19.19
N PRO A 64 12.03 8.51 20.07
CA PRO A 64 11.10 8.02 21.07
C PRO A 64 9.75 7.66 20.45
N SER A 65 8.89 7.10 21.28
CA SER A 65 7.57 6.71 20.82
C SER A 65 6.49 7.36 21.69
N SER A 66 5.39 7.70 21.06
CA SER A 66 4.29 8.33 21.77
C SER A 66 3.02 8.29 20.92
N GLY A 67 1.88 8.35 21.59
CA GLY A 67 0.59 8.32 20.90
C GLY A 67 0.43 7.01 20.13
N GLY A 1 -21.13 -9.67 1.02
CA GLY A 1 -20.42 -10.77 0.38
C GLY A 1 -20.89 -10.96 -1.06
N SER A 2 -21.25 -12.20 -1.37
CA SER A 2 -21.73 -12.53 -2.71
C SER A 2 -22.65 -13.74 -2.65
N SER A 3 -23.93 -13.49 -2.90
CA SER A 3 -24.93 -14.54 -2.89
C SER A 3 -24.42 -15.74 -3.70
N GLY A 4 -24.77 -16.93 -3.21
CA GLY A 4 -24.37 -18.15 -3.88
C GLY A 4 -25.29 -18.46 -5.06
N SER A 5 -24.66 -18.87 -6.16
CA SER A 5 -25.40 -19.20 -7.37
C SER A 5 -24.65 -20.27 -8.17
N SER A 6 -25.06 -21.51 -7.95
CA SER A 6 -24.44 -22.63 -8.64
C SER A 6 -24.76 -22.56 -10.13
N GLY A 7 -23.74 -22.27 -10.92
CA GLY A 7 -23.90 -22.18 -12.36
C GLY A 7 -22.76 -21.37 -12.98
N ARG A 8 -21.99 -22.04 -13.83
CA ARG A 8 -20.87 -21.40 -14.49
C ARG A 8 -19.90 -20.81 -13.47
N PRO A 9 -18.65 -20.55 -13.95
CA PRO A 9 -17.63 -20.00 -13.07
C PRO A 9 -17.87 -18.51 -12.81
N ALA A 10 -18.26 -18.22 -11.58
CA ALA A 10 -18.54 -16.84 -11.18
C ALA A 10 -17.23 -16.16 -10.79
N ARG A 11 -17.19 -14.86 -10.99
CA ARG A 11 -16.01 -14.08 -10.66
C ARG A 11 -16.22 -12.61 -11.04
N GLN A 12 -15.90 -11.74 -10.09
CA GLN A 12 -16.04 -10.31 -10.33
C GLN A 12 -14.80 -9.76 -11.03
N VAL A 13 -14.83 -9.82 -12.36
CA VAL A 13 -13.72 -9.33 -13.15
C VAL A 13 -13.70 -7.80 -13.11
N ARG A 14 -12.57 -7.27 -12.65
CA ARG A 14 -12.41 -5.83 -12.56
C ARG A 14 -10.93 -5.45 -12.55
N ARG A 15 -10.60 -4.43 -13.33
CA ARG A 15 -9.23 -3.97 -13.42
C ARG A 15 -8.72 -3.55 -12.04
N LEU A 16 -7.60 -4.14 -11.65
CA LEU A 16 -7.00 -3.83 -10.36
C LEU A 16 -8.07 -3.93 -9.27
N GLU A 17 -7.66 -3.63 -8.06
CA GLU A 17 -8.56 -3.67 -6.92
C GLU A 17 -8.70 -2.28 -6.30
N PHE A 18 -7.57 -1.64 -6.09
CA PHE A 18 -7.55 -0.32 -5.51
C PHE A 18 -8.25 -0.31 -4.14
N ASN A 19 -9.57 -0.20 -4.18
CA ASN A 19 -10.35 -0.18 -2.96
C ASN A 19 -9.77 -1.18 -1.96
N GLN A 20 -9.68 -2.43 -2.41
CA GLN A 20 -9.13 -3.48 -1.57
C GLN A 20 -7.75 -3.08 -1.03
N ALA A 21 -6.95 -2.54 -1.93
CA ALA A 21 -5.61 -2.11 -1.56
C ALA A 21 -5.70 -1.14 -0.39
N MET A 22 -6.61 -0.19 -0.51
CA MET A 22 -6.80 0.81 0.53
C MET A 22 -7.10 0.15 1.88
N ASP A 23 -7.94 -0.87 1.83
CA ASP A 23 -8.31 -1.59 3.03
C ASP A 23 -7.05 -2.15 3.70
N ASP A 24 -6.22 -2.78 2.89
CA ASP A 24 -4.97 -3.35 3.39
C ASP A 24 -4.18 -2.27 4.13
N PHE A 25 -3.99 -1.15 3.46
CA PHE A 25 -3.26 -0.04 4.04
C PHE A 25 -3.97 0.48 5.29
N LYS A 26 -5.29 0.52 5.22
CA LYS A 26 -6.09 1.00 6.33
C LYS A 26 -5.78 0.17 7.57
N THR A 27 -5.70 -1.15 7.37
CA THR A 27 -5.41 -2.06 8.46
C THR A 27 -3.92 -2.00 8.82
N MET A 28 -3.10 -1.85 7.79
CA MET A 28 -1.67 -1.78 7.97
C MET A 28 -1.28 -0.53 8.77
N PHE A 29 -1.83 0.60 8.35
CA PHE A 29 -1.55 1.85 9.01
C PHE A 29 -2.84 2.63 9.31
N PRO A 30 -3.29 2.53 10.59
CA PRO A 30 -4.50 3.20 11.02
C PRO A 30 -4.27 4.71 11.17
N ASN A 31 -3.00 5.07 11.31
CA ASN A 31 -2.64 6.47 11.47
C ASN A 31 -2.57 7.12 10.09
N MET A 32 -2.46 6.29 9.08
CA MET A 32 -2.38 6.77 7.70
C MET A 32 -3.73 7.33 7.25
N ASP A 33 -3.68 8.11 6.18
CA ASP A 33 -4.88 8.71 5.63
C ASP A 33 -5.10 8.20 4.20
N TYR A 34 -6.36 8.18 3.81
CA TYR A 34 -6.72 7.72 2.47
C TYR A 34 -6.10 8.61 1.40
N ASP A 35 -5.79 9.84 1.80
CA ASP A 35 -5.20 10.80 0.89
C ASP A 35 -3.69 10.58 0.83
N ILE A 36 -3.15 10.16 1.97
CA ILE A 36 -1.72 9.91 2.06
C ILE A 36 -1.40 8.54 1.47
N ILE A 37 -2.14 7.54 1.93
CA ILE A 37 -1.94 6.18 1.46
C ILE A 37 -1.92 6.18 -0.07
N GLU A 38 -2.94 6.81 -0.64
CA GLU A 38 -3.05 6.89 -2.09
C GLU A 38 -1.91 7.73 -2.66
N CYS A 39 -1.69 8.88 -2.03
CA CYS A 39 -0.64 9.78 -2.47
C CYS A 39 0.60 8.95 -2.81
N VAL A 40 1.00 8.12 -1.86
CA VAL A 40 2.16 7.26 -2.06
C VAL A 40 1.90 6.32 -3.24
N LEU A 41 0.75 5.68 -3.20
CA LEU A 41 0.37 4.75 -4.26
C LEU A 41 0.67 5.38 -5.62
N ARG A 42 0.16 6.59 -5.81
CA ARG A 42 0.37 7.31 -7.05
C ARG A 42 1.81 7.82 -7.13
N ALA A 43 2.26 8.40 -6.04
CA ALA A 43 3.61 8.94 -5.98
C ALA A 43 4.59 7.86 -6.43
N ASN A 44 4.30 6.63 -6.04
CA ASN A 44 5.15 5.51 -6.40
C ASN A 44 4.68 4.93 -7.73
N SER A 45 3.42 5.18 -8.05
CA SER A 45 2.85 4.70 -9.29
C SER A 45 2.45 3.22 -9.14
N GLY A 46 1.25 3.01 -8.61
CA GLY A 46 0.75 1.67 -8.41
C GLY A 46 1.86 0.73 -7.97
N ALA A 47 2.10 0.72 -6.66
CA ALA A 47 3.15 -0.13 -6.11
C ALA A 47 2.95 -0.25 -4.59
N VAL A 48 2.28 -1.32 -4.19
CA VAL A 48 2.01 -1.56 -2.79
C VAL A 48 3.33 -1.85 -2.07
N ASP A 49 3.98 -2.92 -2.51
CA ASP A 49 5.24 -3.33 -1.92
C ASP A 49 6.09 -2.08 -1.64
N ALA A 50 6.06 -1.15 -2.58
CA ALA A 50 6.80 0.08 -2.44
C ALA A 50 6.04 1.04 -1.52
N THR A 51 4.81 1.33 -1.91
CA THR A 51 3.97 2.23 -1.13
C THR A 51 4.02 1.85 0.35
N ILE A 52 4.35 0.61 0.60
CA ILE A 52 4.44 0.12 1.97
C ILE A 52 5.69 0.70 2.63
N ASP A 53 6.84 0.27 2.14
CA ASP A 53 8.10 0.74 2.67
C ASP A 53 8.00 2.24 2.96
N GLN A 54 7.35 2.95 2.05
CA GLN A 54 7.18 4.38 2.19
C GLN A 54 6.57 4.71 3.56
N LEU A 55 5.32 4.32 3.72
CA LEU A 55 4.61 4.56 4.96
C LEU A 55 5.42 3.98 6.12
N LEU A 56 6.00 2.82 5.87
CA LEU A 56 6.80 2.15 6.88
C LEU A 56 7.75 3.16 7.53
N GLN A 57 8.65 3.69 6.72
CA GLN A 57 9.61 4.66 7.20
C GLN A 57 8.89 5.84 7.88
N MET A 58 8.02 6.47 7.10
CA MET A 58 7.27 7.60 7.61
C MET A 58 6.76 7.33 9.03
N ASN A 59 6.03 6.23 9.16
CA ASN A 59 5.49 5.84 10.46
C ASN A 59 6.64 5.58 11.43
N LEU A 60 7.66 4.91 10.93
CA LEU A 60 8.82 4.59 11.74
C LEU A 60 9.35 5.87 12.40
N GLU A 61 9.88 6.75 11.57
CA GLU A 61 10.42 8.01 12.05
C GLU A 61 11.64 7.76 12.93
N SER A 62 12.68 7.22 12.31
CA SER A 62 13.91 6.92 13.03
C SER A 62 13.69 5.76 13.99
N GLY A 63 14.33 4.65 13.68
CA GLY A 63 14.21 3.45 14.51
C GLY A 63 15.20 2.38 14.06
N PRO A 64 15.52 1.46 15.01
CA PRO A 64 16.44 0.37 14.73
C PRO A 64 15.77 -0.71 13.86
N SER A 65 16.60 -1.53 13.25
CA SER A 65 16.12 -2.60 12.40
C SER A 65 16.66 -3.95 12.89
N SER A 66 15.80 -4.96 12.78
CA SER A 66 16.18 -6.29 13.21
C SER A 66 16.07 -7.26 12.03
N GLY A 67 14.87 -7.35 11.48
CA GLY A 67 14.61 -8.24 10.36
C GLY A 67 15.57 -7.94 9.21
N GLY A 1 -20.62 -14.74 9.40
CA GLY A 1 -21.75 -15.30 10.14
C GLY A 1 -21.51 -16.79 10.43
N SER A 2 -22.19 -17.62 9.66
CA SER A 2 -22.06 -19.06 9.83
C SER A 2 -22.41 -19.77 8.53
N SER A 3 -23.62 -19.51 8.05
CA SER A 3 -24.09 -20.12 6.81
C SER A 3 -23.05 -19.92 5.71
N GLY A 4 -23.29 -20.58 4.59
CA GLY A 4 -22.39 -20.49 3.45
C GLY A 4 -22.37 -21.80 2.66
N SER A 5 -22.83 -21.71 1.42
CA SER A 5 -22.87 -22.87 0.56
C SER A 5 -21.76 -22.78 -0.50
N SER A 6 -20.64 -23.41 -0.20
CA SER A 6 -19.50 -23.40 -1.11
C SER A 6 -18.38 -24.27 -0.55
N GLY A 7 -18.40 -25.54 -0.92
CA GLY A 7 -17.39 -26.48 -0.46
C GLY A 7 -15.98 -25.98 -0.82
N ARG A 8 -14.99 -26.62 -0.20
CA ARG A 8 -13.61 -26.26 -0.44
C ARG A 8 -13.38 -24.79 -0.08
N PRO A 9 -12.09 -24.48 0.21
CA PRO A 9 -11.72 -23.11 0.57
C PRO A 9 -11.69 -22.20 -0.66
N ALA A 10 -12.88 -21.93 -1.16
CA ALA A 10 -13.02 -21.08 -2.34
C ALA A 10 -13.90 -19.87 -2.00
N ARG A 11 -13.24 -18.76 -1.72
CA ARG A 11 -13.95 -17.53 -1.38
C ARG A 11 -13.14 -16.31 -1.83
N GLN A 12 -13.54 -15.78 -2.99
CA GLN A 12 -12.86 -14.62 -3.53
C GLN A 12 -11.35 -14.83 -3.54
N VAL A 13 -10.92 -15.71 -4.44
CA VAL A 13 -9.50 -16.01 -4.56
C VAL A 13 -8.95 -15.32 -5.81
N ARG A 14 -7.69 -14.91 -5.72
CA ARG A 14 -7.03 -14.25 -6.82
C ARG A 14 -7.90 -13.09 -7.33
N ARG A 15 -7.68 -11.92 -6.75
CA ARG A 15 -8.44 -10.74 -7.13
C ARG A 15 -7.89 -9.51 -6.42
N LEU A 16 -7.66 -8.47 -7.20
CA LEU A 16 -7.13 -7.22 -6.66
C LEU A 16 -7.31 -6.11 -7.69
N GLU A 17 -7.79 -4.97 -7.21
CA GLU A 17 -8.00 -3.82 -8.08
C GLU A 17 -7.39 -2.57 -7.46
N PHE A 18 -7.93 -2.18 -6.31
CA PHE A 18 -7.45 -1.01 -5.60
C PHE A 18 -8.19 -0.82 -4.28
N ASN A 19 -9.51 -0.85 -4.37
CA ASN A 19 -10.33 -0.69 -3.19
C ASN A 19 -9.75 -1.49 -2.04
N GLN A 20 -9.66 -2.80 -2.25
CA GLN A 20 -9.12 -3.69 -1.23
C GLN A 20 -7.74 -3.20 -0.79
N ALA A 21 -6.91 -2.87 -1.76
CA ALA A 21 -5.57 -2.39 -1.48
C ALA A 21 -5.62 -1.42 -0.30
N MET A 22 -6.34 -0.33 -0.50
CA MET A 22 -6.47 0.68 0.53
C MET A 22 -6.77 0.04 1.89
N ASP A 23 -7.83 -0.75 1.90
CA ASP A 23 -8.24 -1.43 3.13
C ASP A 23 -7.01 -2.02 3.81
N ASP A 24 -6.19 -2.71 3.02
CA ASP A 24 -4.99 -3.32 3.54
C ASP A 24 -4.16 -2.27 4.28
N PHE A 25 -3.90 -1.17 3.58
CA PHE A 25 -3.13 -0.09 4.16
C PHE A 25 -3.80 0.45 5.42
N LYS A 26 -5.12 0.49 5.38
CA LYS A 26 -5.89 0.98 6.51
C LYS A 26 -5.50 0.20 7.77
N THR A 27 -5.56 -1.12 7.65
CA THR A 27 -5.22 -1.98 8.76
C THR A 27 -3.72 -1.86 9.09
N MET A 28 -2.92 -1.80 8.04
CA MET A 28 -1.49 -1.69 8.20
C MET A 28 -1.12 -0.38 8.91
N PHE A 29 -1.71 0.71 8.42
CA PHE A 29 -1.45 2.02 8.99
C PHE A 29 -2.75 2.81 9.14
N PRO A 30 -3.26 2.84 10.40
CA PRO A 30 -4.49 3.55 10.69
C PRO A 30 -4.26 5.06 10.73
N ASN A 31 -3.08 5.43 11.23
CA ASN A 31 -2.72 6.83 11.33
C ASN A 31 -2.67 7.44 9.93
N MET A 32 -2.49 6.57 8.95
CA MET A 32 -2.42 6.99 7.56
C MET A 32 -3.79 7.44 7.05
N ASP A 33 -3.77 8.32 6.07
CA ASP A 33 -5.01 8.82 5.49
C ASP A 33 -5.14 8.31 4.05
N TYR A 34 -6.37 8.19 3.61
CA TYR A 34 -6.65 7.71 2.26
C TYR A 34 -5.93 8.57 1.22
N ASP A 35 -5.85 9.86 1.51
CA ASP A 35 -5.20 10.80 0.61
C ASP A 35 -3.69 10.56 0.65
N ILE A 36 -3.22 10.13 1.81
CA ILE A 36 -1.80 9.86 2.00
C ILE A 36 -1.46 8.50 1.39
N ILE A 37 -2.23 7.49 1.79
CA ILE A 37 -2.02 6.15 1.29
C ILE A 37 -2.01 6.16 -0.23
N GLU A 38 -3.02 6.81 -0.79
CA GLU A 38 -3.14 6.91 -2.24
C GLU A 38 -2.02 7.78 -2.80
N CYS A 39 -1.76 8.88 -2.11
CA CYS A 39 -0.71 9.80 -2.54
C CYS A 39 0.53 8.98 -2.88
N VAL A 40 0.96 8.17 -1.93
CA VAL A 40 2.13 7.33 -2.12
C VAL A 40 1.90 6.40 -3.32
N LEU A 41 0.75 5.74 -3.29
CA LEU A 41 0.39 4.82 -4.36
C LEU A 41 0.73 5.46 -5.71
N ARG A 42 0.18 6.65 -5.91
CA ARG A 42 0.41 7.38 -7.15
C ARG A 42 1.86 7.90 -7.20
N ALA A 43 2.27 8.48 -6.08
CA ALA A 43 3.62 9.03 -5.99
C ALA A 43 4.63 7.98 -6.46
N ASN A 44 4.42 6.75 -5.99
CA ASN A 44 5.30 5.66 -6.35
C ASN A 44 4.87 5.09 -7.71
N SER A 45 3.61 5.35 -8.06
CA SER A 45 3.08 4.88 -9.32
C SER A 45 2.63 3.43 -9.19
N GLY A 46 1.44 3.24 -8.63
CA GLY A 46 0.89 1.91 -8.45
C GLY A 46 1.99 0.92 -8.06
N ALA A 47 2.26 0.88 -6.75
CA ALA A 47 3.29 -0.02 -6.23
C ALA A 47 3.09 -0.18 -4.73
N VAL A 48 2.35 -1.23 -4.37
CA VAL A 48 2.08 -1.51 -2.97
C VAL A 48 3.40 -1.80 -2.25
N ASP A 49 4.08 -2.84 -2.73
CA ASP A 49 5.35 -3.23 -2.13
C ASP A 49 6.16 -1.97 -1.79
N ALA A 50 6.04 -0.98 -2.66
CA ALA A 50 6.75 0.27 -2.45
C ALA A 50 5.96 1.16 -1.48
N THR A 51 4.70 1.39 -1.84
CA THR A 51 3.82 2.20 -1.02
C THR A 51 3.92 1.78 0.45
N ILE A 52 4.32 0.54 0.64
CA ILE A 52 4.45 -0.01 1.99
C ILE A 52 5.70 0.58 2.65
N ASP A 53 6.85 0.13 2.14
CA ASP A 53 8.13 0.60 2.67
C ASP A 53 8.03 2.10 2.95
N GLN A 54 7.41 2.81 2.02
CA GLN A 54 7.25 4.25 2.16
C GLN A 54 6.60 4.58 3.50
N LEU A 55 5.31 4.25 3.59
CA LEU A 55 4.56 4.52 4.80
C LEU A 55 5.29 3.89 6.00
N LEU A 56 5.90 2.75 5.73
CA LEU A 56 6.64 2.04 6.77
C LEU A 56 7.54 3.02 7.53
N GLN A 57 8.35 3.73 6.76
CA GLN A 57 9.26 4.71 7.34
C GLN A 57 8.46 5.84 8.00
N MET A 58 7.59 6.45 7.21
CA MET A 58 6.77 7.54 7.70
C MET A 58 6.32 7.28 9.14
N ASN A 59 6.04 6.03 9.42
CA ASN A 59 5.60 5.64 10.75
C ASN A 59 6.82 5.38 11.63
N LEU A 60 7.81 4.71 11.06
CA LEU A 60 9.04 4.40 11.78
C LEU A 60 9.65 5.69 12.30
N GLU A 61 9.83 6.63 11.39
CA GLU A 61 10.41 7.93 11.75
C GLU A 61 9.32 8.88 12.21
N SER A 62 8.82 8.62 13.42
CA SER A 62 7.78 9.46 14.00
C SER A 62 7.46 8.99 15.41
N GLY A 63 7.02 7.75 15.51
CA GLY A 63 6.68 7.17 16.79
C GLY A 63 7.00 5.67 16.83
N PRO A 64 6.93 5.09 18.05
CA PRO A 64 7.20 3.68 18.23
C PRO A 64 6.05 2.82 17.71
N SER A 65 4.83 3.26 18.02
CA SER A 65 3.64 2.55 17.58
C SER A 65 3.62 1.15 18.21
N SER A 66 2.42 0.59 18.27
CA SER A 66 2.25 -0.73 18.84
C SER A 66 1.53 -1.65 17.83
N GLY A 67 2.04 -2.87 17.73
CA GLY A 67 1.46 -3.84 16.81
C GLY A 67 2.53 -4.41 15.88
#